data_1KH2
#
_entry.id   1KH2
#
_cell.length_a   228.91
_cell.length_b   228.91
_cell.length_c   161.68
_cell.angle_alpha   90
_cell.angle_beta   90
_cell.angle_gamma   120
#
_symmetry.space_group_name_H-M   'H 3'
#
loop_
_entity.id
_entity.type
_entity.pdbx_description
1 polymer 'Argininosuccinate Synthetase'
2 non-polymer "ADENOSINE-5'-TRIPHOSPHATE"
3 water water
#
_entity_poly.entity_id   1
_entity_poly.type   'polypeptide(L)'
_entity_poly.pdbx_seq_one_letter_code
;MKIVLAYSGGLDTSIILKWLKETYRAEVIAFTADIGQGEEVEEAREKALRTGASKAIALDLKEEFVRDFVFPMMRAGAVY
EGYYLLGTSIARPLIAKHLVRIAEEEGAEAIAHGATGKGNDQVRFELTAYALKPDIKVIAPWREWSFQGRKEMIAYAEAH
GIPVPVTQEKPYSMDANLLHISYEGGVLEDPWAEPPKGMFRMTQDPEEAPDAPEYVEVEFFEGDPVAVNGERLSPAALLQ
RLNEIGGRHGVGRVDIVENRFVGMKSRGVYETPGGTILYHARRAVESLTLDREVLHQRDMLSPKYAELVYYGFWYAPERE
ALQAYFDHVARSVTGVARLKLYKGNVYVVGRKAPKSLYRQDLVSFDEAGGYDQKDAEGFIKIQALRLRVRALVEREGHGA
;
_entity_poly.pdbx_strand_id   A,B,C,D
#
loop_
_chem_comp.id
_chem_comp.type
_chem_comp.name
_chem_comp.formula
ATP non-polymer ADENOSINE-5'-TRIPHOSPHATE 'C10 H16 N5 O13 P3'
#
# COMPACT_ATOMS: atom_id res chain seq x y z
N MET A 1 -35.48 -5.99 -34.14
CA MET A 1 -34.35 -6.02 -33.16
C MET A 1 -32.99 -6.14 -33.85
N LYS A 2 -32.07 -5.26 -33.46
CA LYS A 2 -30.72 -5.28 -34.02
C LYS A 2 -29.73 -5.70 -32.94
N ILE A 3 -28.63 -6.30 -33.35
CA ILE A 3 -27.60 -6.73 -32.40
C ILE A 3 -26.25 -6.47 -33.05
N VAL A 4 -25.35 -5.84 -32.31
CA VAL A 4 -24.01 -5.56 -32.82
C VAL A 4 -23.12 -6.67 -32.29
N LEU A 5 -22.50 -7.40 -33.22
CA LEU A 5 -21.65 -8.52 -32.86
C LEU A 5 -20.17 -8.25 -33.07
N ALA A 6 -19.37 -8.58 -32.06
CA ALA A 6 -17.93 -8.40 -32.17
C ALA A 6 -17.57 -9.61 -33.03
N TYR A 7 -17.38 -9.35 -34.32
CA TYR A 7 -17.08 -10.40 -35.28
C TYR A 7 -15.62 -10.35 -35.72
N SER A 8 -14.91 -11.45 -35.51
CA SER A 8 -13.51 -11.51 -35.90
C SER A 8 -13.32 -12.29 -37.21
N GLY A 9 -14.37 -13.00 -37.66
CA GLY A 9 -14.27 -13.74 -38.91
C GLY A 9 -14.00 -15.23 -38.77
N GLY A 10 -13.72 -15.68 -37.56
CA GLY A 10 -13.45 -17.09 -37.33
C GLY A 10 -14.67 -17.97 -37.47
N LEU A 11 -14.53 -19.23 -37.07
CA LEU A 11 -15.63 -20.19 -37.14
C LEU A 11 -16.70 -19.86 -36.12
N ASP A 12 -16.29 -19.71 -34.88
CA ASP A 12 -17.22 -19.44 -33.80
C ASP A 12 -18.09 -18.20 -33.95
N THR A 13 -17.48 -17.05 -34.23
CA THR A 13 -18.28 -15.86 -34.40
C THR A 13 -19.18 -15.93 -35.64
N SER A 14 -18.81 -16.79 -36.58
CA SER A 14 -19.64 -16.96 -37.79
C SER A 14 -20.84 -17.79 -37.37
N ILE A 15 -20.58 -18.82 -36.59
CA ILE A 15 -21.64 -19.68 -36.08
C ILE A 15 -22.57 -18.81 -35.22
N ILE A 16 -21.98 -17.97 -34.39
CA ILE A 16 -22.73 -17.07 -33.52
C ILE A 16 -23.60 -16.11 -34.32
N LEU A 17 -23.05 -15.61 -35.42
CA LEU A 17 -23.79 -14.68 -36.24
C LEU A 17 -25.07 -15.37 -36.73
N LYS A 18 -24.96 -16.65 -37.10
CA LYS A 18 -26.14 -17.38 -37.55
C LYS A 18 -27.10 -17.60 -36.39
N TRP A 19 -26.55 -18.11 -35.30
CA TRP A 19 -27.31 -18.39 -34.08
C TRP A 19 -28.11 -17.17 -33.61
N LEU A 20 -27.51 -15.99 -33.67
CA LEU A 20 -28.19 -14.77 -33.23
C LEU A 20 -29.39 -14.44 -34.13
N LYS A 21 -29.24 -14.62 -35.43
CA LYS A 21 -30.32 -14.33 -36.38
C LYS A 21 -31.48 -15.28 -36.07
N GLU A 22 -31.13 -16.54 -35.94
CA GLU A 22 -32.05 -17.63 -35.66
C GLU A 22 -32.72 -17.51 -34.29
N THR A 23 -31.88 -17.41 -33.26
CA THR A 23 -32.34 -17.32 -31.87
C THR A 23 -33.08 -16.04 -31.49
N TYR A 24 -32.61 -14.88 -31.95
CA TYR A 24 -33.27 -13.64 -31.60
C TYR A 24 -34.06 -13.03 -32.75
N ARG A 25 -34.02 -13.70 -33.90
CA ARG A 25 -34.76 -13.22 -35.06
C ARG A 25 -34.42 -11.77 -35.24
N ALA A 26 -33.16 -11.46 -34.99
CA ALA A 26 -32.69 -10.10 -35.10
C ALA A 26 -31.81 -9.86 -36.30
N GLU A 27 -31.63 -8.58 -36.58
CA GLU A 27 -30.78 -8.12 -37.66
C GLU A 27 -29.39 -8.04 -36.99
N VAL A 28 -28.39 -8.70 -37.58
CA VAL A 28 -27.06 -8.67 -36.99
C VAL A 28 -26.05 -7.82 -37.76
N ILE A 29 -25.46 -6.86 -37.05
CA ILE A 29 -24.47 -5.96 -37.60
C ILE A 29 -23.10 -6.39 -37.09
N ALA A 30 -22.24 -6.83 -38.00
CA ALA A 30 -20.90 -7.30 -37.64
C ALA A 30 -19.88 -6.17 -37.51
N PHE A 31 -19.04 -6.27 -36.48
CA PHE A 31 -17.99 -5.29 -36.28
C PHE A 31 -16.67 -6.00 -36.10
N THR A 32 -15.74 -5.69 -37.00
CA THR A 32 -14.42 -6.28 -36.94
C THR A 32 -13.44 -5.15 -36.76
N ALA A 33 -12.59 -5.27 -35.74
CA ALA A 33 -11.61 -4.24 -35.50
C ALA A 33 -10.22 -4.71 -35.87
N ASP A 34 -9.43 -3.82 -36.47
CA ASP A 34 -8.06 -4.15 -36.80
C ASP A 34 -7.21 -3.52 -35.71
N ILE A 35 -6.68 -4.36 -34.84
CA ILE A 35 -5.83 -3.89 -33.75
C ILE A 35 -4.45 -4.53 -33.87
N GLY A 36 -4.10 -4.94 -35.09
CA GLY A 36 -2.80 -5.55 -35.34
C GLY A 36 -2.76 -7.07 -35.34
N GLN A 37 -3.88 -7.72 -35.59
CA GLN A 37 -3.92 -9.19 -35.63
C GLN A 37 -3.16 -9.74 -36.82
N GLY A 38 -2.83 -8.87 -37.77
CA GLY A 38 -2.11 -9.34 -38.94
C GLY A 38 -2.98 -10.12 -39.93
N GLU A 39 -4.28 -9.80 -39.94
CA GLU A 39 -5.23 -10.45 -40.85
C GLU A 39 -5.90 -9.36 -41.68
N GLU A 40 -6.48 -9.72 -42.82
CA GLU A 40 -7.15 -8.72 -43.62
C GLU A 40 -8.57 -8.53 -43.13
N VAL A 41 -8.74 -7.56 -42.24
CA VAL A 41 -10.03 -7.26 -41.66
C VAL A 41 -11.13 -7.06 -42.70
N GLU A 42 -10.75 -6.71 -43.94
CA GLU A 42 -11.77 -6.53 -44.95
C GLU A 42 -12.36 -7.88 -45.37
N GLU A 43 -11.55 -8.93 -45.33
CA GLU A 43 -12.03 -10.26 -45.68
C GLU A 43 -13.09 -10.70 -44.66
N ALA A 44 -12.93 -10.29 -43.41
CA ALA A 44 -13.87 -10.63 -42.35
C ALA A 44 -15.17 -9.87 -42.54
N ARG A 45 -15.06 -8.59 -42.94
CA ARG A 45 -16.24 -7.78 -43.15
C ARG A 45 -17.10 -8.37 -44.27
N GLU A 46 -16.43 -8.93 -45.28
CA GLU A 46 -17.13 -9.53 -46.41
C GLU A 46 -17.75 -10.86 -46.00
N LYS A 47 -16.95 -11.70 -45.35
CA LYS A 47 -17.45 -12.98 -44.87
C LYS A 47 -18.66 -12.81 -43.96
N ALA A 48 -18.74 -11.69 -43.25
CA ALA A 48 -19.87 -11.45 -42.35
C ALA A 48 -21.12 -11.23 -43.18
N LEU A 49 -20.95 -10.53 -44.30
CA LEU A 49 -22.08 -10.28 -45.19
C LEU A 49 -22.49 -11.62 -45.82
N ARG A 50 -21.51 -12.46 -46.15
CA ARG A 50 -21.80 -13.77 -46.73
C ARG A 50 -22.51 -14.65 -45.71
N THR A 51 -22.13 -14.50 -44.44
CA THR A 51 -22.72 -15.30 -43.37
C THR A 51 -24.11 -14.83 -42.97
N GLY A 52 -24.53 -13.64 -43.41
CA GLY A 52 -25.86 -13.16 -43.07
C GLY A 52 -25.97 -11.81 -42.40
N ALA A 53 -24.85 -11.16 -42.11
CA ALA A 53 -24.91 -9.86 -41.46
C ALA A 53 -25.70 -8.87 -42.30
N SER A 54 -26.50 -8.03 -41.64
CA SER A 54 -27.28 -7.04 -42.35
C SER A 54 -26.37 -5.85 -42.64
N LYS A 55 -25.17 -5.89 -42.07
CA LYS A 55 -24.21 -4.82 -42.25
C LYS A 55 -22.92 -5.22 -41.59
N ALA A 56 -21.81 -4.95 -42.25
CA ALA A 56 -20.52 -5.30 -41.69
C ALA A 56 -19.63 -4.07 -41.62
N ILE A 57 -19.07 -3.81 -40.45
CA ILE A 57 -18.18 -2.67 -40.25
C ILE A 57 -16.79 -3.18 -39.88
N ALA A 58 -15.78 -2.53 -40.45
CA ALA A 58 -14.40 -2.88 -40.17
C ALA A 58 -13.65 -1.57 -40.02
N LEU A 59 -12.97 -1.41 -38.89
CA LEU A 59 -12.24 -0.18 -38.60
C LEU A 59 -10.79 -0.41 -38.23
N ASP A 60 -9.92 0.49 -38.66
CA ASP A 60 -8.51 0.40 -38.36
C ASP A 60 -8.36 1.11 -37.01
N LEU A 61 -8.20 0.33 -35.94
CA LEU A 61 -8.08 0.94 -34.62
C LEU A 61 -6.69 0.82 -34.01
N LYS A 62 -5.70 0.49 -34.82
CA LYS A 62 -4.33 0.35 -34.33
C LYS A 62 -3.77 1.60 -33.64
N GLU A 63 -3.98 2.77 -34.23
CA GLU A 63 -3.49 4.00 -33.63
C GLU A 63 -4.21 4.32 -32.33
N GLU A 64 -5.52 4.16 -32.31
CA GLU A 64 -6.29 4.43 -31.10
C GLU A 64 -5.84 3.49 -29.99
N PHE A 65 -5.74 2.20 -30.34
CA PHE A 65 -5.30 1.16 -29.43
C PHE A 65 -4.01 1.54 -28.70
N VAL A 66 -2.96 1.81 -29.47
CA VAL A 66 -1.67 2.16 -28.88
C VAL A 66 -1.71 3.48 -28.12
N ARG A 67 -2.27 4.51 -28.73
CA ARG A 67 -2.33 5.82 -28.10
C ARG A 67 -3.22 5.96 -26.87
N ASP A 68 -4.44 5.43 -26.93
CA ASP A 68 -5.36 5.55 -25.80
C ASP A 68 -5.46 4.37 -24.85
N PHE A 69 -4.77 3.28 -25.14
CA PHE A 69 -4.83 2.14 -24.25
C PHE A 69 -3.46 1.62 -23.85
N VAL A 70 -2.66 1.21 -24.83
CA VAL A 70 -1.33 0.69 -24.55
C VAL A 70 -0.41 1.72 -23.84
N PHE A 71 -0.30 2.93 -24.41
CA PHE A 71 0.57 3.97 -23.83
C PHE A 71 0.23 4.37 -22.39
N PRO A 72 -1.04 4.65 -22.11
CA PRO A 72 -1.45 5.03 -20.75
C PRO A 72 -1.12 3.91 -19.75
N MET A 73 -1.29 2.67 -20.18
CA MET A 73 -1.02 1.50 -19.35
C MET A 73 0.48 1.34 -19.09
N MET A 74 1.28 1.60 -20.12
CA MET A 74 2.71 1.49 -19.98
C MET A 74 3.27 2.57 -19.07
N ARG A 75 2.65 3.75 -19.10
CA ARG A 75 3.09 4.84 -18.24
C ARG A 75 3.03 4.42 -16.79
N ALA A 76 2.09 3.54 -16.47
CA ALA A 76 1.92 3.07 -15.12
C ALA A 76 2.92 1.97 -14.75
N GLY A 77 3.70 1.50 -15.72
CA GLY A 77 4.69 0.46 -15.47
C GLY A 77 3.99 -0.81 -15.04
N ALA A 78 2.80 -1.02 -15.60
CA ALA A 78 1.93 -2.17 -15.28
C ALA A 78 2.41 -3.56 -15.70
N VAL A 79 2.61 -4.41 -14.70
CA VAL A 79 3.00 -5.79 -14.94
C VAL A 79 2.16 -6.69 -14.04
N TYR A 80 1.49 -7.67 -14.64
CA TYR A 80 0.67 -8.57 -13.86
C TYR A 80 1.45 -9.80 -13.43
N GLU A 81 1.46 -10.03 -12.12
CA GLU A 81 2.12 -11.15 -11.48
C GLU A 81 3.56 -11.39 -11.98
N GLY A 82 4.37 -10.34 -11.87
CA GLY A 82 5.76 -10.43 -12.26
C GLY A 82 6.16 -10.44 -13.72
N TYR A 83 5.30 -10.90 -14.64
CA TYR A 83 5.71 -10.96 -16.04
C TYR A 83 4.73 -10.55 -17.13
N TYR A 84 3.45 -10.79 -16.93
CA TYR A 84 2.47 -10.46 -17.95
C TYR A 84 2.31 -8.98 -18.30
N LEU A 85 2.60 -8.64 -19.55
CA LEU A 85 2.49 -7.27 -20.01
C LEU A 85 1.09 -6.88 -20.46
N LEU A 86 0.12 -7.77 -20.18
CA LEU A 86 -1.30 -7.51 -20.44
C LEU A 86 -1.76 -7.25 -21.87
N GLY A 87 -1.16 -7.91 -22.86
CA GLY A 87 -1.55 -7.70 -24.24
C GLY A 87 -3.03 -7.86 -24.58
N THR A 88 -3.66 -8.89 -24.03
CA THR A 88 -5.08 -9.13 -24.30
C THR A 88 -6.00 -8.21 -23.49
N SER A 89 -5.65 -7.98 -22.24
CA SER A 89 -6.44 -7.13 -21.35
C SER A 89 -6.68 -5.70 -21.81
N ILE A 90 -5.64 -4.98 -22.24
CA ILE A 90 -5.85 -3.60 -22.69
C ILE A 90 -6.59 -3.49 -24.02
N ALA A 91 -6.69 -4.59 -24.76
CA ALA A 91 -7.35 -4.53 -26.05
C ALA A 91 -8.88 -4.64 -25.97
N ARG A 92 -9.37 -5.51 -25.10
CA ARG A 92 -10.81 -5.71 -24.95
C ARG A 92 -11.64 -4.43 -24.73
N PRO A 93 -11.19 -3.53 -23.83
CA PRO A 93 -11.93 -2.29 -23.57
C PRO A 93 -12.18 -1.48 -24.85
N LEU A 94 -11.25 -1.58 -25.80
CA LEU A 94 -11.35 -0.85 -27.06
C LEU A 94 -12.45 -1.43 -27.94
N ILE A 95 -12.44 -2.76 -28.11
CA ILE A 95 -13.46 -3.42 -28.92
C ILE A 95 -14.84 -3.09 -28.35
N ALA A 96 -15.03 -3.41 -27.08
CA ALA A 96 -16.30 -3.14 -26.40
C ALA A 96 -16.74 -1.68 -26.55
N LYS A 97 -15.80 -0.76 -26.43
CA LYS A 97 -16.11 0.66 -26.57
C LYS A 97 -16.77 0.93 -27.93
N HIS A 98 -16.23 0.33 -28.98
CA HIS A 98 -16.80 0.51 -30.31
C HIS A 98 -18.12 -0.23 -30.51
N LEU A 99 -18.28 -1.37 -29.87
CA LEU A 99 -19.52 -2.13 -30.00
C LEU A 99 -20.66 -1.29 -29.49
N VAL A 100 -20.45 -0.65 -28.34
CA VAL A 100 -21.46 0.20 -27.72
C VAL A 100 -21.73 1.44 -28.55
N ARG A 101 -20.67 2.02 -29.09
CA ARG A 101 -20.79 3.21 -29.93
C ARG A 101 -21.64 2.86 -31.17
N ILE A 102 -21.23 1.81 -31.87
CA ILE A 102 -21.95 1.37 -33.06
C ILE A 102 -23.41 1.03 -32.74
N ALA A 103 -23.63 0.32 -31.64
CA ALA A 103 -24.97 -0.06 -31.23
C ALA A 103 -25.83 1.19 -31.09
N GLU A 104 -25.25 2.27 -30.56
CA GLU A 104 -25.99 3.52 -30.39
C GLU A 104 -26.31 4.17 -31.73
N GLU A 105 -25.36 4.18 -32.64
CA GLU A 105 -25.55 4.78 -33.96
C GLU A 105 -26.58 4.00 -34.80
N GLU A 106 -26.51 2.68 -34.74
CA GLU A 106 -27.40 1.80 -35.50
C GLU A 106 -28.75 1.61 -34.83
N GLY A 107 -28.89 2.12 -33.62
CA GLY A 107 -30.15 1.97 -32.92
C GLY A 107 -30.38 0.52 -32.52
N ALA A 108 -29.30 -0.15 -32.11
CA ALA A 108 -29.35 -1.54 -31.70
C ALA A 108 -29.46 -1.62 -30.18
N GLU A 109 -30.37 -2.44 -29.68
CA GLU A 109 -30.54 -2.54 -28.25
C GLU A 109 -29.53 -3.46 -27.59
N ALA A 110 -28.90 -4.32 -28.38
CA ALA A 110 -27.93 -5.26 -27.81
C ALA A 110 -26.63 -5.45 -28.59
N ILE A 111 -25.62 -5.96 -27.90
CA ILE A 111 -24.32 -6.25 -28.50
C ILE A 111 -24.06 -7.70 -28.13
N ALA A 112 -23.12 -8.33 -28.83
CA ALA A 112 -22.78 -9.72 -28.56
C ALA A 112 -21.30 -9.98 -28.80
N HIS A 113 -20.78 -11.00 -28.13
CA HIS A 113 -19.39 -11.38 -28.28
C HIS A 113 -19.32 -12.88 -28.08
N GLY A 114 -18.29 -13.50 -28.67
CA GLY A 114 -18.10 -14.92 -28.55
C GLY A 114 -17.09 -15.38 -27.51
N ALA A 115 -16.89 -14.60 -26.45
CA ALA A 115 -15.95 -14.99 -25.39
C ALA A 115 -16.59 -16.17 -24.66
N THR A 116 -15.80 -17.15 -24.24
CA THR A 116 -16.35 -18.33 -23.58
C THR A 116 -17.01 -18.04 -22.22
N GLY A 117 -17.88 -18.96 -21.79
CA GLY A 117 -18.57 -18.79 -20.54
C GLY A 117 -17.79 -19.06 -19.26
N LYS A 118 -16.51 -19.37 -19.36
CA LYS A 118 -15.73 -19.67 -18.15
C LYS A 118 -14.46 -18.83 -18.01
N GLY A 119 -14.15 -18.03 -19.02
CA GLY A 119 -12.94 -17.24 -18.99
C GLY A 119 -13.11 -15.82 -18.49
N ASN A 120 -12.04 -15.05 -18.59
CA ASN A 120 -12.02 -13.66 -18.15
C ASN A 120 -12.48 -12.70 -19.24
N ASP A 121 -12.29 -13.09 -20.49
CA ASP A 121 -12.65 -12.22 -21.60
C ASP A 121 -14.05 -11.66 -21.53
N GLN A 122 -15.02 -12.51 -21.23
CA GLN A 122 -16.40 -12.09 -21.12
C GLN A 122 -16.53 -10.97 -20.09
N VAL A 123 -15.79 -11.08 -18.99
CA VAL A 123 -15.85 -10.06 -17.94
C VAL A 123 -15.31 -8.74 -18.49
N ARG A 124 -14.18 -8.81 -19.18
CA ARG A 124 -13.56 -7.61 -19.75
C ARG A 124 -14.53 -6.91 -20.71
N PHE A 125 -15.11 -7.67 -21.63
CA PHE A 125 -16.03 -7.09 -22.60
C PHE A 125 -17.21 -6.40 -21.95
N GLU A 126 -17.83 -7.11 -21.02
CA GLU A 126 -19.03 -6.63 -20.37
C GLU A 126 -18.83 -5.56 -19.32
N LEU A 127 -17.72 -5.62 -18.59
CA LEU A 127 -17.47 -4.59 -17.60
C LEU A 127 -17.41 -3.23 -18.30
N THR A 128 -16.71 -3.14 -19.43
CA THR A 128 -16.65 -1.85 -20.09
C THR A 128 -17.95 -1.55 -20.83
N ALA A 129 -18.64 -2.59 -21.31
CA ALA A 129 -19.90 -2.37 -22.01
C ALA A 129 -20.90 -1.74 -21.04
N TYR A 130 -20.99 -2.30 -19.84
CA TYR A 130 -21.91 -1.77 -18.84
C TYR A 130 -21.52 -0.40 -18.30
N ALA A 131 -20.22 -0.15 -18.19
CA ALA A 131 -19.73 1.12 -17.68
C ALA A 131 -19.97 2.26 -18.65
N LEU A 132 -19.93 1.97 -19.95
CA LEU A 132 -20.15 3.00 -20.98
C LEU A 132 -21.62 3.26 -21.29
N LYS A 133 -22.41 2.20 -21.27
CA LYS A 133 -23.85 2.29 -21.54
C LYS A 133 -24.54 1.29 -20.61
N PRO A 134 -24.90 1.74 -19.40
CA PRO A 134 -25.55 0.95 -18.35
C PRO A 134 -26.80 0.15 -18.73
N ASP A 135 -27.59 0.65 -19.68
CA ASP A 135 -28.80 -0.08 -20.06
C ASP A 135 -28.66 -0.96 -21.29
N ILE A 136 -27.44 -1.06 -21.83
CA ILE A 136 -27.20 -1.91 -23.00
C ILE A 136 -27.53 -3.33 -22.55
N LYS A 137 -27.87 -4.18 -23.51
CA LYS A 137 -28.16 -5.58 -23.24
C LYS A 137 -27.05 -6.36 -23.90
N VAL A 138 -26.53 -7.36 -23.20
CA VAL A 138 -25.45 -8.17 -23.72
C VAL A 138 -25.90 -9.60 -23.98
N ILE A 139 -25.49 -10.15 -25.10
CA ILE A 139 -25.83 -11.53 -25.42
C ILE A 139 -24.52 -12.26 -25.59
N ALA A 140 -24.30 -13.25 -24.73
CA ALA A 140 -23.09 -14.06 -24.79
C ALA A 140 -23.56 -15.47 -25.07
N PRO A 141 -23.60 -15.84 -26.35
CA PRO A 141 -24.03 -17.17 -26.80
C PRO A 141 -23.45 -18.35 -26.03
N TRP A 142 -22.16 -18.29 -25.69
CA TRP A 142 -21.53 -19.39 -24.96
C TRP A 142 -22.16 -19.63 -23.61
N ARG A 143 -22.94 -18.67 -23.13
CA ARG A 143 -23.60 -18.81 -21.85
C ARG A 143 -25.09 -19.17 -22.01
N GLU A 144 -25.62 -19.01 -23.23
CA GLU A 144 -27.04 -19.28 -23.47
C GLU A 144 -27.40 -20.44 -24.40
N TRP A 145 -26.49 -20.84 -25.28
CA TRP A 145 -26.82 -21.93 -26.18
C TRP A 145 -26.67 -23.30 -25.59
N SER A 146 -27.24 -24.27 -26.27
CA SER A 146 -27.25 -25.64 -25.78
C SER A 146 -26.18 -26.59 -26.34
N PHE A 147 -25.50 -26.18 -27.42
CA PHE A 147 -24.46 -27.03 -28.03
C PHE A 147 -23.80 -27.95 -27.01
N GLN A 148 -23.71 -29.24 -27.34
CA GLN A 148 -23.09 -30.20 -26.42
C GLN A 148 -21.60 -30.40 -26.65
N GLY A 149 -21.14 -30.14 -27.87
CA GLY A 149 -19.73 -30.29 -28.16
C GLY A 149 -19.31 -29.67 -29.48
N ARG A 150 -18.02 -29.76 -29.77
CA ARG A 150 -17.43 -29.20 -31.00
C ARG A 150 -18.07 -29.87 -32.23
N LYS A 151 -18.11 -31.20 -32.21
CA LYS A 151 -18.66 -31.97 -33.31
C LYS A 151 -20.01 -31.40 -33.73
N GLU A 152 -20.83 -31.07 -32.73
CA GLU A 152 -22.16 -30.53 -32.92
C GLU A 152 -22.13 -29.09 -33.47
N MET A 153 -21.07 -28.35 -33.13
CA MET A 153 -20.92 -26.98 -33.63
C MET A 153 -20.49 -27.08 -35.08
N ILE A 154 -19.52 -27.96 -35.33
CA ILE A 154 -19.03 -28.18 -36.69
C ILE A 154 -20.23 -28.54 -37.57
N ALA A 155 -21.01 -29.51 -37.11
CA ALA A 155 -22.20 -29.95 -37.85
C ALA A 155 -23.15 -28.78 -38.07
N TYR A 156 -23.38 -27.99 -37.02
CA TYR A 156 -24.27 -26.84 -37.10
C TYR A 156 -23.75 -25.89 -38.17
N ALA A 157 -22.44 -25.69 -38.18
CA ALA A 157 -21.81 -24.78 -39.16
C ALA A 157 -22.00 -25.29 -40.59
N GLU A 158 -21.64 -26.55 -40.83
CA GLU A 158 -21.79 -27.12 -42.18
C GLU A 158 -23.22 -26.92 -42.67
N ALA A 159 -24.18 -27.14 -41.79
CA ALA A 159 -25.60 -26.99 -42.16
C ALA A 159 -25.90 -25.59 -42.66
N HIS A 160 -25.17 -24.58 -42.17
CA HIS A 160 -25.42 -23.21 -42.58
C HIS A 160 -24.49 -22.66 -43.67
N GLY A 161 -23.65 -23.54 -44.22
CA GLY A 161 -22.75 -23.11 -45.28
C GLY A 161 -21.52 -22.39 -44.78
N ILE A 162 -21.27 -22.46 -43.48
CA ILE A 162 -20.11 -21.82 -42.90
C ILE A 162 -18.92 -22.75 -43.08
N PRO A 163 -17.88 -22.28 -43.80
CA PRO A 163 -16.71 -23.13 -44.02
C PRO A 163 -16.00 -23.53 -42.72
N VAL A 164 -15.68 -24.82 -42.61
CA VAL A 164 -15.00 -25.36 -41.43
C VAL A 164 -13.54 -25.63 -41.79
N PRO A 165 -12.61 -25.36 -40.87
CA PRO A 165 -11.20 -25.62 -41.23
C PRO A 165 -10.90 -27.12 -41.31
N PRO A 171 -2.74 -26.92 -32.25
CA PRO A 171 -3.03 -27.55 -30.94
C PRO A 171 -2.95 -26.58 -29.75
N TYR A 172 -3.49 -25.37 -29.92
CA TYR A 172 -3.54 -24.35 -28.86
C TYR A 172 -4.29 -23.10 -29.34
N SER A 173 -4.88 -22.37 -28.39
CA SER A 173 -5.65 -21.18 -28.70
C SER A 173 -4.73 -19.95 -28.79
N MET A 174 -5.17 -18.91 -29.50
CA MET A 174 -4.36 -17.71 -29.68
C MET A 174 -5.14 -16.40 -29.70
N ASP A 175 -4.38 -15.32 -29.63
CA ASP A 175 -4.93 -13.97 -29.65
C ASP A 175 -3.76 -13.05 -29.99
N ALA A 176 -3.87 -12.32 -31.08
CA ALA A 176 -2.79 -11.42 -31.51
C ALA A 176 -3.25 -10.00 -31.76
N ASN A 177 -2.36 -9.06 -31.47
CA ASN A 177 -2.61 -7.66 -31.70
C ASN A 177 -1.24 -6.98 -31.70
N LEU A 178 -1.21 -5.69 -31.99
CA LEU A 178 0.06 -4.96 -32.03
C LEU A 178 0.95 -5.12 -30.81
N LEU A 179 0.37 -5.38 -29.64
CA LEU A 179 1.17 -5.52 -28.43
C LEU A 179 1.76 -6.92 -28.24
N HIS A 180 0.99 -7.96 -28.54
CA HIS A 180 1.49 -9.31 -28.34
C HIS A 180 0.69 -10.40 -29.03
N ILE A 181 1.10 -11.64 -28.77
CA ILE A 181 0.40 -12.81 -29.24
C ILE A 181 0.40 -13.73 -28.02
N SER A 182 -0.77 -14.24 -27.64
CA SER A 182 -0.84 -15.14 -26.50
C SER A 182 -1.19 -16.55 -26.95
N TYR A 183 -0.72 -17.54 -26.19
CA TYR A 183 -0.96 -18.94 -26.50
C TYR A 183 -1.35 -19.70 -25.24
N GLU A 184 -2.38 -20.54 -25.36
CA GLU A 184 -2.82 -21.38 -24.25
C GLU A 184 -3.67 -22.54 -24.73
N GLY A 185 -3.96 -23.46 -23.81
CA GLY A 185 -4.75 -24.63 -24.13
C GLY A 185 -3.87 -25.69 -24.75
N GLY A 186 -4.47 -26.83 -25.08
CA GLY A 186 -3.73 -27.92 -25.70
C GLY A 186 -2.49 -28.39 -24.95
N VAL A 187 -1.40 -28.51 -25.69
CA VAL A 187 -0.12 -28.96 -25.14
C VAL A 187 0.35 -28.07 -23.99
N LEU A 188 -0.11 -26.82 -24.00
CA LEU A 188 0.27 -25.85 -22.99
C LEU A 188 -0.40 -26.04 -21.62
N GLU A 189 -1.47 -26.83 -21.57
CA GLU A 189 -2.17 -27.02 -20.31
C GLU A 189 -1.39 -27.74 -19.22
N ASP A 190 -0.35 -28.47 -19.60
CA ASP A 190 0.50 -29.13 -18.60
C ASP A 190 1.62 -28.15 -18.27
N PRO A 191 1.51 -27.45 -17.13
CA PRO A 191 2.54 -26.47 -16.75
C PRO A 191 3.95 -27.01 -16.61
N TRP A 192 4.12 -28.32 -16.73
CA TRP A 192 5.45 -28.91 -16.62
C TRP A 192 6.03 -29.22 -18.00
N ALA A 193 5.26 -28.95 -19.05
CA ALA A 193 5.71 -29.21 -20.42
C ALA A 193 6.13 -27.94 -21.16
N GLU A 194 7.38 -27.86 -21.57
CA GLU A 194 7.87 -26.68 -22.29
C GLU A 194 7.07 -26.44 -23.56
N PRO A 195 6.80 -25.17 -23.90
CA PRO A 195 6.04 -24.88 -25.12
C PRO A 195 6.66 -25.57 -26.32
N PRO A 196 5.83 -26.04 -27.26
CA PRO A 196 6.39 -26.72 -28.41
C PRO A 196 7.18 -25.84 -29.37
N LYS A 197 8.18 -26.46 -29.98
CA LYS A 197 9.05 -25.83 -30.95
C LYS A 197 8.20 -25.41 -32.15
N GLY A 198 8.34 -24.16 -32.59
CA GLY A 198 7.58 -23.70 -33.74
C GLY A 198 6.27 -23.00 -33.42
N MET A 199 5.94 -22.92 -32.15
CA MET A 199 4.69 -22.27 -31.76
C MET A 199 4.77 -20.76 -31.95
N PHE A 200 5.88 -20.16 -31.54
CA PHE A 200 6.04 -18.72 -31.65
C PHE A 200 5.95 -18.19 -33.07
N ARG A 201 5.24 -17.06 -33.23
CA ARG A 201 5.04 -16.45 -34.54
C ARG A 201 5.55 -15.02 -34.66
N MET A 202 5.41 -14.24 -33.60
CA MET A 202 5.83 -12.84 -33.62
C MET A 202 7.31 -12.68 -33.35
N THR A 203 7.92 -13.67 -32.74
CA THR A 203 9.34 -13.58 -32.42
C THR A 203 10.15 -14.75 -32.92
N GLN A 204 11.38 -14.45 -33.29
CA GLN A 204 12.33 -15.44 -33.78
C GLN A 204 12.85 -16.28 -32.62
N ASP A 205 13.11 -17.55 -32.88
CA ASP A 205 13.64 -18.44 -31.86
C ASP A 205 15.01 -17.88 -31.46
N PRO A 206 15.24 -17.67 -30.15
CA PRO A 206 16.52 -17.12 -29.71
C PRO A 206 17.72 -17.90 -30.24
N GLU A 207 17.54 -19.19 -30.49
CA GLU A 207 18.63 -20.03 -30.99
C GLU A 207 18.85 -19.75 -32.48
N GLU A 208 17.90 -19.04 -33.10
CA GLU A 208 17.97 -18.71 -34.52
C GLU A 208 18.15 -17.21 -34.70
N ALA A 209 18.42 -16.51 -33.61
CA ALA A 209 18.58 -15.06 -33.65
C ALA A 209 19.96 -14.67 -34.18
N PRO A 210 20.08 -13.45 -34.72
CA PRO A 210 21.35 -12.95 -35.27
C PRO A 210 22.55 -13.14 -34.33
N ASP A 211 23.69 -13.51 -34.90
CA ASP A 211 24.89 -13.73 -34.13
C ASP A 211 25.50 -12.43 -33.62
N ALA A 212 25.01 -11.30 -34.14
CA ALA A 212 25.53 -10.01 -33.71
C ALA A 212 24.45 -9.23 -32.99
N PRO A 213 24.80 -8.65 -31.84
CA PRO A 213 23.80 -7.87 -31.12
C PRO A 213 23.43 -6.63 -31.91
N GLU A 214 22.25 -6.09 -31.65
CA GLU A 214 21.77 -4.89 -32.31
C GLU A 214 21.40 -3.86 -31.26
N TYR A 215 21.87 -2.63 -31.46
CA TYR A 215 21.56 -1.55 -30.55
C TYR A 215 20.36 -0.79 -31.08
N VAL A 216 19.57 -0.25 -30.16
CA VAL A 216 18.38 0.50 -30.50
C VAL A 216 18.21 1.62 -29.47
N GLU A 217 17.71 2.76 -29.93
CA GLU A 217 17.48 3.86 -29.03
C GLU A 217 16.01 4.21 -29.08
N VAL A 218 15.45 4.53 -27.93
CA VAL A 218 14.06 4.91 -27.87
C VAL A 218 13.98 6.24 -27.13
N GLU A 219 13.30 7.21 -27.73
CA GLU A 219 13.16 8.51 -27.12
C GLU A 219 11.78 8.64 -26.47
N PHE A 220 11.75 9.25 -25.28
CA PHE A 220 10.50 9.49 -24.57
C PHE A 220 10.34 10.99 -24.39
N PHE A 221 9.12 11.49 -24.60
CA PHE A 221 8.91 12.92 -24.41
C PHE A 221 7.65 12.79 -23.58
N GLU A 222 7.66 13.25 -22.34
CA GLU A 222 6.43 13.14 -21.55
C GLU A 222 5.73 11.90 -21.05
N GLY A 223 6.50 10.82 -20.97
CA GLY A 223 5.97 9.55 -20.51
C GLY A 223 5.66 8.63 -21.68
N ASP A 224 5.63 9.18 -22.89
CA ASP A 224 5.35 8.36 -24.06
C ASP A 224 6.50 8.27 -25.06
N PRO A 225 6.72 7.09 -25.65
CA PRO A 225 7.80 6.94 -26.62
C PRO A 225 7.39 7.66 -27.91
N VAL A 226 8.28 8.50 -28.43
CA VAL A 226 8.00 9.26 -29.64
C VAL A 226 8.94 8.97 -30.81
N ALA A 227 10.04 8.26 -30.57
CA ALA A 227 10.97 7.96 -31.65
C ALA A 227 11.84 6.73 -31.45
N VAL A 228 12.26 6.12 -32.56
CA VAL A 228 13.13 4.95 -32.52
C VAL A 228 14.34 5.22 -33.42
N ASN A 229 15.52 5.18 -32.82
CA ASN A 229 16.76 5.43 -33.53
C ASN A 229 16.70 6.76 -34.25
N GLY A 230 16.21 7.78 -33.56
CA GLY A 230 16.13 9.11 -34.12
C GLY A 230 15.01 9.39 -35.10
N GLU A 231 14.17 8.41 -35.37
CA GLU A 231 13.06 8.64 -36.29
C GLU A 231 11.74 8.80 -35.54
N ARG A 232 11.12 9.97 -35.68
CA ARG A 232 9.85 10.20 -35.02
C ARG A 232 8.82 9.24 -35.62
N LEU A 233 8.02 8.63 -34.76
CA LEU A 233 7.03 7.66 -35.20
C LEU A 233 5.72 7.74 -34.40
N SER A 234 4.60 7.68 -35.11
CA SER A 234 3.30 7.70 -34.48
C SER A 234 3.25 6.49 -33.56
N PRO A 235 2.35 6.51 -32.56
CA PRO A 235 2.20 5.41 -31.59
C PRO A 235 2.11 4.00 -32.20
N ALA A 236 1.21 3.78 -33.15
CA ALA A 236 1.08 2.44 -33.75
C ALA A 236 2.32 2.08 -34.55
N ALA A 237 2.81 3.02 -35.34
CA ALA A 237 3.99 2.79 -36.15
C ALA A 237 5.20 2.49 -35.26
N LEU A 238 5.28 3.15 -34.10
CA LEU A 238 6.40 2.96 -33.18
C LEU A 238 6.41 1.57 -32.53
N LEU A 239 5.23 1.07 -32.16
CA LEU A 239 5.14 -0.26 -31.54
C LEU A 239 5.52 -1.29 -32.62
N GLN A 240 5.03 -1.05 -33.84
CA GLN A 240 5.30 -1.93 -34.97
C GLN A 240 6.81 -2.06 -35.21
N ARG A 241 7.48 -0.91 -35.26
CA ARG A 241 8.90 -0.89 -35.48
C ARG A 241 9.66 -1.68 -34.40
N LEU A 242 9.34 -1.42 -33.14
CA LEU A 242 10.00 -2.13 -32.06
C LEU A 242 9.62 -3.61 -32.04
N ASN A 243 8.49 -3.98 -32.64
CA ASN A 243 8.12 -5.38 -32.71
C ASN A 243 9.05 -6.05 -33.73
N GLU A 244 9.34 -5.35 -34.82
CA GLU A 244 10.23 -5.89 -35.84
C GLU A 244 11.63 -6.07 -35.25
N ILE A 245 12.19 -4.99 -34.71
CA ILE A 245 13.52 -5.03 -34.15
C ILE A 245 13.63 -6.03 -32.99
N GLY A 246 12.66 -5.99 -32.08
CA GLY A 246 12.70 -6.91 -30.96
C GLY A 246 12.38 -8.34 -31.39
N GLY A 247 11.40 -8.47 -32.28
CA GLY A 247 11.01 -9.78 -32.74
C GLY A 247 12.14 -10.54 -33.40
N ARG A 248 12.86 -9.88 -34.30
CA ARG A 248 13.98 -10.53 -35.02
C ARG A 248 14.96 -11.16 -34.04
N HIS A 249 15.06 -10.60 -32.83
CA HIS A 249 15.99 -11.15 -31.83
C HIS A 249 15.36 -12.11 -30.82
N GLY A 250 14.07 -12.41 -30.97
CA GLY A 250 13.42 -13.32 -30.05
C GLY A 250 13.15 -12.75 -28.67
N VAL A 251 13.07 -11.43 -28.60
CA VAL A 251 12.81 -10.72 -27.33
C VAL A 251 11.34 -10.72 -26.92
N GLY A 252 11.11 -10.66 -25.60
CA GLY A 252 9.76 -10.56 -25.08
C GLY A 252 8.92 -11.80 -24.85
N ARG A 253 9.56 -12.94 -24.60
CA ARG A 253 8.82 -14.17 -24.38
C ARG A 253 8.56 -14.42 -22.90
N VAL A 254 7.34 -14.81 -22.56
CA VAL A 254 6.97 -15.10 -21.18
C VAL A 254 6.17 -16.40 -21.09
N ASP A 255 6.49 -17.20 -20.08
CA ASP A 255 5.82 -18.47 -19.84
C ASP A 255 5.36 -18.50 -18.38
N ILE A 256 4.09 -18.22 -18.15
CA ILE A 256 3.58 -18.18 -16.78
C ILE A 256 2.28 -18.94 -16.52
N VAL A 257 2.05 -19.22 -15.24
CA VAL A 257 0.81 -19.83 -14.79
C VAL A 257 0.25 -18.63 -14.04
N GLU A 258 -0.84 -18.07 -14.55
CA GLU A 258 -1.44 -16.88 -13.97
C GLU A 258 -2.71 -17.15 -13.20
N ASN A 259 -3.11 -16.20 -12.36
CA ASN A 259 -4.33 -16.33 -11.59
C ASN A 259 -5.45 -15.62 -12.35
N ARG A 260 -6.48 -16.37 -12.71
CA ARG A 260 -7.61 -15.81 -13.42
C ARG A 260 -8.55 -15.10 -12.47
N PHE A 261 -9.33 -14.16 -13.00
CA PHE A 261 -10.30 -13.39 -12.22
C PHE A 261 -11.48 -14.32 -11.93
N VAL A 262 -11.96 -15.00 -12.97
CA VAL A 262 -13.08 -15.91 -12.84
C VAL A 262 -12.63 -17.33 -12.48
N GLY A 263 -12.05 -18.06 -13.43
CA GLY A 263 -11.62 -19.42 -13.13
C GLY A 263 -10.54 -19.56 -12.06
N MET A 264 -9.70 -20.59 -12.17
CA MET A 264 -8.66 -20.80 -11.17
C MET A 264 -7.29 -20.35 -11.72
N LYS A 265 -6.43 -21.29 -12.09
CA LYS A 265 -5.13 -20.92 -12.64
C LYS A 265 -5.06 -21.33 -14.11
N SER A 266 -4.31 -20.58 -14.91
CA SER A 266 -4.18 -20.85 -16.33
C SER A 266 -2.73 -20.69 -16.79
N ARG A 267 -2.30 -21.60 -17.67
CA ARG A 267 -0.93 -21.55 -18.20
C ARG A 267 -0.93 -20.81 -19.53
N GLY A 268 -0.20 -19.70 -19.57
CA GLY A 268 -0.13 -18.91 -20.79
C GLY A 268 1.28 -18.55 -21.21
N VAL A 269 1.49 -18.49 -22.53
CA VAL A 269 2.77 -18.14 -23.10
C VAL A 269 2.52 -16.84 -23.86
N TYR A 270 3.39 -15.86 -23.66
CA TYR A 270 3.22 -14.58 -24.33
C TYR A 270 4.50 -14.04 -24.94
N GLU A 271 4.36 -13.42 -26.12
CA GLU A 271 5.50 -12.79 -26.76
C GLU A 271 5.10 -11.33 -26.97
N THR A 272 5.91 -10.44 -26.39
CA THR A 272 5.67 -9.00 -26.43
C THR A 272 7.00 -8.31 -26.73
N PRO A 273 7.58 -8.55 -27.92
CA PRO A 273 8.86 -7.94 -28.30
C PRO A 273 8.96 -6.43 -28.15
N GLY A 274 8.07 -5.70 -28.82
CA GLY A 274 8.10 -4.26 -28.75
C GLY A 274 7.81 -3.69 -27.37
N GLY A 275 6.80 -4.25 -26.70
CA GLY A 275 6.45 -3.77 -25.37
C GLY A 275 7.52 -4.08 -24.35
N THR A 276 8.24 -5.19 -24.56
CA THR A 276 9.28 -5.58 -23.62
C THR A 276 10.43 -4.56 -23.71
N ILE A 277 10.78 -4.18 -24.93
CA ILE A 277 11.83 -3.19 -25.13
C ILE A 277 11.38 -1.87 -24.48
N LEU A 278 10.14 -1.46 -24.74
CA LEU A 278 9.61 -0.22 -24.17
C LEU A 278 9.62 -0.23 -22.64
N TYR A 279 9.38 -1.39 -22.03
CA TYR A 279 9.36 -1.52 -20.58
C TYR A 279 10.73 -1.16 -19.98
N HIS A 280 11.79 -1.73 -20.51
CA HIS A 280 13.13 -1.46 -20.01
C HIS A 280 13.62 -0.07 -20.44
N ALA A 281 13.22 0.37 -21.63
CA ALA A 281 13.61 1.70 -22.11
C ALA A 281 13.01 2.77 -21.21
N ARG A 282 11.73 2.60 -20.85
CA ARG A 282 11.04 3.53 -19.97
C ARG A 282 11.72 3.63 -18.61
N ARG A 283 12.02 2.49 -18.00
CA ARG A 283 12.67 2.49 -16.69
C ARG A 283 14.07 3.09 -16.78
N ALA A 284 14.72 2.95 -17.93
CA ALA A 284 16.06 3.49 -18.12
C ALA A 284 16.01 5.02 -18.07
N VAL A 285 14.98 5.61 -18.68
CA VAL A 285 14.85 7.06 -18.68
C VAL A 285 14.43 7.54 -17.28
N GLU A 286 13.54 6.79 -16.65
CA GLU A 286 13.04 7.11 -15.31
C GLU A 286 14.16 7.12 -14.29
N SER A 287 15.19 6.30 -14.51
CA SER A 287 16.29 6.21 -13.57
C SER A 287 17.09 7.52 -13.48
N LEU A 288 16.91 8.41 -14.47
CA LEU A 288 17.61 9.69 -14.45
C LEU A 288 16.66 10.83 -14.17
N THR A 289 15.41 10.69 -14.60
CA THR A 289 14.42 11.73 -14.46
C THR A 289 13.45 11.71 -13.28
N LEU A 290 13.20 10.55 -12.71
CA LEU A 290 12.28 10.46 -11.59
C LEU A 290 12.96 10.58 -10.23
N ASP A 291 12.26 11.22 -9.30
CA ASP A 291 12.75 11.37 -7.94
C ASP A 291 12.62 10.02 -7.24
N ARG A 292 13.57 9.70 -6.38
CA ARG A 292 13.58 8.44 -5.64
C ARG A 292 12.28 8.06 -4.91
N GLU A 293 11.76 8.96 -4.10
CA GLU A 293 10.54 8.67 -3.35
C GLU A 293 9.34 8.51 -4.29
N VAL A 294 9.32 9.30 -5.36
CA VAL A 294 8.25 9.23 -6.34
C VAL A 294 8.30 7.85 -6.97
N LEU A 295 9.49 7.45 -7.41
CA LEU A 295 9.68 6.14 -8.04
C LEU A 295 9.20 5.01 -7.13
N HIS A 296 9.62 5.05 -5.86
CA HIS A 296 9.26 4.01 -4.92
C HIS A 296 7.75 3.91 -4.68
N GLN A 297 7.07 5.06 -4.61
CA GLN A 297 5.62 5.08 -4.41
C GLN A 297 4.91 4.54 -5.66
N ARG A 298 5.38 5.00 -6.82
CA ARG A 298 4.83 4.61 -8.10
C ARG A 298 4.88 3.08 -8.26
N ASP A 299 6.06 2.50 -8.02
CA ASP A 299 6.21 1.06 -8.16
C ASP A 299 5.34 0.26 -7.18
N MET A 300 4.98 0.86 -6.05
CA MET A 300 4.13 0.15 -5.12
C MET A 300 2.67 0.19 -5.54
N LEU A 301 2.33 1.08 -6.48
CA LEU A 301 0.98 1.19 -6.97
C LEU A 301 0.77 0.45 -8.31
N SER A 302 1.85 0.30 -9.07
CA SER A 302 1.79 -0.39 -10.36
C SER A 302 1.04 -1.74 -10.33
N PRO A 303 1.42 -2.63 -9.40
CA PRO A 303 0.75 -3.94 -9.30
C PRO A 303 -0.76 -3.87 -9.16
N LYS A 304 -1.24 -2.90 -8.40
CA LYS A 304 -2.68 -2.71 -8.20
C LYS A 304 -3.31 -2.34 -9.53
N TYR A 305 -2.65 -1.43 -10.24
CA TYR A 305 -3.11 -0.99 -11.55
C TYR A 305 -3.16 -2.18 -12.51
N ALA A 306 -2.10 -2.99 -12.49
CA ALA A 306 -2.02 -4.14 -13.37
C ALA A 306 -3.19 -5.09 -13.17
N GLU A 307 -3.58 -5.36 -11.93
CA GLU A 307 -4.69 -6.27 -11.72
C GLU A 307 -6.01 -5.66 -12.13
N LEU A 308 -6.13 -4.34 -12.03
CA LEU A 308 -7.34 -3.68 -12.44
C LEU A 308 -7.50 -3.86 -13.96
N VAL A 309 -6.40 -3.73 -14.70
CA VAL A 309 -6.45 -3.89 -16.15
C VAL A 309 -6.73 -5.35 -16.51
N TYR A 310 -6.05 -6.26 -15.81
CA TYR A 310 -6.20 -7.69 -16.04
C TYR A 310 -7.63 -8.15 -15.79
N TYR A 311 -8.25 -7.60 -14.75
CA TYR A 311 -9.61 -7.97 -14.40
C TYR A 311 -10.64 -7.35 -15.33
N GLY A 312 -10.28 -6.27 -15.99
CA GLY A 312 -11.20 -5.63 -16.92
C GLY A 312 -11.76 -4.29 -16.47
N PHE A 313 -11.26 -3.76 -15.37
CA PHE A 313 -11.77 -2.48 -14.90
C PHE A 313 -11.02 -1.31 -15.51
N TRP A 314 -11.07 -1.19 -16.84
CA TRP A 314 -10.39 -0.10 -17.51
C TRP A 314 -11.19 1.18 -17.36
N TYR A 315 -12.48 1.10 -17.70
CA TYR A 315 -13.35 2.27 -17.56
C TYR A 315 -14.04 2.18 -16.21
N ALA A 316 -13.23 2.24 -15.16
CA ALA A 316 -13.69 2.18 -13.78
C ALA A 316 -13.00 3.35 -13.08
N PRO A 317 -13.71 4.04 -12.17
CA PRO A 317 -13.14 5.19 -11.47
C PRO A 317 -11.80 4.97 -10.75
N GLU A 318 -11.56 3.77 -10.25
CA GLU A 318 -10.30 3.47 -9.55
C GLU A 318 -9.09 3.51 -10.48
N ARG A 319 -9.27 2.94 -11.68
CA ARG A 319 -8.19 2.91 -12.63
C ARG A 319 -7.92 4.32 -13.12
N GLU A 320 -8.98 5.08 -13.36
CA GLU A 320 -8.82 6.45 -13.80
C GLU A 320 -8.15 7.30 -12.72
N ALA A 321 -8.47 7.03 -11.45
CA ALA A 321 -7.87 7.78 -10.35
C ALA A 321 -6.36 7.51 -10.30
N LEU A 322 -5.98 6.23 -10.33
CA LEU A 322 -4.57 5.88 -10.31
C LEU A 322 -3.87 6.49 -11.53
N GLN A 323 -4.56 6.51 -12.66
CA GLN A 323 -4.00 7.05 -13.89
C GLN A 323 -3.58 8.50 -13.74
N ALA A 324 -4.36 9.27 -12.98
CA ALA A 324 -4.05 10.67 -12.74
C ALA A 324 -2.68 10.73 -12.07
N TYR A 325 -2.45 9.80 -11.13
CA TYR A 325 -1.18 9.73 -10.44
C TYR A 325 -0.05 9.34 -11.39
N PHE A 326 -0.24 8.23 -12.10
CA PHE A 326 0.78 7.76 -13.02
C PHE A 326 1.13 8.80 -14.10
N ASP A 327 0.11 9.43 -14.68
CA ASP A 327 0.34 10.43 -15.71
C ASP A 327 1.15 11.60 -15.16
N HIS A 328 0.82 12.01 -13.94
CA HIS A 328 1.52 13.09 -13.28
C HIS A 328 3.01 12.76 -13.22
N VAL A 329 3.32 11.54 -12.77
CA VAL A 329 4.70 11.10 -12.66
C VAL A 329 5.36 10.97 -14.04
N ALA A 330 4.63 10.37 -14.98
CA ALA A 330 5.14 10.15 -16.32
C ALA A 330 5.55 11.41 -17.08
N ARG A 331 4.94 12.54 -16.74
CA ARG A 331 5.23 13.80 -17.41
C ARG A 331 6.72 14.15 -17.34
N SER A 332 7.42 13.63 -16.33
CA SER A 332 8.84 13.90 -16.17
C SER A 332 9.73 12.98 -17.02
N VAL A 333 9.18 11.88 -17.50
CA VAL A 333 9.94 10.92 -18.28
C VAL A 333 10.27 11.41 -19.69
N THR A 334 11.37 12.13 -19.80
CA THR A 334 11.84 12.70 -21.06
C THR A 334 13.33 12.40 -21.21
N GLY A 335 13.68 11.77 -22.31
CA GLY A 335 15.07 11.42 -22.54
C GLY A 335 15.17 10.26 -23.51
N VAL A 336 16.36 9.68 -23.62
CA VAL A 336 16.58 8.57 -24.54
C VAL A 336 17.16 7.35 -23.85
N ALA A 337 16.67 6.18 -24.24
CA ALA A 337 17.17 4.93 -23.69
C ALA A 337 17.90 4.21 -24.83
N ARG A 338 19.05 3.61 -24.50
CA ARG A 338 19.81 2.87 -25.50
C ARG A 338 19.90 1.43 -25.04
N LEU A 339 19.38 0.51 -25.84
CA LEU A 339 19.39 -0.89 -25.46
C LEU A 339 20.15 -1.79 -26.43
N LYS A 340 20.58 -2.94 -25.92
CA LYS A 340 21.33 -3.92 -26.71
C LYS A 340 20.53 -5.21 -26.77
N LEU A 341 20.13 -5.59 -27.98
CA LEU A 341 19.34 -6.81 -28.15
C LEU A 341 20.21 -7.97 -28.60
N TYR A 342 20.12 -9.08 -27.89
CA TYR A 342 20.89 -10.26 -28.23
C TYR A 342 20.24 -11.56 -27.79
N LYS A 343 19.98 -12.41 -28.76
CA LYS A 343 19.38 -13.73 -28.57
C LYS A 343 18.41 -13.87 -27.40
N GLY A 344 17.23 -13.28 -27.56
CA GLY A 344 16.20 -13.35 -26.54
C GLY A 344 16.25 -12.32 -25.44
N ASN A 345 17.41 -11.72 -25.20
CA ASN A 345 17.56 -10.74 -24.14
C ASN A 345 17.60 -9.26 -24.54
N VAL A 346 17.20 -8.41 -23.60
CA VAL A 346 17.21 -6.97 -23.79
C VAL A 346 18.13 -6.41 -22.71
N TYR A 347 19.13 -5.61 -23.10
CA TYR A 347 20.04 -5.03 -22.13
C TYR A 347 20.10 -3.52 -22.22
N VAL A 348 19.85 -2.85 -21.09
CA VAL A 348 19.94 -1.41 -21.06
C VAL A 348 21.45 -1.18 -21.09
N VAL A 349 21.90 -0.34 -22.00
CA VAL A 349 23.32 -0.07 -22.17
C VAL A 349 23.67 1.40 -21.98
N GLY A 350 22.64 2.24 -22.00
CA GLY A 350 22.82 3.66 -21.82
C GLY A 350 21.53 4.45 -21.69
N ARG A 351 21.60 5.64 -21.11
CA ARG A 351 20.45 6.51 -20.98
C ARG A 351 20.92 7.94 -20.75
N LYS A 352 20.11 8.89 -21.20
CA LYS A 352 20.41 10.30 -21.03
C LYS A 352 19.10 11.06 -21.03
N ALA A 353 19.13 12.26 -20.45
CA ALA A 353 17.92 13.07 -20.36
C ALA A 353 18.26 14.55 -20.17
N PRO A 354 17.46 15.44 -20.78
CA PRO A 354 17.66 16.88 -20.68
C PRO A 354 17.67 17.37 -19.23
N LYS A 355 16.78 16.80 -18.41
CA LYS A 355 16.70 17.18 -17.00
C LYS A 355 17.08 16.00 -16.10
N SER A 356 18.20 15.36 -16.41
CA SER A 356 18.68 14.24 -15.62
C SER A 356 19.03 14.76 -14.20
N LEU A 357 18.78 13.94 -13.18
CA LEU A 357 19.08 14.31 -11.80
C LEU A 357 20.41 13.70 -11.39
N TYR A 358 21.05 13.01 -12.33
CA TYR A 358 22.31 12.34 -12.11
C TYR A 358 23.49 13.34 -12.07
N ARG A 359 24.21 13.33 -10.94
CA ARG A 359 25.36 14.20 -10.73
C ARG A 359 25.26 15.57 -11.39
N GLY A 370 26.83 18.63 -2.05
CA GLY A 370 25.66 19.16 -1.28
C GLY A 370 25.69 18.74 0.18
N TYR A 371 26.72 17.99 0.55
CA TYR A 371 26.90 17.52 1.91
C TYR A 371 28.33 17.01 2.04
N ASP A 372 28.78 16.85 3.28
CA ASP A 372 30.11 16.37 3.56
C ASP A 372 29.98 15.21 4.54
N GLN A 373 31.11 14.60 4.89
CA GLN A 373 31.11 13.45 5.78
C GLN A 373 30.49 13.70 7.15
N LYS A 374 30.71 14.88 7.72
CA LYS A 374 30.14 15.15 9.03
C LYS A 374 28.62 15.06 8.94
N ASP A 375 28.09 15.52 7.81
CA ASP A 375 26.65 15.48 7.58
C ASP A 375 26.13 14.04 7.66
N ALA A 376 26.85 13.11 7.03
CA ALA A 376 26.45 11.71 7.02
C ALA A 376 26.38 11.14 8.44
N GLU A 377 27.30 11.56 9.28
CA GLU A 377 27.31 11.07 10.65
C GLU A 377 26.05 11.47 11.38
N GLY A 378 25.61 12.72 11.16
CA GLY A 378 24.41 13.20 11.80
C GLY A 378 23.19 12.44 11.31
N PHE A 379 23.13 12.22 10.01
CA PHE A 379 22.02 11.48 9.41
C PHE A 379 21.95 10.11 10.08
N ILE A 380 23.11 9.45 10.16
CA ILE A 380 23.17 8.13 10.76
C ILE A 380 22.67 8.12 12.20
N LYS A 381 23.16 9.06 13.00
CA LYS A 381 22.76 9.15 14.40
C LYS A 381 21.24 9.31 14.59
N ILE A 382 20.63 10.20 13.81
CA ILE A 382 19.19 10.45 13.89
C ILE A 382 18.39 9.22 13.44
N GLN A 383 18.84 8.55 12.38
CA GLN A 383 18.16 7.36 11.88
C GLN A 383 18.28 6.19 12.87
N ALA A 384 19.41 6.14 13.57
CA ALA A 384 19.67 5.06 14.52
C ALA A 384 19.00 5.18 15.88
N LEU A 385 18.60 6.39 16.24
CA LEU A 385 17.99 6.62 17.54
C LEU A 385 16.91 5.65 17.98
N ARG A 386 15.85 5.49 17.17
CA ARG A 386 14.77 4.58 17.55
C ARG A 386 15.26 3.15 17.70
N LEU A 387 16.30 2.78 16.95
CA LEU A 387 16.82 1.41 17.05
C LEU A 387 17.58 1.20 18.36
N ARG A 388 18.33 2.22 18.79
CA ARG A 388 19.08 2.11 20.05
C ARG A 388 18.12 2.07 21.24
N VAL A 389 17.12 2.95 21.22
CA VAL A 389 16.14 3.00 22.30
C VAL A 389 15.47 1.64 22.43
N ARG A 390 15.07 1.07 21.28
CA ARG A 390 14.43 -0.23 21.27
C ARG A 390 15.36 -1.28 21.86
N ALA A 391 16.62 -1.25 21.44
CA ALA A 391 17.62 -2.19 21.95
C ALA A 391 17.79 -2.00 23.46
N LEU A 392 17.91 -0.75 23.87
CA LEU A 392 18.08 -0.45 25.28
C LEU A 392 16.87 -0.92 26.06
N VAL A 393 15.68 -0.67 25.53
CA VAL A 393 14.49 -1.10 26.25
C VAL A 393 14.39 -2.61 26.36
N GLU A 394 14.86 -3.35 25.35
CA GLU A 394 14.81 -4.80 25.45
C GLU A 394 15.75 -5.16 26.59
N ARG A 395 16.39 -4.12 27.13
CA ARG A 395 17.33 -4.20 28.24
C ARG A 395 18.30 -5.34 28.09
N MET B 1 42.50 0.81 25.37
CA MET B 1 41.31 0.82 24.47
C MET B 1 41.46 -0.18 23.33
N LYS B 2 40.40 -0.96 23.10
CA LYS B 2 40.40 -1.95 22.02
C LYS B 2 39.36 -1.59 20.97
N ILE B 3 39.72 -1.79 19.70
CA ILE B 3 38.84 -1.49 18.57
C ILE B 3 38.80 -2.68 17.62
N VAL B 4 37.60 -3.19 17.34
CA VAL B 4 37.49 -4.31 16.41
C VAL B 4 37.30 -3.68 15.04
N LEU B 5 38.18 -4.04 14.11
CA LEU B 5 38.12 -3.50 12.77
C LEU B 5 37.69 -4.50 11.70
N ALA B 6 36.75 -4.09 10.87
CA ALA B 6 36.29 -4.92 9.76
C ALA B 6 37.47 -4.76 8.80
N TYR B 7 38.35 -5.75 8.80
CA TYR B 7 39.55 -5.73 7.98
C TYR B 7 39.42 -6.60 6.75
N SER B 8 39.58 -6.00 5.57
CA SER B 8 39.45 -6.78 4.34
C SER B 8 40.78 -7.26 3.79
N GLY B 9 41.88 -6.76 4.36
CA GLY B 9 43.19 -7.16 3.90
C GLY B 9 43.79 -6.24 2.86
N GLY B 10 42.99 -5.34 2.30
CA GLY B 10 43.49 -4.42 1.29
C GLY B 10 44.30 -3.25 1.85
N LEU B 11 44.72 -2.36 0.96
CA LEU B 11 45.51 -1.20 1.34
C LEU B 11 44.84 -0.28 2.35
N ASP B 12 43.64 0.20 2.03
CA ASP B 12 42.94 1.11 2.93
C ASP B 12 42.67 0.62 4.36
N THR B 13 42.19 -0.62 4.52
CA THR B 13 41.96 -1.12 5.87
C THR B 13 43.27 -1.39 6.60
N SER B 14 44.35 -1.62 5.85
CA SER B 14 45.66 -1.80 6.47
C SER B 14 46.11 -0.44 6.99
N ILE B 15 45.92 0.59 6.18
CA ILE B 15 46.28 1.95 6.57
C ILE B 15 45.44 2.33 7.79
N ILE B 16 44.15 2.00 7.72
CA ILE B 16 43.22 2.29 8.81
C ILE B 16 43.69 1.62 10.10
N LEU B 17 44.18 0.39 10.00
CA LEU B 17 44.64 -0.34 11.18
C LEU B 17 45.76 0.44 11.87
N LYS B 18 46.72 0.92 11.08
CA LYS B 18 47.83 1.69 11.63
C LYS B 18 47.28 3.01 12.20
N TRP B 19 46.42 3.66 11.42
CA TRP B 19 45.83 4.93 11.82
C TRP B 19 45.10 4.84 13.17
N LEU B 20 44.36 3.76 13.37
CA LEU B 20 43.60 3.57 14.60
C LEU B 20 44.48 3.44 15.83
N LYS B 21 45.49 2.59 15.74
CA LYS B 21 46.41 2.37 16.85
C LYS B 21 46.97 3.70 17.37
N GLU B 22 47.52 4.51 16.47
CA GLU B 22 48.09 5.78 16.87
C GLU B 22 47.05 6.83 17.23
N THR B 23 46.09 7.07 16.35
CA THR B 23 45.07 8.07 16.59
C THR B 23 44.34 7.87 17.92
N TYR B 24 44.01 6.63 18.24
CA TYR B 24 43.30 6.34 19.49
C TYR B 24 44.14 5.69 20.58
N ARG B 25 45.42 5.46 20.31
CA ARG B 25 46.31 4.85 21.29
C ARG B 25 45.65 3.56 21.76
N ALA B 26 45.15 2.78 20.81
CA ALA B 26 44.46 1.55 21.14
C ALA B 26 45.05 0.34 20.42
N GLU B 27 44.61 -0.84 20.84
CA GLU B 27 45.07 -2.04 20.17
C GLU B 27 43.92 -2.41 19.24
N VAL B 28 44.25 -2.93 18.06
CA VAL B 28 43.25 -3.29 17.08
C VAL B 28 43.09 -4.79 16.88
N ILE B 29 41.85 -5.24 16.89
CA ILE B 29 41.53 -6.63 16.66
C ILE B 29 40.92 -6.66 15.25
N ALA B 30 41.60 -7.33 14.33
CA ALA B 30 41.13 -7.41 12.95
C ALA B 30 40.16 -8.57 12.74
N PHE B 31 39.10 -8.29 11.98
CA PHE B 31 38.11 -9.30 11.67
C PHE B 31 37.85 -9.34 10.17
N THR B 32 38.13 -10.48 9.56
CA THR B 32 37.90 -10.63 8.15
C THR B 32 36.89 -11.75 7.95
N ALA B 33 35.86 -11.47 7.17
CA ALA B 33 34.83 -12.46 6.94
C ALA B 33 34.90 -13.01 5.52
N ASP B 34 34.72 -14.31 5.39
CA ASP B 34 34.71 -14.93 4.06
C ASP B 34 33.23 -15.04 3.73
N ILE B 35 32.77 -14.24 2.78
CA ILE B 35 31.37 -14.27 2.37
C ILE B 35 31.31 -14.60 0.89
N GLY B 36 32.40 -15.16 0.39
CA GLY B 36 32.48 -15.54 -1.01
C GLY B 36 33.14 -14.52 -1.90
N GLN B 37 34.08 -13.73 -1.37
CA GLN B 37 34.76 -12.72 -2.18
C GLN B 37 35.80 -13.37 -3.09
N GLY B 38 35.94 -14.68 -2.99
CA GLY B 38 36.92 -15.35 -3.82
C GLY B 38 38.34 -14.97 -3.40
N GLU B 39 38.56 -14.87 -2.10
CA GLU B 39 39.86 -14.54 -1.57
C GLU B 39 40.22 -15.43 -0.41
N GLU B 40 41.51 -15.53 -0.11
CA GLU B 40 41.92 -16.36 1.01
C GLU B 40 41.93 -15.46 2.24
N VAL B 41 40.88 -15.59 3.02
CA VAL B 41 40.70 -14.82 4.23
C VAL B 41 41.84 -15.04 5.22
N GLU B 42 42.48 -16.20 5.16
CA GLU B 42 43.56 -16.50 6.10
C GLU B 42 44.79 -15.64 5.88
N GLU B 43 45.01 -15.24 4.64
CA GLU B 43 46.15 -14.39 4.34
C GLU B 43 45.88 -12.95 4.80
N ALA B 44 44.60 -12.58 4.83
CA ALA B 44 44.24 -11.26 5.30
C ALA B 44 44.45 -11.28 6.81
N ARG B 45 44.09 -12.41 7.44
CA ARG B 45 44.25 -12.55 8.87
C ARG B 45 45.72 -12.42 9.28
N GLU B 46 46.60 -13.02 8.51
CA GLU B 46 48.03 -12.96 8.78
C GLU B 46 48.58 -11.56 8.52
N LYS B 47 48.14 -10.96 7.41
CA LYS B 47 48.59 -9.61 7.06
C LYS B 47 48.20 -8.61 8.16
N ALA B 48 47.07 -8.85 8.82
CA ALA B 48 46.61 -7.97 9.89
C ALA B 48 47.64 -8.02 11.02
N LEU B 49 48.02 -9.22 11.43
CA LEU B 49 49.01 -9.38 12.48
C LEU B 49 50.28 -8.67 12.10
N ARG B 50 50.71 -8.84 10.84
CA ARG B 50 51.91 -8.17 10.35
C ARG B 50 51.74 -6.65 10.40
N THR B 51 50.54 -6.20 10.09
CA THR B 51 50.26 -4.77 10.08
C THR B 51 50.13 -4.19 11.48
N GLY B 52 50.08 -5.05 12.49
CA GLY B 52 50.01 -4.57 13.86
C GLY B 52 48.82 -4.96 14.70
N ALA B 53 47.92 -5.79 14.17
CA ALA B 53 46.76 -6.21 14.93
C ALA B 53 47.21 -6.95 16.18
N SER B 54 46.53 -6.75 17.30
CA SER B 54 46.89 -7.45 18.54
C SER B 54 46.30 -8.85 18.48
N LYS B 55 45.34 -9.02 17.58
CA LYS B 55 44.66 -10.30 17.35
C LYS B 55 43.89 -10.18 16.03
N ALA B 56 43.95 -11.22 15.21
CA ALA B 56 43.25 -11.25 13.93
C ALA B 56 42.33 -12.48 13.85
N ILE B 57 41.08 -12.24 13.51
CA ILE B 57 40.07 -13.28 13.39
C ILE B 57 39.55 -13.36 11.96
N ALA B 58 39.45 -14.59 11.44
CA ALA B 58 38.95 -14.83 10.10
C ALA B 58 37.94 -15.97 10.17
N LEU B 59 36.71 -15.70 9.76
CA LEU B 59 35.65 -16.70 9.82
C LEU B 59 34.99 -17.00 8.47
N ASP B 60 34.61 -18.26 8.30
CA ASP B 60 33.93 -18.70 7.09
C ASP B 60 32.46 -18.47 7.42
N LEU B 61 31.86 -17.46 6.80
CA LEU B 61 30.47 -17.14 7.08
C LEU B 61 29.58 -17.33 5.85
N LYS B 62 30.05 -18.12 4.89
CA LYS B 62 29.27 -18.34 3.68
C LYS B 62 27.91 -18.96 3.94
N GLU B 63 27.88 -20.02 4.74
CA GLU B 63 26.63 -20.69 5.04
C GLU B 63 25.66 -19.76 5.77
N GLU B 64 26.14 -19.05 6.79
CA GLU B 64 25.29 -18.14 7.53
C GLU B 64 24.78 -17.01 6.64
N PHE B 65 25.64 -16.52 5.76
CA PHE B 65 25.27 -15.44 4.84
C PHE B 65 24.07 -15.86 4.00
N VAL B 66 24.15 -17.04 3.38
CA VAL B 66 23.05 -17.51 2.53
C VAL B 66 21.83 -17.97 3.33
N ARG B 67 22.06 -18.70 4.41
CA ARG B 67 20.96 -19.20 5.23
C ARG B 67 20.19 -18.12 6.02
N ASP B 68 20.91 -17.24 6.70
CA ASP B 68 20.26 -16.22 7.52
C ASP B 68 20.03 -14.84 6.91
N PHE B 69 20.54 -14.59 5.71
CA PHE B 69 20.35 -13.27 5.11
C PHE B 69 19.80 -13.33 3.69
N VAL B 70 20.48 -14.05 2.80
CA VAL B 70 20.04 -14.14 1.42
C VAL B 70 18.69 -14.84 1.26
N PHE B 71 18.55 -16.04 1.83
CA PHE B 71 17.30 -16.79 1.74
C PHE B 71 16.11 -16.02 2.31
N PRO B 72 16.26 -15.44 3.51
CA PRO B 72 15.15 -14.67 4.09
C PRO B 72 14.71 -13.54 3.15
N MET B 73 15.69 -12.89 2.54
CA MET B 73 15.43 -11.79 1.63
C MET B 73 14.75 -12.28 0.35
N MET B 74 15.25 -13.37 -0.22
CA MET B 74 14.68 -13.92 -1.44
C MET B 74 13.23 -14.36 -1.23
N ARG B 75 12.93 -14.87 -0.04
CA ARG B 75 11.57 -15.32 0.29
C ARG B 75 10.57 -14.18 0.13
N ALA B 76 11.04 -12.96 0.33
CA ALA B 76 10.20 -11.77 0.23
C ALA B 76 10.05 -11.26 -1.20
N GLY B 77 10.78 -11.86 -2.14
CA GLY B 77 10.71 -11.42 -3.54
C GLY B 77 11.27 -10.02 -3.71
N ALA B 78 12.25 -9.70 -2.89
CA ALA B 78 12.89 -8.38 -2.86
C ALA B 78 13.72 -7.95 -4.06
N VAL B 79 13.25 -6.89 -4.72
CA VAL B 79 13.95 -6.32 -5.87
C VAL B 79 13.91 -4.79 -5.78
N TYR B 80 15.09 -4.18 -5.74
CA TYR B 80 15.18 -2.73 -5.63
C TYR B 80 15.12 -2.03 -6.98
N GLU B 81 14.15 -1.12 -7.09
CA GLU B 81 13.94 -0.32 -8.29
C GLU B 81 13.99 -1.15 -9.57
N GLY B 82 13.15 -2.19 -9.60
CA GLY B 82 13.05 -3.04 -10.76
C GLY B 82 14.11 -4.06 -11.11
N TYR B 83 15.37 -3.89 -10.69
CA TYR B 83 16.37 -4.88 -11.08
C TYR B 83 17.41 -5.30 -10.05
N TYR B 84 17.73 -4.44 -9.11
CA TYR B 84 18.77 -4.77 -8.15
C TYR B 84 18.45 -5.83 -7.12
N LEU B 85 19.17 -6.93 -7.19
CA LEU B 85 18.99 -8.05 -6.27
C LEU B 85 19.63 -7.89 -4.91
N LEU B 86 20.10 -6.67 -4.61
CA LEU B 86 20.65 -6.36 -3.30
C LEU B 86 21.88 -7.15 -2.83
N GLY B 87 22.75 -7.50 -3.76
CA GLY B 87 23.93 -8.26 -3.40
C GLY B 87 24.80 -7.63 -2.31
N THR B 88 25.05 -6.32 -2.40
CA THR B 88 25.89 -5.67 -1.40
C THR B 88 25.14 -5.41 -0.10
N SER B 89 23.90 -4.97 -0.21
CA SER B 89 23.06 -4.67 0.95
C SER B 89 22.87 -5.78 2.00
N ILE B 90 22.48 -6.99 1.61
CA ILE B 90 22.28 -8.05 2.60
C ILE B 90 23.53 -8.59 3.24
N ALA B 91 24.69 -8.28 2.69
CA ALA B 91 25.94 -8.78 3.26
C ALA B 91 26.49 -7.91 4.39
N ARG B 92 26.17 -6.62 4.37
CA ARG B 92 26.68 -5.71 5.40
C ARG B 92 26.20 -6.00 6.83
N PRO B 93 24.89 -6.26 7.02
CA PRO B 93 24.37 -6.54 8.37
C PRO B 93 25.09 -7.70 9.04
N LEU B 94 25.46 -8.69 8.22
CA LEU B 94 26.14 -9.87 8.70
C LEU B 94 27.55 -9.54 9.20
N ILE B 95 28.28 -8.71 8.46
CA ILE B 95 29.62 -8.31 8.85
C ILE B 95 29.58 -7.55 10.18
N ALA B 96 28.70 -6.57 10.25
CA ALA B 96 28.54 -5.75 11.44
C ALA B 96 28.06 -6.59 12.63
N LYS B 97 27.25 -7.60 12.34
CA LYS B 97 26.75 -8.47 13.40
C LYS B 97 27.93 -9.11 14.11
N HIS B 98 28.93 -9.54 13.35
CA HIS B 98 30.10 -10.16 13.97
C HIS B 98 31.03 -9.17 14.66
N LEU B 99 31.18 -7.97 14.09
CA LEU B 99 32.03 -6.94 14.70
C LEU B 99 31.56 -6.69 16.13
N VAL B 100 30.25 -6.49 16.28
CA VAL B 100 29.66 -6.24 17.58
C VAL B 100 29.78 -7.44 18.51
N ARG B 101 29.76 -8.64 17.93
CA ARG B 101 29.88 -9.88 18.70
C ARG B 101 31.31 -10.00 19.23
N ILE B 102 32.27 -9.75 18.36
CA ILE B 102 33.68 -9.82 18.74
C ILE B 102 34.04 -8.73 19.74
N ALA B 103 33.48 -7.54 19.56
CA ALA B 103 33.76 -6.44 20.47
C ALA B 103 33.31 -6.81 21.90
N GLU B 104 32.17 -7.49 21.99
CA GLU B 104 31.63 -7.91 23.28
C GLU B 104 32.52 -8.98 23.90
N GLU B 105 32.93 -9.96 23.10
CA GLU B 105 33.77 -11.03 23.60
C GLU B 105 35.16 -10.53 23.99
N GLU B 106 35.71 -9.60 23.20
CA GLU B 106 37.04 -9.07 23.47
C GLU B 106 37.01 -7.91 24.46
N GLY B 107 35.82 -7.45 24.79
CA GLY B 107 35.73 -6.34 25.72
C GLY B 107 36.19 -5.04 25.10
N ALA B 108 35.99 -4.88 23.79
CA ALA B 108 36.34 -3.66 23.07
C ALA B 108 35.16 -2.70 23.15
N GLU B 109 35.44 -1.40 23.31
CA GLU B 109 34.38 -0.42 23.42
C GLU B 109 33.96 0.14 22.06
N ALA B 110 34.79 -0.10 21.05
CA ALA B 110 34.50 0.42 19.72
C ALA B 110 34.78 -0.56 18.57
N ILE B 111 34.20 -0.25 17.42
CA ILE B 111 34.38 -1.01 16.19
C ILE B 111 34.71 -0.01 15.11
N ALA B 112 35.25 -0.49 14.01
CA ALA B 112 35.61 0.39 12.90
C ALA B 112 35.45 -0.32 11.56
N HIS B 113 35.18 0.48 10.54
CA HIS B 113 35.02 -0.03 9.18
C HIS B 113 35.66 0.98 8.25
N GLY B 114 35.96 0.56 7.03
CA GLY B 114 36.58 1.46 6.08
C GLY B 114 35.66 1.94 4.98
N ALA B 115 34.36 2.05 5.26
CA ALA B 115 33.42 2.52 4.26
C ALA B 115 33.65 4.02 4.09
N THR B 116 33.42 4.56 2.89
CA THR B 116 33.67 5.98 2.68
C THR B 116 32.71 6.87 3.46
N GLY B 117 33.20 8.06 3.81
CA GLY B 117 32.39 8.99 4.57
C GLY B 117 31.24 9.59 3.81
N LYS B 118 31.17 9.33 2.51
CA LYS B 118 30.10 9.90 1.71
C LYS B 118 29.13 8.89 1.06
N GLY B 119 29.33 7.59 1.29
CA GLY B 119 28.45 6.61 0.66
C GLY B 119 27.34 5.96 1.47
N ASN B 120 26.87 4.82 1.00
CA ASN B 120 25.78 4.07 1.66
C ASN B 120 26.21 2.98 2.63
N ASP B 121 27.32 2.29 2.34
CA ASP B 121 27.79 1.22 3.22
C ASP B 121 27.97 1.65 4.66
N GLN B 122 28.39 2.89 4.88
CA GLN B 122 28.60 3.38 6.23
C GLN B 122 27.30 3.29 7.02
N VAL B 123 26.20 3.68 6.39
CA VAL B 123 24.89 3.63 7.03
C VAL B 123 24.53 2.19 7.34
N ARG B 124 24.80 1.29 6.42
CA ARG B 124 24.46 -0.11 6.63
C ARG B 124 25.21 -0.68 7.83
N PHE B 125 26.52 -0.47 7.87
CA PHE B 125 27.33 -0.96 8.97
C PHE B 125 26.87 -0.45 10.32
N GLU B 126 26.67 0.86 10.40
CA GLU B 126 26.31 1.49 11.66
C GLU B 126 24.86 1.30 12.12
N LEU B 127 23.91 1.28 11.19
CA LEU B 127 22.54 1.05 11.60
C LEU B 127 22.43 -0.31 12.30
N THR B 128 23.07 -1.33 11.75
CA THR B 128 22.99 -2.63 12.42
C THR B 128 23.84 -2.66 13.69
N ALA B 129 25.01 -2.02 13.66
CA ALA B 129 25.87 -1.98 14.84
C ALA B 129 25.09 -1.38 16.02
N TYR B 130 24.49 -0.21 15.81
CA TYR B 130 23.74 0.44 16.87
C TYR B 130 22.50 -0.35 17.31
N ALA B 131 21.85 -1.00 16.36
CA ALA B 131 20.65 -1.78 16.65
C ALA B 131 20.95 -3.00 17.51
N LEU B 132 22.14 -3.57 17.35
CA LEU B 132 22.50 -4.77 18.11
C LEU B 132 23.18 -4.44 19.45
N LYS B 133 23.91 -3.33 19.50
CA LYS B 133 24.58 -2.91 20.73
C LYS B 133 24.51 -1.38 20.74
N PRO B 134 23.48 -0.82 21.38
CA PRO B 134 23.28 0.63 21.48
C PRO B 134 24.42 1.49 22.02
N ASP B 135 25.22 0.93 22.92
CA ASP B 135 26.32 1.68 23.51
C ASP B 135 27.63 1.53 22.75
N ILE B 136 27.63 0.80 21.64
CA ILE B 136 28.87 0.64 20.90
C ILE B 136 29.36 1.97 20.36
N LYS B 137 30.68 2.10 20.27
CA LYS B 137 31.26 3.31 19.73
C LYS B 137 31.71 2.94 18.31
N VAL B 138 31.33 3.75 17.34
CA VAL B 138 31.72 3.48 15.97
C VAL B 138 32.71 4.53 15.47
N ILE B 139 33.83 4.07 14.94
CA ILE B 139 34.84 4.95 14.40
C ILE B 139 34.92 4.72 12.91
N ALA B 140 34.62 5.76 12.14
CA ALA B 140 34.67 5.67 10.70
C ALA B 140 35.79 6.61 10.27
N PRO B 141 37.00 6.07 10.12
CA PRO B 141 38.17 6.86 9.71
C PRO B 141 37.94 7.80 8.53
N TRP B 142 37.26 7.33 7.48
CA TRP B 142 37.03 8.19 6.34
C TRP B 142 36.25 9.45 6.67
N ARG B 143 35.47 9.41 7.75
CA ARG B 143 34.71 10.58 8.16
C ARG B 143 35.51 11.40 9.19
N GLU B 144 36.59 10.83 9.71
CA GLU B 144 37.38 11.48 10.75
C GLU B 144 38.79 11.96 10.45
N TRP B 145 39.50 11.29 9.55
CA TRP B 145 40.88 11.65 9.30
C TRP B 145 41.16 12.88 8.47
N SER B 146 42.46 13.17 8.34
CA SER B 146 42.91 14.34 7.64
C SER B 146 43.52 14.09 6.28
N PHE B 147 43.72 12.83 5.90
CA PHE B 147 44.30 12.52 4.59
C PHE B 147 43.54 13.36 3.59
N GLN B 148 44.26 14.07 2.73
CA GLN B 148 43.61 14.92 1.76
C GLN B 148 43.71 14.40 0.34
N GLY B 149 44.51 13.36 0.14
CA GLY B 149 44.65 12.80 -1.19
C GLY B 149 45.17 11.38 -1.19
N ARG B 150 44.96 10.70 -2.32
CA ARG B 150 45.39 9.33 -2.52
C ARG B 150 46.91 9.18 -2.37
N LYS B 151 47.64 10.14 -2.95
CA LYS B 151 49.09 10.11 -2.90
C LYS B 151 49.61 10.17 -1.46
N GLU B 152 49.01 11.03 -0.64
CA GLU B 152 49.43 11.16 0.75
C GLU B 152 49.23 9.84 1.47
N MET B 153 48.13 9.18 1.14
CA MET B 153 47.79 7.89 1.74
C MET B 153 48.81 6.82 1.35
N ILE B 154 49.33 6.89 0.12
CA ILE B 154 50.32 5.91 -0.31
C ILE B 154 51.62 6.12 0.45
N ALA B 155 52.02 7.38 0.61
CA ALA B 155 53.26 7.70 1.33
C ALA B 155 53.16 7.23 2.78
N TYR B 156 51.98 7.39 3.37
CA TYR B 156 51.74 6.97 4.73
C TYR B 156 51.90 5.45 4.80
N ALA B 157 51.30 4.74 3.85
CA ALA B 157 51.39 3.29 3.82
C ALA B 157 52.85 2.85 3.67
N GLU B 158 53.55 3.44 2.70
CA GLU B 158 54.94 3.08 2.49
C GLU B 158 55.78 3.36 3.73
N ALA B 159 55.48 4.46 4.43
CA ALA B 159 56.23 4.78 5.63
C ALA B 159 56.00 3.74 6.72
N HIS B 160 54.83 3.12 6.70
CA HIS B 160 54.51 2.11 7.71
C HIS B 160 54.75 0.67 7.29
N GLY B 161 55.55 0.47 6.25
CA GLY B 161 55.84 -0.89 5.80
C GLY B 161 54.69 -1.64 5.15
N ILE B 162 53.59 -0.96 4.87
CA ILE B 162 52.43 -1.61 4.22
C ILE B 162 52.61 -1.62 2.71
N PRO B 163 52.71 -2.82 2.11
CA PRO B 163 52.88 -2.94 0.66
C PRO B 163 51.81 -2.23 -0.14
N VAL B 164 52.19 -1.68 -1.29
CA VAL B 164 51.28 -0.94 -2.14
C VAL B 164 51.15 -1.54 -3.55
N PRO B 165 49.92 -1.52 -4.12
CA PRO B 165 49.47 -2.02 -5.44
C PRO B 165 50.50 -2.40 -6.51
N PRO B 171 40.02 1.27 -13.06
CA PRO B 171 39.08 1.66 -14.14
C PRO B 171 37.68 1.75 -13.55
N TYR B 172 37.46 0.96 -12.50
CA TYR B 172 36.19 0.90 -11.80
C TYR B 172 36.43 0.11 -10.51
N SER B 173 35.51 0.18 -9.56
CA SER B 173 35.69 -0.56 -8.31
C SER B 173 34.63 -1.66 -8.19
N MET B 174 35.00 -2.76 -7.55
CA MET B 174 34.11 -3.90 -7.43
C MET B 174 33.87 -4.37 -6.01
N ASP B 175 32.83 -5.18 -5.86
CA ASP B 175 32.51 -5.77 -4.58
C ASP B 175 31.93 -7.13 -4.91
N ALA B 176 32.54 -8.19 -4.36
CA ALA B 176 32.09 -9.55 -4.65
C ALA B 176 31.81 -10.40 -3.43
N ASN B 177 30.76 -11.21 -3.53
CA ASN B 177 30.38 -12.13 -2.47
C ASN B 177 29.63 -13.28 -3.14
N LEU B 178 29.09 -14.19 -2.35
CA LEU B 178 28.36 -15.32 -2.92
C LEU B 178 27.13 -14.96 -3.77
N LEU B 179 26.53 -13.80 -3.54
CA LEU B 179 25.34 -13.44 -4.30
C LEU B 179 25.65 -12.71 -5.61
N HIS B 180 26.68 -11.88 -5.62
CA HIS B 180 26.98 -11.15 -6.84
C HIS B 180 28.34 -10.45 -6.83
N ILE B 181 28.53 -9.61 -7.84
CA ILE B 181 29.71 -8.78 -7.96
C ILE B 181 29.19 -7.50 -8.60
N SER B 182 29.44 -6.37 -7.93
CA SER B 182 29.02 -5.08 -8.46
C SER B 182 30.20 -4.32 -9.01
N TYR B 183 29.89 -3.42 -9.93
CA TYR B 183 30.90 -2.59 -10.57
C TYR B 183 30.35 -1.18 -10.59
N GLU B 184 31.19 -0.22 -10.23
CA GLU B 184 30.78 1.18 -10.23
C GLU B 184 32.00 2.07 -10.34
N GLY B 185 31.78 3.33 -10.72
CA GLY B 185 32.86 4.29 -10.83
C GLY B 185 33.63 4.27 -12.14
N GLY B 186 34.64 5.14 -12.22
CA GLY B 186 35.46 5.22 -13.41
C GLY B 186 34.67 5.42 -14.69
N VAL B 187 34.93 4.58 -15.67
CA VAL B 187 34.25 4.65 -16.96
C VAL B 187 32.75 4.38 -16.81
N LEU B 188 32.37 3.68 -15.76
CA LEU B 188 30.97 3.36 -15.52
C LEU B 188 30.18 4.60 -15.10
N GLU B 189 30.88 5.68 -14.73
CA GLU B 189 30.19 6.88 -14.28
C GLU B 189 29.40 7.63 -15.34
N ASP B 190 29.66 7.33 -16.60
CA ASP B 190 28.89 7.97 -17.66
C ASP B 190 27.72 7.02 -17.96
N PRO B 191 26.51 7.39 -17.52
CA PRO B 191 25.33 6.54 -17.75
C PRO B 191 24.99 6.27 -19.20
N TRP B 192 25.64 6.97 -20.12
CA TRP B 192 25.38 6.78 -21.54
C TRP B 192 26.39 5.83 -22.18
N ALA B 193 27.44 5.50 -21.43
CA ALA B 193 28.49 4.61 -21.93
C ALA B 193 28.27 3.16 -21.50
N GLU B 194 28.28 2.25 -22.47
CA GLU B 194 28.12 0.83 -22.18
C GLU B 194 29.35 0.36 -21.42
N PRO B 195 29.17 -0.56 -20.43
CA PRO B 195 30.32 -1.06 -19.67
C PRO B 195 31.42 -1.55 -20.60
N PRO B 196 32.69 -1.41 -20.21
CA PRO B 196 33.82 -1.85 -21.03
C PRO B 196 33.87 -3.37 -21.23
N LYS B 197 34.41 -3.77 -22.38
CA LYS B 197 34.53 -5.18 -22.72
C LYS B 197 35.36 -5.90 -21.67
N GLY B 198 35.03 -7.17 -21.42
CA GLY B 198 35.78 -7.96 -20.47
C GLY B 198 35.70 -7.54 -19.02
N MET B 199 34.70 -6.75 -18.64
CA MET B 199 34.59 -6.31 -17.26
C MET B 199 34.06 -7.41 -16.32
N PHE B 200 33.06 -8.15 -16.78
CA PHE B 200 32.46 -9.19 -15.95
C PHE B 200 33.39 -10.33 -15.63
N ARG B 201 33.33 -10.78 -14.38
CA ARG B 201 34.19 -11.85 -13.91
C ARG B 201 33.41 -13.09 -13.51
N MET B 202 32.29 -12.87 -12.83
CA MET B 202 31.49 -13.98 -12.37
C MET B 202 30.65 -14.67 -13.46
N THR B 203 30.34 -13.95 -14.53
CA THR B 203 29.54 -14.53 -15.59
C THR B 203 30.19 -14.42 -16.95
N GLN B 204 30.04 -15.46 -17.76
CA GLN B 204 30.62 -15.45 -19.09
C GLN B 204 29.85 -14.51 -20.02
N ASP B 205 30.54 -13.94 -21.00
CA ASP B 205 29.84 -13.06 -21.93
C ASP B 205 28.85 -13.90 -22.71
N PRO B 206 27.62 -13.39 -22.88
CA PRO B 206 26.59 -14.12 -23.62
C PRO B 206 27.08 -14.55 -25.00
N GLU B 207 27.94 -13.73 -25.61
CA GLU B 207 28.47 -14.04 -26.93
C GLU B 207 29.36 -15.27 -26.90
N GLU B 208 29.90 -15.60 -25.73
CA GLU B 208 30.78 -16.75 -25.61
C GLU B 208 30.11 -17.91 -24.90
N ALA B 209 28.84 -17.74 -24.54
CA ALA B 209 28.11 -18.80 -23.83
C ALA B 209 27.82 -19.97 -24.76
N PRO B 210 27.57 -21.17 -24.21
CA PRO B 210 27.27 -22.38 -24.98
C PRO B 210 26.19 -22.21 -26.04
N ASP B 211 26.33 -22.92 -27.15
CA ASP B 211 25.36 -22.87 -28.23
C ASP B 211 24.20 -23.77 -27.83
N ALA B 212 24.44 -24.62 -26.85
CA ALA B 212 23.43 -25.54 -26.36
C ALA B 212 22.76 -25.05 -25.08
N PRO B 213 21.43 -24.92 -25.10
CA PRO B 213 20.75 -24.46 -23.88
C PRO B 213 20.86 -25.53 -22.80
N GLU B 214 20.82 -25.10 -21.54
CA GLU B 214 20.91 -26.05 -20.43
C GLU B 214 19.68 -25.92 -19.57
N TYR B 215 19.08 -27.06 -19.23
CA TYR B 215 17.91 -27.09 -18.38
C TYR B 215 18.36 -27.32 -16.95
N VAL B 216 17.74 -26.61 -16.03
CA VAL B 216 18.08 -26.73 -14.61
C VAL B 216 16.80 -26.82 -13.80
N GLU B 217 16.83 -27.65 -12.77
CA GLU B 217 15.67 -27.79 -11.92
C GLU B 217 16.05 -27.42 -10.51
N VAL B 218 15.21 -26.62 -9.88
CA VAL B 218 15.43 -26.17 -8.53
C VAL B 218 14.23 -26.55 -7.68
N GLU B 219 14.46 -27.31 -6.61
CA GLU B 219 13.40 -27.73 -5.71
C GLU B 219 13.32 -26.76 -4.52
N PHE B 220 12.10 -26.36 -4.17
CA PHE B 220 11.90 -25.47 -3.03
C PHE B 220 11.13 -26.26 -1.97
N PHE B 221 11.58 -26.23 -0.72
CA PHE B 221 10.83 -26.94 0.29
C PHE B 221 10.59 -25.79 1.24
N GLU B 222 9.37 -25.34 1.40
CA GLU B 222 9.16 -24.24 2.35
C GLU B 222 9.63 -22.81 2.23
N GLY B 223 9.69 -22.35 0.98
CA GLY B 223 10.15 -21.00 0.70
C GLY B 223 11.62 -20.96 0.36
N ASP B 224 12.39 -21.98 0.74
CA ASP B 224 13.83 -22.01 0.46
C ASP B 224 14.27 -23.10 -0.52
N PRO B 225 15.21 -22.77 -1.41
CA PRO B 225 15.69 -23.77 -2.37
C PRO B 225 16.51 -24.82 -1.61
N VAL B 226 16.19 -26.09 -1.83
CA VAL B 226 16.89 -27.18 -1.14
C VAL B 226 17.61 -28.16 -2.07
N ALA B 227 17.35 -28.09 -3.38
CA ALA B 227 18.01 -28.99 -4.30
C ALA B 227 18.11 -28.47 -5.73
N VAL B 228 19.21 -28.85 -6.38
CA VAL B 228 19.47 -28.48 -7.76
C VAL B 228 19.65 -29.78 -8.54
N ASN B 229 18.80 -29.99 -9.54
CA ASN B 229 18.84 -31.18 -10.38
C ASN B 229 18.86 -32.46 -9.54
N GLY B 230 17.97 -32.52 -8.54
CA GLY B 230 17.87 -33.67 -7.68
C GLY B 230 18.91 -33.80 -6.59
N GLU B 231 19.95 -32.99 -6.63
CA GLU B 231 21.00 -33.07 -5.61
C GLU B 231 20.74 -32.08 -4.47
N ARG B 232 20.64 -32.62 -3.26
CA ARG B 232 20.39 -31.82 -2.06
C ARG B 232 21.64 -31.01 -1.77
N LEU B 233 21.50 -29.70 -1.61
CA LEU B 233 22.66 -28.86 -1.32
C LEU B 233 22.37 -27.87 -0.20
N SER B 234 23.38 -27.64 0.64
CA SER B 234 23.24 -26.68 1.73
C SER B 234 23.09 -25.30 1.10
N PRO B 235 22.51 -24.35 1.85
CA PRO B 235 22.32 -23.00 1.29
C PRO B 235 23.50 -22.42 0.50
N ALA B 236 24.69 -22.39 1.10
CA ALA B 236 25.86 -21.85 0.41
C ALA B 236 26.28 -22.69 -0.78
N ALA B 237 26.26 -24.01 -0.63
CA ALA B 237 26.64 -24.91 -1.71
C ALA B 237 25.65 -24.79 -2.88
N LEU B 238 24.38 -24.54 -2.56
CA LEU B 238 23.36 -24.41 -3.59
C LEU B 238 23.52 -23.10 -4.36
N LEU B 239 23.78 -22.01 -3.65
CA LEU B 239 23.96 -20.71 -4.31
C LEU B 239 25.18 -20.84 -5.22
N GLN B 240 26.23 -21.46 -4.70
CA GLN B 240 27.47 -21.68 -5.42
C GLN B 240 27.20 -22.45 -6.72
N ARG B 241 26.48 -23.57 -6.61
CA ARG B 241 26.16 -24.40 -7.76
C ARG B 241 25.42 -23.63 -8.83
N LEU B 242 24.43 -22.82 -8.44
CA LEU B 242 23.68 -22.06 -9.42
C LEU B 242 24.48 -20.91 -10.01
N ASN B 243 25.53 -20.45 -9.32
CA ASN B 243 26.37 -19.40 -9.88
C ASN B 243 27.18 -20.06 -11.00
N GLU B 244 27.65 -21.28 -10.75
CA GLU B 244 28.43 -22.01 -11.76
C GLU B 244 27.59 -22.28 -13.01
N ILE B 245 26.43 -22.87 -12.81
CA ILE B 245 25.55 -23.18 -13.93
C ILE B 245 25.10 -21.90 -14.64
N GLY B 246 24.59 -20.95 -13.86
CA GLY B 246 24.13 -19.72 -14.43
C GLY B 246 25.25 -18.89 -15.04
N GLY B 247 26.38 -18.82 -14.35
CA GLY B 247 27.50 -18.05 -14.85
C GLY B 247 28.00 -18.52 -16.22
N ARG B 248 28.04 -19.83 -16.42
CA ARG B 248 28.51 -20.36 -17.69
C ARG B 248 27.68 -19.82 -18.84
N HIS B 249 26.41 -19.53 -18.58
CA HIS B 249 25.54 -19.01 -19.63
C HIS B 249 25.43 -17.48 -19.66
N GLY B 250 26.18 -16.80 -18.79
CA GLY B 250 26.15 -15.34 -18.75
C GLY B 250 24.87 -14.74 -18.22
N VAL B 251 24.19 -15.51 -17.36
CA VAL B 251 22.92 -15.09 -16.77
C VAL B 251 23.07 -14.10 -15.61
N GLY B 252 22.10 -13.21 -15.47
CA GLY B 252 22.09 -12.27 -14.35
C GLY B 252 22.80 -10.93 -14.44
N ARG B 253 22.87 -10.33 -15.62
CA ARG B 253 23.53 -9.03 -15.74
C ARG B 253 22.54 -7.88 -15.70
N VAL B 254 22.82 -6.91 -14.85
CA VAL B 254 21.98 -5.73 -14.67
C VAL B 254 22.84 -4.47 -14.82
N ASP B 255 22.28 -3.46 -15.48
CA ASP B 255 22.96 -2.18 -15.68
C ASP B 255 21.91 -1.11 -15.32
N ILE B 256 22.06 -0.51 -14.15
CA ILE B 256 21.11 0.47 -13.67
C ILE B 256 21.69 1.72 -12.99
N VAL B 257 20.91 2.79 -13.01
CA VAL B 257 21.26 3.99 -12.30
C VAL B 257 20.27 3.91 -11.15
N GLU B 258 20.79 3.71 -9.95
CA GLU B 258 19.98 3.55 -8.76
C GLU B 258 19.94 4.78 -7.87
N ASN B 259 18.90 4.86 -7.04
CA ASN B 259 18.78 5.98 -6.11
C ASN B 259 19.38 5.56 -4.78
N ARG B 260 20.38 6.33 -4.34
CA ARG B 260 21.04 6.06 -3.08
C ARG B 260 20.26 6.65 -1.91
N PHE B 261 20.53 6.12 -0.72
CA PHE B 261 19.88 6.59 0.50
C PHE B 261 20.54 7.89 0.94
N VAL B 262 21.87 7.95 0.87
CA VAL B 262 22.57 9.15 1.28
C VAL B 262 22.62 10.22 0.19
N GLY B 263 23.49 10.05 -0.79
CA GLY B 263 23.58 11.05 -1.86
C GLY B 263 22.45 10.99 -2.87
N MET B 264 22.79 11.14 -4.15
CA MET B 264 21.79 11.11 -5.22
C MET B 264 21.73 9.77 -5.96
N LYS B 265 22.14 9.78 -7.22
CA LYS B 265 22.11 8.58 -8.05
C LYS B 265 23.50 8.05 -8.40
N SER B 266 23.59 6.76 -8.68
CA SER B 266 24.84 6.14 -9.08
C SER B 266 24.58 5.04 -10.10
N ARG B 267 25.49 4.92 -11.06
CA ARG B 267 25.39 3.93 -12.11
C ARG B 267 26.09 2.67 -11.63
N GLY B 268 25.33 1.59 -11.51
CA GLY B 268 25.90 0.34 -11.07
C GLY B 268 25.63 -0.82 -12.01
N VAL B 269 26.58 -1.72 -12.10
CA VAL B 269 26.44 -2.89 -12.96
C VAL B 269 26.59 -4.08 -12.04
N TYR B 270 25.61 -4.98 -12.09
CA TYR B 270 25.63 -6.15 -11.24
C TYR B 270 25.43 -7.46 -12.00
N GLU B 271 26.13 -8.49 -11.57
CA GLU B 271 25.99 -9.82 -12.16
C GLU B 271 25.60 -10.74 -11.00
N THR B 272 24.40 -11.29 -11.10
CA THR B 272 23.85 -12.16 -10.06
C THR B 272 23.29 -13.44 -10.69
N PRO B 273 24.16 -14.29 -11.25
CA PRO B 273 23.75 -15.53 -11.90
C PRO B 273 22.85 -16.47 -11.07
N GLY B 274 23.34 -16.92 -9.93
CA GLY B 274 22.56 -17.82 -9.09
C GLY B 274 21.28 -17.19 -8.57
N GLY B 275 21.40 -15.95 -8.08
CA GLY B 275 20.24 -15.26 -7.54
C GLY B 275 19.16 -15.04 -8.57
N THR B 276 19.57 -14.75 -9.81
CA THR B 276 18.62 -14.52 -10.88
C THR B 276 17.85 -15.78 -11.20
N ILE B 277 18.53 -16.92 -11.23
CA ILE B 277 17.87 -18.18 -11.49
C ILE B 277 16.86 -18.43 -10.36
N LEU B 278 17.32 -18.25 -9.12
CA LEU B 278 16.48 -18.44 -7.94
C LEU B 278 15.26 -17.52 -7.93
N TYR B 279 15.42 -16.30 -8.43
CA TYR B 279 14.31 -15.36 -8.49
C TYR B 279 13.14 -15.92 -9.32
N HIS B 280 13.42 -16.30 -10.57
CA HIS B 280 12.39 -16.85 -11.47
C HIS B 280 11.89 -18.23 -11.06
N ALA B 281 12.79 -19.03 -10.49
CA ALA B 281 12.45 -20.38 -10.04
C ALA B 281 11.42 -20.27 -8.93
N ARG B 282 11.68 -19.38 -7.98
CA ARG B 282 10.78 -19.16 -6.86
C ARG B 282 9.40 -18.75 -7.38
N ARG B 283 9.36 -17.78 -8.28
CA ARG B 283 8.08 -17.33 -8.81
C ARG B 283 7.36 -18.43 -9.59
N ALA B 284 8.13 -19.34 -10.19
CA ALA B 284 7.55 -20.43 -10.96
C ALA B 284 6.79 -21.38 -10.02
N VAL B 285 7.42 -21.67 -8.88
CA VAL B 285 6.81 -22.55 -7.90
C VAL B 285 5.62 -21.84 -7.24
N GLU B 286 5.75 -20.54 -7.00
CA GLU B 286 4.68 -19.77 -6.39
C GLU B 286 3.45 -19.70 -7.28
N SER B 287 3.67 -19.73 -8.60
CA SER B 287 2.55 -19.64 -9.53
C SER B 287 1.56 -20.81 -9.36
N LEU B 288 2.03 -21.91 -8.77
CA LEU B 288 1.16 -23.06 -8.54
C LEU B 288 0.78 -23.24 -7.08
N THR B 289 1.60 -22.73 -6.17
CA THR B 289 1.35 -22.89 -4.75
C THR B 289 0.70 -21.74 -4.00
N LEU B 290 0.86 -20.52 -4.48
CA LEU B 290 0.27 -19.39 -3.79
C LEU B 290 -1.10 -18.99 -4.30
N ASP B 291 -1.93 -18.52 -3.37
CA ASP B 291 -3.28 -18.05 -3.69
C ASP B 291 -3.18 -16.70 -4.39
N ARG B 292 -4.12 -16.44 -5.30
CA ARG B 292 -4.13 -15.20 -6.06
C ARG B 292 -4.06 -13.93 -5.20
N GLU B 293 -5.01 -13.78 -4.29
CA GLU B 293 -5.03 -12.60 -3.45
C GLU B 293 -3.78 -12.49 -2.57
N VAL B 294 -3.26 -13.62 -2.09
CA VAL B 294 -2.06 -13.58 -1.27
C VAL B 294 -0.88 -13.09 -2.12
N LEU B 295 -0.76 -13.61 -3.34
CA LEU B 295 0.33 -13.22 -4.22
C LEU B 295 0.32 -11.73 -4.50
N HIS B 296 -0.85 -11.21 -4.85
CA HIS B 296 -0.98 -9.79 -5.15
C HIS B 296 -0.60 -8.90 -3.98
N GLN B 297 -1.06 -9.26 -2.78
CA GLN B 297 -0.73 -8.47 -1.59
C GLN B 297 0.78 -8.53 -1.34
N ARG B 298 1.34 -9.73 -1.43
CA ARG B 298 2.77 -9.94 -1.21
C ARG B 298 3.63 -9.08 -2.14
N ASP B 299 3.28 -9.06 -3.42
CA ASP B 299 4.02 -8.27 -4.40
C ASP B 299 3.91 -6.78 -4.16
N MET B 300 2.84 -6.34 -3.52
CA MET B 300 2.73 -4.91 -3.25
C MET B 300 3.61 -4.50 -2.06
N LEU B 301 4.04 -5.45 -1.24
CA LEU B 301 4.89 -5.14 -0.08
C LEU B 301 6.37 -5.37 -0.36
N SER B 302 6.68 -6.22 -1.35
CA SER B 302 8.06 -6.53 -1.72
C SER B 302 8.95 -5.30 -1.92
N PRO B 303 8.46 -4.28 -2.66
CA PRO B 303 9.27 -3.08 -2.89
C PRO B 303 9.65 -2.37 -1.60
N LYS B 304 8.72 -2.29 -0.66
CA LYS B 304 8.97 -1.62 0.61
C LYS B 304 10.08 -2.38 1.31
N TYR B 305 9.98 -3.69 1.28
CA TYR B 305 10.98 -4.54 1.91
C TYR B 305 12.34 -4.32 1.24
N ALA B 306 12.33 -4.27 -0.10
CA ALA B 306 13.55 -4.07 -0.87
C ALA B 306 14.27 -2.79 -0.47
N GLU B 307 13.51 -1.71 -0.29
CA GLU B 307 14.14 -0.45 0.09
C GLU B 307 14.65 -0.49 1.54
N LEU B 308 13.98 -1.23 2.40
CA LEU B 308 14.43 -1.34 3.78
C LEU B 308 15.81 -2.00 3.79
N VAL B 309 15.94 -3.08 3.04
CA VAL B 309 17.20 -3.80 2.93
C VAL B 309 18.26 -2.91 2.30
N TYR B 310 17.90 -2.22 1.24
CA TYR B 310 18.83 -1.33 0.54
C TYR B 310 19.37 -0.22 1.44
N TYR B 311 18.47 0.43 2.18
CA TYR B 311 18.87 1.50 3.07
C TYR B 311 19.69 1.04 4.27
N GLY B 312 19.59 -0.25 4.60
CA GLY B 312 20.35 -0.80 5.71
C GLY B 312 19.55 -1.14 6.96
N PHE B 313 18.23 -1.13 6.85
CA PHE B 313 17.38 -1.45 8.00
C PHE B 313 17.05 -2.94 8.08
N TRP B 314 18.08 -3.78 8.17
CA TRP B 314 17.90 -5.23 8.28
C TRP B 314 17.45 -5.59 9.69
N TYR B 315 18.25 -5.22 10.69
CA TYR B 315 17.90 -5.49 12.08
C TYR B 315 17.06 -4.34 12.60
N ALA B 316 15.94 -4.09 11.94
CA ALA B 316 15.01 -3.04 12.30
C ALA B 316 13.64 -3.69 12.45
N PRO B 317 12.84 -3.22 13.41
CA PRO B 317 11.51 -3.80 13.62
C PRO B 317 10.58 -3.86 12.41
N GLU B 318 10.64 -2.87 11.52
CA GLU B 318 9.78 -2.86 10.33
C GLU B 318 10.08 -4.03 9.41
N ARG B 319 11.36 -4.27 9.16
CA ARG B 319 11.77 -5.35 8.28
C ARG B 319 11.36 -6.68 8.90
N GLU B 320 11.55 -6.83 10.20
CA GLU B 320 11.17 -8.06 10.86
C GLU B 320 9.65 -8.31 10.88
N ALA B 321 8.87 -7.26 10.98
CA ALA B 321 7.41 -7.40 10.97
C ALA B 321 6.99 -7.89 9.57
N LEU B 322 7.56 -7.27 8.53
CA LEU B 322 7.24 -7.68 7.18
C LEU B 322 7.74 -9.11 6.97
N GLN B 323 8.90 -9.43 7.52
CA GLN B 323 9.47 -10.76 7.38
C GLN B 323 8.53 -11.82 7.93
N ALA B 324 7.77 -11.45 8.96
CA ALA B 324 6.80 -12.37 9.54
C ALA B 324 5.73 -12.67 8.49
N TYR B 325 5.34 -11.65 7.72
CA TYR B 325 4.34 -11.81 6.66
C TYR B 325 4.90 -12.65 5.51
N PHE B 326 6.08 -12.28 5.01
CA PHE B 326 6.70 -12.99 3.90
C PHE B 326 6.97 -14.46 4.23
N ASP B 327 7.42 -14.73 5.46
CA ASP B 327 7.71 -16.10 5.87
C ASP B 327 6.43 -16.93 5.98
N HIS B 328 5.35 -16.28 6.38
CA HIS B 328 4.08 -16.97 6.48
C HIS B 328 3.69 -17.44 5.08
N VAL B 329 3.78 -16.54 4.12
CA VAL B 329 3.44 -16.85 2.73
C VAL B 329 4.38 -17.88 2.10
N ALA B 330 5.68 -17.63 2.23
CA ALA B 330 6.70 -18.49 1.65
C ALA B 330 6.62 -19.95 2.09
N ARG B 331 6.04 -20.19 3.26
CA ARG B 331 5.92 -21.54 3.80
C ARG B 331 5.19 -22.50 2.83
N SER B 332 4.33 -21.95 1.96
CA SER B 332 3.58 -22.75 0.99
C SER B 332 4.36 -23.01 -0.31
N VAL B 333 5.48 -22.33 -0.49
CA VAL B 333 6.26 -22.49 -1.70
C VAL B 333 7.08 -23.77 -1.69
N THR B 334 6.41 -24.87 -2.04
CA THR B 334 7.01 -26.21 -2.09
C THR B 334 6.78 -26.77 -3.48
N GLY B 335 7.84 -27.15 -4.17
CA GLY B 335 7.71 -27.68 -5.51
C GLY B 335 9.01 -27.55 -6.28
N VAL B 336 8.93 -27.81 -7.58
CA VAL B 336 10.10 -27.73 -8.43
C VAL B 336 9.88 -26.82 -9.62
N ALA B 337 10.92 -26.06 -9.94
CA ALA B 337 10.90 -25.17 -11.08
C ALA B 337 11.90 -25.70 -12.10
N ARG B 338 11.50 -25.66 -13.37
CA ARG B 338 12.37 -26.11 -14.44
C ARG B 338 12.66 -24.89 -15.31
N LEU B 339 13.93 -24.52 -15.39
CA LEU B 339 14.32 -23.36 -16.18
C LEU B 339 15.28 -23.73 -17.28
N LYS B 340 15.28 -22.91 -18.33
CA LYS B 340 16.14 -23.12 -19.48
C LYS B 340 17.13 -21.97 -19.59
N LEU B 341 18.41 -22.27 -19.58
CA LEU B 341 19.43 -21.23 -19.67
C LEU B 341 20.03 -21.17 -21.06
N TYR B 342 20.09 -19.97 -21.62
CA TYR B 342 20.64 -19.79 -22.95
C TYR B 342 21.13 -18.37 -23.25
N LYS B 343 22.44 -18.25 -23.41
CA LYS B 343 23.08 -16.99 -23.73
C LYS B 343 22.53 -15.75 -23.05
N GLY B 344 22.81 -15.63 -21.76
CA GLY B 344 22.40 -14.49 -20.98
C GLY B 344 21.01 -14.55 -20.39
N ASN B 345 20.13 -15.32 -21.00
CA ASN B 345 18.77 -15.39 -20.51
C ASN B 345 18.38 -16.64 -19.71
N VAL B 346 17.33 -16.46 -18.91
CA VAL B 346 16.79 -17.53 -18.06
C VAL B 346 15.33 -17.65 -18.45
N TYR B 347 14.90 -18.83 -18.87
CA TYR B 347 13.51 -19.02 -19.25
C TYR B 347 12.86 -20.09 -18.40
N VAL B 348 11.71 -19.74 -17.82
CA VAL B 348 10.96 -20.71 -17.05
C VAL B 348 10.26 -21.56 -18.12
N VAL B 349 10.47 -22.87 -18.07
CA VAL B 349 9.85 -23.77 -19.05
C VAL B 349 8.93 -24.81 -18.43
N GLY B 350 8.91 -24.85 -17.10
CA GLY B 350 8.06 -25.80 -16.41
C GLY B 350 8.06 -25.63 -14.89
N ARG B 351 7.02 -26.14 -14.25
CA ARG B 351 6.92 -26.08 -12.79
C ARG B 351 5.89 -27.09 -12.36
N LYS B 352 6.12 -27.66 -11.17
CA LYS B 352 5.22 -28.66 -10.59
C LYS B 352 5.24 -28.46 -9.07
N ALA B 353 4.24 -29.02 -8.40
CA ALA B 353 4.15 -28.89 -6.95
C ALA B 353 3.18 -29.92 -6.37
N PRO B 354 3.51 -30.45 -5.19
CA PRO B 354 2.69 -31.46 -4.48
C PRO B 354 1.32 -30.92 -4.16
N LYS B 355 1.25 -29.66 -3.77
CA LYS B 355 -0.03 -29.04 -3.43
C LYS B 355 -0.40 -27.97 -4.42
N SER B 356 -0.17 -28.23 -5.70
CA SER B 356 -0.51 -27.29 -6.74
C SER B 356 -2.00 -26.97 -6.70
N LEU B 357 -2.34 -25.70 -6.92
CA LEU B 357 -3.74 -25.27 -6.93
C LEU B 357 -4.21 -25.25 -8.39
N TYR B 358 -3.36 -25.76 -9.28
CA TYR B 358 -3.66 -25.81 -10.71
C TYR B 358 -4.32 -27.11 -11.14
N ARG B 359 -5.55 -27.02 -11.64
CA ARG B 359 -6.32 -28.17 -12.14
C ARG B 359 -6.74 -27.76 -13.55
N GLN B 360 -5.89 -28.03 -14.54
CA GLN B 360 -6.17 -27.64 -15.94
C GLN B 360 -7.61 -27.81 -16.43
N ASP B 361 -8.50 -28.31 -15.55
CA ASP B 361 -9.91 -28.51 -15.89
C ASP B 361 -10.42 -27.44 -16.84
N GLY B 370 -16.88 -26.28 -10.74
CA GLY B 370 -17.16 -25.52 -9.49
C GLY B 370 -18.10 -24.34 -9.73
N TYR B 371 -18.49 -24.14 -10.98
CA TYR B 371 -19.39 -23.04 -11.34
C TYR B 371 -19.74 -23.21 -12.82
N ASP B 372 -20.89 -22.65 -13.23
CA ASP B 372 -21.29 -22.76 -14.64
C ASP B 372 -21.42 -21.39 -15.30
N GLN B 373 -21.81 -21.38 -16.57
CA GLN B 373 -21.93 -20.14 -17.32
C GLN B 373 -22.84 -19.14 -16.60
N LYS B 374 -23.96 -19.62 -16.08
CA LYS B 374 -24.88 -18.74 -15.38
C LYS B 374 -24.17 -18.05 -14.23
N ASP B 375 -23.32 -18.79 -13.52
CA ASP B 375 -22.60 -18.23 -12.40
C ASP B 375 -21.83 -17.00 -12.86
N ALA B 376 -21.07 -17.15 -13.94
CA ALA B 376 -20.29 -16.04 -14.48
C ALA B 376 -21.15 -14.81 -14.75
N GLU B 377 -22.36 -15.00 -15.27
CA GLU B 377 -23.21 -13.85 -15.55
C GLU B 377 -23.56 -13.11 -14.26
N GLY B 378 -23.89 -13.86 -13.22
CA GLY B 378 -24.23 -13.24 -11.95
C GLY B 378 -23.06 -12.41 -11.44
N PHE B 379 -21.87 -12.99 -11.56
CA PHE B 379 -20.62 -12.34 -11.15
C PHE B 379 -20.48 -11.00 -11.88
N ILE B 380 -20.66 -11.03 -13.19
CA ILE B 380 -20.55 -9.82 -14.00
C ILE B 380 -21.51 -8.74 -13.55
N LYS B 381 -22.77 -9.13 -13.36
CA LYS B 381 -23.80 -8.18 -12.93
C LYS B 381 -23.41 -7.48 -11.64
N ILE B 382 -23.06 -8.26 -10.63
CA ILE B 382 -22.68 -7.68 -9.34
C ILE B 382 -21.45 -6.79 -9.50
N GLN B 383 -20.40 -7.28 -10.15
CA GLN B 383 -19.19 -6.50 -10.35
C GLN B 383 -19.49 -5.20 -11.11
N ALA B 384 -20.44 -5.25 -12.03
CA ALA B 384 -20.80 -4.08 -12.84
C ALA B 384 -21.79 -3.10 -12.22
N LEU B 385 -22.48 -3.51 -11.17
CA LEU B 385 -23.47 -2.62 -10.57
C LEU B 385 -22.98 -1.20 -10.28
N ARG B 386 -21.95 -1.06 -9.45
CA ARG B 386 -21.44 0.28 -9.10
C ARG B 386 -21.05 1.10 -10.32
N LEU B 387 -20.63 0.43 -11.39
CA LEU B 387 -20.24 1.13 -12.61
C LEU B 387 -21.49 1.63 -13.35
N ARG B 388 -22.53 0.80 -13.40
CA ARG B 388 -23.76 1.20 -14.07
C ARG B 388 -24.41 2.38 -13.34
N VAL B 389 -24.42 2.33 -12.02
CA VAL B 389 -24.99 3.40 -11.20
C VAL B 389 -24.20 4.70 -11.47
N ARG B 390 -22.88 4.57 -11.56
CA ARG B 390 -22.01 5.71 -11.84
C ARG B 390 -22.40 6.32 -13.17
N ALA B 391 -22.56 5.47 -14.18
CA ALA B 391 -22.92 5.93 -15.53
C ALA B 391 -24.26 6.65 -15.57
N LEU B 392 -25.28 6.08 -14.92
CA LEU B 392 -26.58 6.71 -14.93
C LEU B 392 -26.53 8.07 -14.25
N VAL B 393 -25.81 8.15 -13.13
CA VAL B 393 -25.72 9.40 -12.40
C VAL B 393 -25.05 10.47 -13.26
N GLU B 394 -24.01 10.09 -13.99
CA GLU B 394 -23.36 11.06 -14.86
C GLU B 394 -24.36 11.37 -15.97
N ARG B 395 -25.48 10.65 -15.93
CA ARG B 395 -26.60 10.79 -16.87
C ARG B 395 -26.24 10.31 -18.24
N MET C 1 25.88 41.79 6.42
CA MET C 1 24.99 40.82 5.70
C MET C 1 23.55 40.94 6.22
N LYS C 2 22.60 40.62 5.36
CA LYS C 2 21.19 40.69 5.75
C LYS C 2 20.69 39.29 6.11
N ILE C 3 19.90 39.21 7.18
CA ILE C 3 19.34 37.94 7.60
C ILE C 3 17.85 38.11 7.84
N VAL C 4 17.04 37.28 7.17
CA VAL C 4 15.60 37.35 7.33
C VAL C 4 15.20 36.36 8.42
N LEU C 5 14.65 36.89 9.50
CA LEU C 5 14.27 36.06 10.64
C LEU C 5 12.78 35.84 10.80
N ALA C 6 12.39 34.59 11.01
CA ALA C 6 10.99 34.24 11.25
C ALA C 6 10.78 34.71 12.68
N TYR C 7 10.30 35.94 12.83
CA TYR C 7 10.09 36.54 14.14
C TYR C 7 8.64 36.39 14.57
N SER C 8 8.45 35.75 15.71
CA SER C 8 7.12 35.50 16.23
C SER C 8 6.66 36.54 17.26
N GLY C 9 7.60 37.27 17.86
CA GLY C 9 7.25 38.27 18.86
C GLY C 9 7.51 37.85 20.30
N GLY C 10 7.73 36.55 20.51
CA GLY C 10 7.97 36.04 21.85
C GLY C 10 9.41 36.22 22.37
N LEU C 11 9.65 35.70 23.57
CA LEU C 11 10.96 35.79 24.23
C LEU C 11 12.11 35.19 23.42
N ASP C 12 11.97 33.92 23.04
CA ASP C 12 13.01 33.24 22.28
C ASP C 12 13.41 33.95 20.98
N THR C 13 12.46 34.23 20.11
CA THR C 13 12.82 34.91 18.87
C THR C 13 13.36 36.31 19.15
N SER C 14 13.01 36.87 20.30
CA SER C 14 13.51 38.19 20.64
C SER C 14 14.99 38.03 20.97
N ILE C 15 15.31 37.03 21.77
CA ILE C 15 16.70 36.77 22.15
C ILE C 15 17.50 36.48 20.89
N ILE C 16 16.91 35.69 19.99
CA ILE C 16 17.55 35.33 18.74
C ILE C 16 17.87 36.57 17.92
N LEU C 17 16.91 37.49 17.82
CA LEU C 17 17.13 38.72 17.05
C LEU C 17 18.39 39.43 17.55
N LYS C 18 18.54 39.51 18.88
CA LYS C 18 19.71 40.15 19.49
C LYS C 18 20.94 39.30 19.14
N TRP C 19 20.84 38.00 19.39
CA TRP C 19 21.94 37.08 19.12
C TRP C 19 22.47 37.24 17.70
N LEU C 20 21.57 37.44 16.74
CA LEU C 20 21.98 37.59 15.34
C LEU C 20 22.76 38.88 15.08
N LYS C 21 22.35 39.96 15.74
CA LYS C 21 23.03 41.24 15.58
C LYS C 21 24.44 41.09 16.15
N GLU C 22 24.49 40.77 17.45
CA GLU C 22 25.73 40.59 18.19
C GLU C 22 26.72 39.54 17.66
N THR C 23 26.22 38.45 17.11
CA THR C 23 27.09 37.38 16.62
C THR C 23 27.48 37.54 15.15
N TYR C 24 26.50 37.82 14.29
CA TYR C 24 26.78 37.98 12.86
C TYR C 24 26.94 39.45 12.43
N ARG C 25 26.59 40.38 13.34
CA ARG C 25 26.66 41.81 13.00
C ARG C 25 25.93 41.99 11.68
N ALA C 26 24.77 41.36 11.58
CA ALA C 26 23.99 41.43 10.36
C ALA C 26 22.78 42.30 10.55
N GLU C 27 22.26 42.79 9.42
CA GLU C 27 21.05 43.58 9.42
C GLU C 27 19.93 42.57 9.50
N VAL C 28 19.11 42.65 10.54
CA VAL C 28 18.02 41.70 10.72
C VAL C 28 16.63 42.16 10.28
N ILE C 29 16.11 41.50 9.25
CA ILE C 29 14.77 41.80 8.73
C ILE C 29 13.82 40.82 9.42
N ALA C 30 12.97 41.33 10.31
CA ALA C 30 12.04 40.46 11.01
C ALA C 30 10.81 40.24 10.17
N PHE C 31 10.23 39.04 10.27
CA PHE C 31 9.04 38.67 9.53
C PHE C 31 8.07 37.95 10.43
N THR C 32 6.86 38.50 10.55
CA THR C 32 5.82 37.90 11.35
C THR C 32 4.66 37.64 10.42
N ALA C 33 4.15 36.42 10.46
CA ALA C 33 3.03 36.07 9.61
C ALA C 33 1.84 35.85 10.49
N ASP C 34 0.73 36.49 10.13
CA ASP C 34 -0.48 36.28 10.90
C ASP C 34 -1.16 35.12 10.20
N ILE C 35 -1.13 33.96 10.84
CA ILE C 35 -1.77 32.77 10.30
C ILE C 35 -2.85 32.39 11.29
N GLY C 36 -3.25 33.36 12.10
CA GLY C 36 -4.30 33.14 13.07
C GLY C 36 -3.87 32.76 14.47
N GLN C 37 -2.70 33.22 14.92
CA GLN C 37 -2.23 32.91 16.28
C GLN C 37 -3.08 33.64 17.31
N GLY C 38 -3.93 34.56 16.84
CA GLY C 38 -4.75 35.31 17.76
C GLY C 38 -3.92 36.39 18.45
N GLU C 39 -2.76 36.70 17.89
CA GLU C 39 -1.90 37.73 18.46
C GLU C 39 -1.94 38.91 17.48
N GLU C 40 -1.97 40.13 17.99
CA GLU C 40 -1.99 41.30 17.12
C GLU C 40 -0.60 41.39 16.51
N VAL C 41 -0.42 40.69 15.39
CA VAL C 41 0.86 40.65 14.69
C VAL C 41 1.55 41.99 14.57
N GLU C 42 0.77 43.07 14.49
CA GLU C 42 1.39 44.39 14.34
C GLU C 42 2.24 44.74 15.56
N GLU C 43 1.83 44.26 16.72
CA GLU C 43 2.59 44.52 17.95
C GLU C 43 3.98 43.92 17.79
N ALA C 44 3.99 42.64 17.41
CA ALA C 44 5.23 41.90 17.21
C ALA C 44 6.16 42.69 16.29
N ARG C 45 5.61 43.19 15.19
CA ARG C 45 6.39 43.95 14.21
C ARG C 45 7.06 45.19 14.81
N GLU C 46 6.38 45.86 15.73
CA GLU C 46 6.94 47.04 16.37
C GLU C 46 8.02 46.59 17.34
N LYS C 47 7.69 45.57 18.12
CA LYS C 47 8.62 45.00 19.09
C LYS C 47 9.94 44.58 18.44
N ALA C 48 9.87 44.13 17.19
CA ALA C 48 11.08 43.69 16.48
C ALA C 48 11.94 44.91 16.22
N LEU C 49 11.30 46.05 16.00
CA LEU C 49 12.02 47.29 15.76
C LEU C 49 12.61 47.73 17.09
N ARG C 50 11.80 47.60 18.13
CA ARG C 50 12.21 47.97 19.48
C ARG C 50 13.39 47.10 19.92
N THR C 51 13.44 45.88 19.39
CA THR C 51 14.48 44.92 19.75
C THR C 51 15.73 45.04 18.88
N GLY C 52 15.63 45.69 17.73
CA GLY C 52 16.81 45.85 16.88
C GLY C 52 16.68 45.56 15.39
N ALA C 53 15.49 45.16 14.94
CA ALA C 53 15.31 44.85 13.52
C ALA C 53 15.50 46.11 12.67
N SER C 54 16.20 45.97 11.55
CA SER C 54 16.42 47.10 10.67
C SER C 54 15.18 47.26 9.79
N LYS C 55 14.29 46.28 9.86
CA LYS C 55 13.04 46.28 9.10
C LYS C 55 12.16 45.13 9.57
N ALA C 56 10.88 45.41 9.78
CA ALA C 56 9.94 44.40 10.26
C ALA C 56 8.73 44.32 9.34
N ILE C 57 8.45 43.09 8.87
CA ILE C 57 7.34 42.85 7.95
C ILE C 57 6.30 41.94 8.59
N ALA C 58 5.04 42.35 8.54
CA ALA C 58 3.95 41.56 9.09
C ALA C 58 2.95 41.38 7.96
N LEU C 59 2.57 40.13 7.69
CA LEU C 59 1.63 39.84 6.63
C LEU C 59 0.43 39.05 7.12
N ASP C 60 -0.73 39.35 6.55
CA ASP C 60 -1.95 38.63 6.89
C ASP C 60 -1.95 37.48 5.90
N LEU C 61 -1.66 36.28 6.38
CA LEU C 61 -1.62 35.13 5.49
C LEU C 61 -2.71 34.10 5.76
N LYS C 62 -3.76 34.50 6.48
CA LYS C 62 -4.83 33.56 6.80
C LYS C 62 -5.44 32.89 5.58
N GLU C 63 -5.81 33.68 4.57
CA GLU C 63 -6.40 33.12 3.37
C GLU C 63 -5.47 32.15 2.63
N GLU C 64 -4.23 32.57 2.39
CA GLU C 64 -3.27 31.69 1.70
C GLU C 64 -3.08 30.38 2.47
N PHE C 65 -2.93 30.50 3.79
CA PHE C 65 -2.75 29.35 4.66
C PHE C 65 -3.84 28.28 4.48
N VAL C 66 -5.10 28.68 4.59
CA VAL C 66 -6.21 27.74 4.45
C VAL C 66 -6.40 27.27 3.00
N ARG C 67 -6.46 28.22 2.06
CA ARG C 67 -6.65 27.87 0.67
C ARG C 67 -5.52 27.07 0.03
N ASP C 68 -4.28 27.44 0.30
CA ASP C 68 -3.15 26.75 -0.33
C ASP C 68 -2.44 25.69 0.50
N PHE C 69 -2.84 25.50 1.75
CA PHE C 69 -2.19 24.50 2.57
C PHE C 69 -3.15 23.58 3.32
N VAL C 70 -4.03 24.16 4.13
CA VAL C 70 -4.99 23.36 4.89
C VAL C 70 -5.97 22.61 3.98
N PHE C 71 -6.58 23.31 3.03
CA PHE C 71 -7.54 22.69 2.12
C PHE C 71 -6.97 21.52 1.32
N PRO C 72 -5.79 21.69 0.70
CA PRO C 72 -5.20 20.61 -0.08
C PRO C 72 -4.95 19.37 0.80
N MET C 73 -4.54 19.62 2.04
CA MET C 73 -4.26 18.55 2.99
C MET C 73 -5.52 17.85 3.47
N MET C 74 -6.60 18.59 3.63
CA MET C 74 -7.86 18.01 4.09
C MET C 74 -8.43 17.21 2.94
N ARG C 75 -8.22 17.70 1.73
CA ARG C 75 -8.71 17.03 0.53
C ARG C 75 -8.18 15.59 0.50
N ALA C 76 -7.03 15.36 1.13
CA ALA C 76 -6.42 14.04 1.15
C ALA C 76 -6.78 13.17 2.34
N GLY C 77 -7.61 13.69 3.25
CA GLY C 77 -8.00 12.92 4.43
C GLY C 77 -6.81 12.59 5.30
N ALA C 78 -5.83 13.51 5.33
CA ALA C 78 -4.60 13.35 6.08
C ALA C 78 -4.71 13.33 7.61
N VAL C 79 -4.38 12.19 8.21
CA VAL C 79 -4.41 12.01 9.66
C VAL C 79 -3.15 11.26 10.11
N TYR C 80 -2.33 11.93 10.92
CA TYR C 80 -1.11 11.31 11.40
C TYR C 80 -1.33 10.41 12.61
N GLU C 81 -0.99 9.14 12.45
CA GLU C 81 -1.13 8.14 13.51
C GLU C 81 -2.51 8.14 14.18
N GLY C 82 -3.55 8.13 13.34
CA GLY C 82 -4.90 8.06 13.83
C GLY C 82 -5.61 9.26 14.42
N TYR C 83 -4.90 10.30 14.84
CA TYR C 83 -5.59 11.44 15.46
C TYR C 83 -5.08 12.85 15.12
N TYR C 84 -3.80 13.00 14.83
CA TYR C 84 -3.25 14.33 14.55
C TYR C 84 -3.62 14.94 13.18
N LEU C 85 -4.36 16.05 13.24
CA LEU C 85 -4.79 16.75 12.05
C LEU C 85 -3.72 17.69 11.49
N LEU C 86 -2.49 17.52 11.98
CA LEU C 86 -1.36 18.28 11.46
C LEU C 86 -1.42 19.81 11.53
N GLY C 87 -1.96 20.33 12.63
CA GLY C 87 -2.06 21.77 12.78
C GLY C 87 -0.75 22.52 12.64
N THR C 88 0.30 22.06 13.32
CA THR C 88 1.59 22.74 13.25
C THR C 88 2.34 22.46 11.95
N SER C 89 2.28 21.22 11.50
CA SER C 89 2.97 20.81 10.26
C SER C 89 2.66 21.60 8.99
N ILE C 90 1.39 21.73 8.61
CA ILE C 90 1.05 22.47 7.38
C ILE C 90 1.34 23.95 7.42
N ALA C 91 1.59 24.51 8.60
CA ALA C 91 1.86 25.94 8.71
C ALA C 91 3.31 26.30 8.36
N ARG C 92 4.24 25.48 8.81
CA ARG C 92 5.66 25.74 8.56
C ARG C 92 6.03 26.00 7.11
N PRO C 93 5.53 25.19 6.16
CA PRO C 93 5.87 25.41 4.76
C PRO C 93 5.51 26.83 4.29
N LEU C 94 4.34 27.31 4.74
CA LEU C 94 3.88 28.65 4.37
C LEU C 94 4.85 29.72 4.84
N ILE C 95 5.28 29.61 6.10
CA ILE C 95 6.20 30.58 6.66
C ILE C 95 7.55 30.56 5.94
N ALA C 96 8.13 29.38 5.79
CA ALA C 96 9.42 29.23 5.12
C ALA C 96 9.34 29.78 3.70
N LYS C 97 8.18 29.60 3.05
CA LYS C 97 7.99 30.10 1.70
C LYS C 97 8.21 31.61 1.68
N HIS C 98 7.53 32.32 2.57
CA HIS C 98 7.68 33.76 2.63
C HIS C 98 9.08 34.18 3.08
N LEU C 99 9.65 33.44 4.02
CA LEU C 99 11.01 33.74 4.50
C LEU C 99 11.95 33.82 3.31
N VAL C 100 11.90 32.80 2.47
CA VAL C 100 12.73 32.73 1.28
C VAL C 100 12.42 33.85 0.29
N ARG C 101 11.13 34.10 0.04
CA ARG C 101 10.72 35.16 -0.88
C ARG C 101 11.26 36.51 -0.40
N ILE C 102 11.08 36.79 0.90
CA ILE C 102 11.54 38.05 1.47
C ILE C 102 13.06 38.17 1.39
N ALA C 103 13.75 37.03 1.44
CA ALA C 103 15.20 37.03 1.38
C ALA C 103 15.65 37.44 -0.03
N GLU C 104 14.95 36.95 -1.05
CA GLU C 104 15.32 37.31 -2.41
C GLU C 104 15.05 38.79 -2.66
N GLU C 105 13.85 39.26 -2.32
CA GLU C 105 13.52 40.67 -2.52
C GLU C 105 14.47 41.59 -1.78
N GLU C 106 14.82 41.22 -0.55
CA GLU C 106 15.70 42.03 0.27
C GLU C 106 17.18 41.83 -0.04
N GLY C 107 17.47 40.87 -0.91
CA GLY C 107 18.86 40.60 -1.26
C GLY C 107 19.63 40.04 -0.07
N ALA C 108 18.91 39.35 0.82
CA ALA C 108 19.51 38.74 2.01
C ALA C 108 20.14 37.38 1.69
N GLU C 109 21.30 37.12 2.28
CA GLU C 109 22.02 35.88 2.05
C GLU C 109 21.44 34.69 2.81
N ALA C 110 20.93 34.94 4.01
CA ALA C 110 20.41 33.87 4.84
C ALA C 110 19.10 34.17 5.56
N ILE C 111 18.46 33.09 6.02
CA ILE C 111 17.21 33.17 6.76
C ILE C 111 17.44 32.49 8.10
N ALA C 112 16.57 32.75 9.07
CA ALA C 112 16.73 32.14 10.37
C ALA C 112 15.37 31.87 11.00
N HIS C 113 15.34 30.86 11.85
CA HIS C 113 14.12 30.50 12.56
C HIS C 113 14.51 30.10 13.98
N GLY C 114 13.52 30.02 14.87
CA GLY C 114 13.82 29.65 16.24
C GLY C 114 13.38 28.26 16.64
N ALA C 115 13.25 27.34 15.69
CA ALA C 115 12.86 25.98 16.05
C ALA C 115 14.06 25.40 16.81
N THR C 116 13.82 24.54 17.79
CA THR C 116 14.92 23.97 18.57
C THR C 116 15.74 22.95 17.77
N GLY C 117 16.90 22.59 18.30
CA GLY C 117 17.77 21.65 17.61
C GLY C 117 17.39 20.21 17.87
N LYS C 118 16.37 20.00 18.70
CA LYS C 118 15.88 18.66 19.06
C LYS C 118 14.55 18.30 18.43
N GLY C 119 13.93 19.23 17.73
CA GLY C 119 12.61 18.93 17.17
C GLY C 119 12.48 18.71 15.68
N ASN C 120 11.21 18.63 15.26
CA ASN C 120 10.85 18.41 13.87
C ASN C 120 10.70 19.70 13.09
N ASP C 121 10.31 20.77 13.79
CA ASP C 121 10.10 22.05 13.14
C ASP C 121 11.29 22.55 12.33
N GLN C 122 12.49 22.35 12.85
CA GLN C 122 13.69 22.79 12.15
C GLN C 122 13.73 22.11 10.78
N VAL C 123 13.39 20.82 10.77
CA VAL C 123 13.39 20.06 9.53
C VAL C 123 12.36 20.66 8.58
N ARG C 124 11.16 20.92 9.10
CA ARG C 124 10.10 21.48 8.28
C ARG C 124 10.51 22.81 7.67
N PHE C 125 11.06 23.71 8.49
CA PHE C 125 11.50 25.00 7.98
C PHE C 125 12.55 24.85 6.89
N GLU C 126 13.59 24.07 7.18
CA GLU C 126 14.67 23.91 6.25
C GLU C 126 14.45 23.07 4.99
N LEU C 127 13.65 22.00 5.09
CA LEU C 127 13.38 21.21 3.90
C LEU C 127 12.67 22.10 2.90
N THR C 128 11.77 22.95 3.40
CA THR C 128 11.04 23.87 2.54
C THR C 128 11.97 24.89 1.90
N ALA C 129 12.74 25.59 2.73
CA ALA C 129 13.69 26.61 2.24
C ALA C 129 14.62 26.05 1.17
N TYR C 130 15.32 24.97 1.50
CA TYR C 130 16.23 24.33 0.55
C TYR C 130 15.49 23.90 -0.72
N ALA C 131 14.23 23.52 -0.57
CA ALA C 131 13.42 23.09 -1.70
C ALA C 131 13.09 24.22 -2.66
N LEU C 132 12.85 25.42 -2.13
CA LEU C 132 12.50 26.56 -2.97
C LEU C 132 13.71 27.40 -3.40
N LYS C 133 14.77 27.37 -2.61
CA LYS C 133 15.98 28.15 -2.88
C LYS C 133 17.16 27.28 -2.44
N PRO C 134 17.63 26.38 -3.32
CA PRO C 134 18.76 25.51 -2.96
C PRO C 134 20.05 26.21 -2.50
N ASP C 135 20.28 27.43 -2.97
CA ASP C 135 21.49 28.20 -2.62
C ASP C 135 21.32 28.97 -1.31
N ILE C 136 20.14 28.90 -0.69
CA ILE C 136 19.89 29.65 0.53
C ILE C 136 20.73 29.18 1.71
N LYS C 137 21.16 30.14 2.53
CA LYS C 137 21.92 29.81 3.71
C LYS C 137 20.97 29.88 4.89
N VAL C 138 21.07 28.91 5.78
CA VAL C 138 20.20 28.88 6.94
C VAL C 138 20.97 28.96 8.25
N ILE C 139 20.44 29.77 9.17
CA ILE C 139 21.04 29.95 10.48
C ILE C 139 20.05 29.53 11.54
N ALA C 140 20.39 28.47 12.28
CA ALA C 140 19.54 27.98 13.33
C ALA C 140 20.23 28.24 14.68
N PRO C 141 20.00 29.41 15.27
CA PRO C 141 20.59 29.78 16.56
C PRO C 141 20.58 28.67 17.60
N TRP C 142 19.46 27.96 17.75
CA TRP C 142 19.41 26.89 18.74
C TRP C 142 20.48 25.82 18.52
N ARG C 143 20.93 25.64 17.29
CA ARG C 143 21.97 24.66 16.99
C ARG C 143 23.34 25.32 17.01
N GLU C 144 23.39 26.65 17.00
CA GLU C 144 24.66 27.35 16.97
C GLU C 144 25.14 28.02 18.24
N TRP C 145 24.22 28.37 19.15
CA TRP C 145 24.64 29.07 20.35
C TRP C 145 25.00 28.21 21.56
N SER C 146 25.75 28.82 22.48
CA SER C 146 26.24 28.16 23.68
C SER C 146 25.25 28.12 24.84
N PHE C 147 24.13 28.83 24.72
CA PHE C 147 23.15 28.86 25.80
C PHE C 147 22.77 27.46 26.28
N GLN C 148 22.61 27.34 27.59
CA GLN C 148 22.23 26.07 28.23
C GLN C 148 21.25 26.36 29.36
N GLY C 149 19.96 26.23 29.09
CA GLY C 149 18.97 26.47 30.12
C GLY C 149 18.24 27.79 29.92
N ARG C 150 16.99 27.82 30.36
CA ARG C 150 16.14 29.01 30.24
C ARG C 150 16.60 30.11 31.21
N LYS C 151 17.23 29.69 32.30
CA LYS C 151 17.72 30.60 33.32
C LYS C 151 18.79 31.47 32.67
N GLU C 152 19.64 30.83 31.88
CA GLU C 152 20.73 31.54 31.21
C GLU C 152 20.24 32.47 30.10
N MET C 153 19.27 31.99 29.32
CA MET C 153 18.73 32.79 28.23
C MET C 153 17.98 33.98 28.79
N ILE C 154 17.38 33.80 29.97
CA ILE C 154 16.64 34.89 30.61
C ILE C 154 17.60 35.98 31.05
N ALA C 155 18.82 35.57 31.42
CA ALA C 155 19.85 36.52 31.85
C ALA C 155 20.30 37.37 30.67
N TYR C 156 20.68 36.69 29.59
CA TYR C 156 21.13 37.35 28.37
C TYR C 156 20.04 38.33 27.96
N ALA C 157 18.79 37.85 28.01
CA ALA C 157 17.63 38.67 27.65
C ALA C 157 17.56 39.93 28.51
N GLU C 158 17.48 39.74 29.84
CA GLU C 158 17.42 40.89 30.75
C GLU C 158 18.59 41.81 30.44
N ALA C 159 19.78 41.23 30.34
CA ALA C 159 20.97 42.01 30.05
C ALA C 159 20.72 42.98 28.88
N HIS C 160 20.14 42.47 27.79
CA HIS C 160 19.87 43.31 26.61
C HIS C 160 18.61 44.16 26.71
N GLY C 161 17.83 43.96 27.78
CA GLY C 161 16.63 44.75 27.96
C GLY C 161 15.34 44.23 27.35
N ILE C 162 15.28 42.92 27.07
CA ILE C 162 14.09 42.33 26.50
C ILE C 162 13.18 41.84 27.62
N PRO C 163 11.91 42.30 27.63
CA PRO C 163 10.95 41.91 28.67
C PRO C 163 10.98 40.41 28.98
N VAL C 164 10.77 40.06 30.25
CA VAL C 164 10.78 38.67 30.66
C VAL C 164 9.56 38.40 31.55
N PRO C 165 9.18 37.11 31.71
CA PRO C 165 8.05 36.64 32.52
C PRO C 165 7.99 37.18 33.95
N PRO C 171 4.34 26.21 32.08
CA PRO C 171 3.85 24.89 32.56
C PRO C 171 3.67 23.95 31.37
N TYR C 172 3.77 24.52 30.17
CA TYR C 172 3.67 23.78 28.92
C TYR C 172 3.85 24.73 27.75
N SER C 173 4.27 24.22 26.60
CA SER C 173 4.48 25.07 25.44
C SER C 173 3.26 25.07 24.52
N MET C 174 3.01 26.21 23.87
CA MET C 174 1.87 26.40 22.98
C MET C 174 2.24 26.83 21.57
N ASP C 175 1.32 26.57 20.65
CA ASP C 175 1.47 26.95 19.25
C ASP C 175 0.09 27.00 18.63
N ALA C 176 -0.38 28.19 18.28
CA ALA C 176 -1.71 28.36 17.71
C ALA C 176 -1.76 28.97 16.31
N ASN C 177 -2.82 28.63 15.59
CA ASN C 177 -3.09 29.15 14.25
C ASN C 177 -4.55 28.83 13.93
N LEU C 178 -5.03 29.30 12.78
CA LEU C 178 -6.42 29.07 12.39
C LEU C 178 -6.88 27.62 12.48
N LEU C 179 -5.98 26.66 12.26
CA LEU C 179 -6.37 25.25 12.32
C LEU C 179 -6.40 24.66 13.72
N HIS C 180 -5.44 25.03 14.56
CA HIS C 180 -5.45 24.46 15.91
C HIS C 180 -4.52 25.17 16.90
N ILE C 181 -4.44 24.58 18.08
CA ILE C 181 -3.55 25.04 19.12
C ILE C 181 -3.02 23.74 19.69
N SER C 182 -1.69 23.65 19.81
CA SER C 182 -1.05 22.45 20.34
C SER C 182 -0.44 22.76 21.70
N TYR C 183 -0.34 21.73 22.53
CA TYR C 183 0.23 21.86 23.86
C TYR C 183 1.21 20.70 24.10
N GLU C 184 2.42 21.03 24.53
CA GLU C 184 3.42 19.99 24.80
C GLU C 184 4.46 20.49 25.80
N GLY C 185 5.14 19.55 26.44
CA GLY C 185 6.16 19.91 27.42
C GLY C 185 5.64 20.03 28.83
N GLY C 186 6.54 20.38 29.75
CA GLY C 186 6.20 20.54 31.15
C GLY C 186 5.38 19.43 31.75
N VAL C 187 4.24 19.79 32.35
CA VAL C 187 3.35 18.84 32.99
C VAL C 187 2.71 17.88 31.99
N LEU C 188 2.96 18.12 30.70
CA LEU C 188 2.41 17.27 29.65
C LEU C 188 3.34 16.10 29.29
N GLU C 189 4.59 16.18 29.70
CA GLU C 189 5.57 15.15 29.37
C GLU C 189 5.34 13.77 29.95
N ASP C 190 4.62 13.69 31.06
CA ASP C 190 4.33 12.38 31.64
C ASP C 190 3.10 11.85 30.91
N PRO C 191 3.25 10.78 30.10
CA PRO C 191 2.14 10.18 29.34
C PRO C 191 0.99 9.64 30.18
N TRP C 192 1.22 9.49 31.47
CA TRP C 192 0.19 8.97 32.36
C TRP C 192 -0.60 10.08 33.07
N ALA C 193 -0.15 11.33 32.90
CA ALA C 193 -0.81 12.46 33.55
C ALA C 193 -1.82 13.16 32.66
N GLU C 194 -3.05 13.30 33.16
CA GLU C 194 -4.11 13.96 32.41
C GLU C 194 -3.73 15.41 32.28
N PRO C 195 -4.08 16.06 31.17
CA PRO C 195 -3.71 17.47 31.05
C PRO C 195 -4.35 18.28 32.19
N PRO C 196 -3.80 19.46 32.49
CA PRO C 196 -4.34 20.30 33.56
C PRO C 196 -5.61 21.02 33.16
N LYS C 197 -6.53 21.16 34.11
CA LYS C 197 -7.80 21.84 33.91
C LYS C 197 -7.46 23.29 33.55
N GLY C 198 -8.13 23.87 32.57
CA GLY C 198 -7.87 25.25 32.21
C GLY C 198 -6.79 25.52 31.17
N MET C 199 -6.33 24.46 30.52
CA MET C 199 -5.27 24.58 29.52
C MET C 199 -5.81 25.03 28.16
N PHE C 200 -6.83 24.33 27.66
CA PHE C 200 -7.42 24.64 26.36
C PHE C 200 -7.88 26.08 26.27
N ARG C 201 -7.63 26.69 25.11
CA ARG C 201 -7.98 28.08 24.87
C ARG C 201 -8.98 28.30 23.74
N MET C 202 -8.93 27.43 22.73
CA MET C 202 -9.79 27.54 21.56
C MET C 202 -11.14 26.83 21.71
N THR C 203 -11.22 25.88 22.64
CA THR C 203 -12.46 25.16 22.82
C THR C 203 -13.01 25.19 24.23
N GLN C 204 -14.31 25.37 24.34
CA GLN C 204 -14.98 25.39 25.63
C GLN C 204 -14.82 23.98 26.17
N ASP C 205 -14.89 23.86 27.49
CA ASP C 205 -14.76 22.56 28.12
C ASP C 205 -16.05 21.77 27.94
N PRO C 206 -15.96 20.51 27.46
CA PRO C 206 -17.15 19.69 27.27
C PRO C 206 -18.16 19.88 28.39
N GLU C 207 -17.69 19.77 29.63
CA GLU C 207 -18.54 19.91 30.81
C GLU C 207 -19.25 21.25 30.87
N GLU C 208 -18.64 22.29 30.32
CA GLU C 208 -19.24 23.62 30.33
C GLU C 208 -19.86 23.97 28.99
N ALA C 209 -20.06 22.96 28.15
CA ALA C 209 -20.63 23.18 26.82
C ALA C 209 -22.17 23.29 26.88
N PRO C 210 -22.78 23.94 25.89
CA PRO C 210 -24.25 24.09 25.87
C PRO C 210 -24.97 22.81 26.27
N ASP C 211 -26.16 22.97 26.87
CA ASP C 211 -26.94 21.81 27.30
C ASP C 211 -27.80 21.25 26.17
N ALA C 212 -27.98 22.03 25.12
CA ALA C 212 -28.75 21.58 23.98
C ALA C 212 -27.86 21.35 22.76
N PRO C 213 -28.05 20.24 22.04
CA PRO C 213 -27.22 19.98 20.87
C PRO C 213 -27.51 21.03 19.80
N GLU C 214 -26.49 21.33 19.00
CA GLU C 214 -26.61 22.30 17.91
C GLU C 214 -26.27 21.64 16.58
N TYR C 215 -27.07 21.92 15.57
CA TYR C 215 -26.83 21.35 14.25
C TYR C 215 -26.13 22.36 13.38
N VAL C 216 -25.27 21.87 12.51
CA VAL C 216 -24.54 22.71 11.58
C VAL C 216 -24.43 21.96 10.26
N GLU C 217 -24.51 22.70 9.16
CA GLU C 217 -24.39 22.08 7.85
C GLU C 217 -23.19 22.67 7.13
N VAL C 218 -22.49 21.82 6.39
CA VAL C 218 -21.33 22.28 5.65
C VAL C 218 -21.46 21.81 4.20
N GLU C 219 -21.34 22.74 3.27
CA GLU C 219 -21.44 22.43 1.85
C GLU C 219 -20.03 22.34 1.25
N PHE C 220 -19.81 21.31 0.46
CA PHE C 220 -18.51 21.11 -0.23
C PHE C 220 -18.77 21.25 -1.72
N PHE C 221 -17.92 21.96 -2.42
CA PHE C 221 -18.14 22.10 -3.84
C PHE C 221 -16.75 21.67 -4.32
N GLU C 222 -16.65 20.57 -5.04
CA GLU C 222 -15.33 20.17 -5.53
C GLU C 222 -14.13 19.77 -4.68
N GLY C 223 -14.43 19.23 -3.50
CA GLY C 223 -13.40 18.81 -2.58
C GLY C 223 -13.15 19.83 -1.47
N ASP C 224 -13.61 21.07 -1.67
CA ASP C 224 -13.40 22.10 -0.67
C ASP C 224 -14.69 22.63 -0.03
N PRO C 225 -14.63 23.00 1.26
CA PRO C 225 -15.79 23.53 1.98
C PRO C 225 -16.04 24.93 1.43
N VAL C 226 -17.29 25.27 1.15
CA VAL C 226 -17.57 26.59 0.59
C VAL C 226 -18.63 27.38 1.34
N ALA C 227 -19.36 26.71 2.23
CA ALA C 227 -20.40 27.39 2.97
C ALA C 227 -20.79 26.68 4.26
N VAL C 228 -21.19 27.47 5.25
CA VAL C 228 -21.62 26.94 6.54
C VAL C 228 -23.02 27.44 6.83
N ASN C 229 -23.94 26.52 7.09
CA ASN C 229 -25.33 26.85 7.36
C ASN C 229 -25.94 27.74 6.28
N GLY C 230 -25.60 27.46 5.02
CA GLY C 230 -26.14 28.23 3.93
C GLY C 230 -25.42 29.51 3.56
N GLU C 231 -24.41 29.88 4.34
CA GLU C 231 -23.68 31.11 4.05
C GLU C 231 -22.34 30.85 3.37
N ARG C 232 -22.14 31.42 2.18
CA ARG C 232 -20.88 31.25 1.46
C ARG C 232 -19.80 31.93 2.32
N LEU C 233 -18.65 31.31 2.45
CA LEU C 233 -17.55 31.87 3.25
C LEU C 233 -16.18 31.53 2.66
N SER C 234 -15.30 32.52 2.61
CA SER C 234 -13.94 32.32 2.11
C SER C 234 -13.25 31.25 2.96
N PRO C 235 -12.20 30.61 2.42
CA PRO C 235 -11.47 29.57 3.16
C PRO C 235 -11.13 29.91 4.62
N ALA C 236 -10.48 31.06 4.84
CA ALA C 236 -10.11 31.46 6.20
C ALA C 236 -11.33 31.78 7.08
N ALA C 237 -12.31 32.49 6.52
CA ALA C 237 -13.49 32.84 7.29
C ALA C 237 -14.29 31.60 7.64
N LEU C 238 -14.32 30.63 6.73
CA LEU C 238 -15.06 29.40 6.97
C LEU C 238 -14.48 28.60 8.12
N LEU C 239 -13.15 28.48 8.15
CA LEU C 239 -12.49 27.73 9.21
C LEU C 239 -12.77 28.45 10.52
N GLN C 240 -12.71 29.78 10.48
CA GLN C 240 -12.97 30.61 11.65
C GLN C 240 -14.37 30.31 12.19
N ARG C 241 -15.37 30.40 11.31
CA ARG C 241 -16.75 30.14 11.71
C ARG C 241 -16.87 28.77 12.35
N LEU C 242 -16.26 27.75 11.73
CA LEU C 242 -16.36 26.41 12.30
C LEU C 242 -15.60 26.26 13.61
N ASN C 243 -14.57 27.07 13.82
CA ASN C 243 -13.84 27.02 15.08
C ASN C 243 -14.76 27.59 16.16
N GLU C 244 -15.44 28.69 15.83
CA GLU C 244 -16.39 29.33 16.76
C GLU C 244 -17.51 28.35 17.14
N ILE C 245 -18.18 27.80 16.13
CA ILE C 245 -19.27 26.87 16.38
C ILE C 245 -18.84 25.60 17.11
N GLY C 246 -17.80 24.94 16.59
CA GLY C 246 -17.32 23.72 17.21
C GLY C 246 -16.66 23.99 18.55
N GLY C 247 -15.93 25.10 18.64
CA GLY C 247 -15.27 25.44 19.89
C GLY C 247 -16.22 25.54 21.08
N ARG C 248 -17.32 26.26 20.89
CA ARG C 248 -18.31 26.45 21.95
C ARG C 248 -18.80 25.12 22.51
N HIS C 249 -18.73 24.06 21.71
CA HIS C 249 -19.17 22.74 22.15
C HIS C 249 -18.04 21.83 22.64
N GLY C 250 -16.81 22.35 22.66
CA GLY C 250 -15.67 21.57 23.10
C GLY C 250 -15.23 20.45 22.15
N VAL C 251 -15.47 20.67 20.87
CA VAL C 251 -15.11 19.68 19.85
C VAL C 251 -13.65 19.69 19.39
N GLY C 252 -13.18 18.52 18.97
CA GLY C 252 -11.83 18.39 18.45
C GLY C 252 -10.63 18.34 19.38
N ARG C 253 -10.73 17.64 20.49
CA ARG C 253 -9.61 17.54 21.42
C ARG C 253 -8.94 16.18 21.26
N VAL C 254 -7.63 16.20 21.09
CA VAL C 254 -6.86 14.99 20.92
C VAL C 254 -5.70 14.97 21.90
N ASP C 255 -5.42 13.80 22.47
CA ASP C 255 -4.34 13.60 23.43
C ASP C 255 -3.56 12.36 23.02
N ILE C 256 -2.39 12.56 22.39
CA ILE C 256 -1.59 11.41 21.94
C ILE C 256 -0.09 11.48 22.21
N VAL C 257 0.54 10.33 22.08
CA VAL C 257 1.99 10.23 22.18
C VAL C 257 2.33 9.90 20.74
N GLU C 258 2.93 10.85 20.05
CA GLU C 258 3.27 10.70 18.65
C GLU C 258 4.74 10.35 18.39
N ASN C 259 4.99 9.77 17.23
CA ASN C 259 6.36 9.41 16.84
C ASN C 259 6.97 10.57 16.07
N ARG C 260 8.07 11.09 16.58
CA ARG C 260 8.76 12.21 15.93
C ARG C 260 9.69 11.73 14.84
N PHE C 261 10.00 12.65 13.93
CA PHE C 261 10.89 12.39 12.81
C PHE C 261 12.32 12.46 13.35
N VAL C 262 12.61 13.50 14.13
CA VAL C 262 13.94 13.68 14.71
C VAL C 262 14.08 13.12 16.12
N GLY C 263 13.23 13.54 17.05
CA GLY C 263 13.37 12.98 18.41
C GLY C 263 12.80 11.56 18.46
N MET C 264 12.49 11.07 19.66
CA MET C 264 11.92 9.73 19.78
C MET C 264 10.40 9.90 19.78
N LYS C 265 9.78 9.77 20.94
CA LYS C 265 8.34 9.93 21.07
C LYS C 265 8.01 11.21 21.83
N SER C 266 6.81 11.75 21.61
CA SER C 266 6.40 13.00 22.26
C SER C 266 4.91 13.05 22.58
N ARG C 267 4.58 13.57 23.75
CA ARG C 267 3.19 13.68 24.18
C ARG C 267 2.64 15.02 23.74
N GLY C 268 1.60 14.99 22.91
CA GLY C 268 1.00 16.22 22.43
C GLY C 268 -0.49 16.27 22.63
N VAL C 269 -1.02 17.47 22.87
CA VAL C 269 -2.44 17.65 23.06
C VAL C 269 -2.85 18.68 22.02
N TYR C 270 -3.92 18.38 21.28
CA TYR C 270 -4.37 19.27 20.23
C TYR C 270 -5.85 19.55 20.23
N GLU C 271 -6.21 20.78 19.89
CA GLU C 271 -7.60 21.16 19.78
C GLU C 271 -7.75 21.73 18.38
N THR C 272 -8.60 21.08 17.60
CA THR C 272 -8.85 21.45 16.22
C THR C 272 -10.35 21.39 15.96
N PRO C 273 -11.12 22.31 16.59
CA PRO C 273 -12.58 22.38 16.45
C PRO C 273 -13.11 22.41 15.02
N GLY C 274 -12.76 23.44 14.26
CA GLY C 274 -13.21 23.55 12.89
C GLY C 274 -12.76 22.37 12.05
N GLY C 275 -11.46 22.05 12.13
CA GLY C 275 -10.91 20.95 11.36
C GLY C 275 -11.60 19.62 11.63
N THR C 276 -11.88 19.34 12.90
CA THR C 276 -12.54 18.09 13.25
C THR C 276 -13.93 18.02 12.61
N ILE C 277 -14.63 19.15 12.58
CA ILE C 277 -15.96 19.17 11.97
C ILE C 277 -15.81 18.90 10.48
N LEU C 278 -14.85 19.60 9.86
CA LEU C 278 -14.56 19.47 8.44
C LEU C 278 -14.19 18.04 8.06
N TYR C 279 -13.48 17.35 8.95
CA TYR C 279 -13.06 15.98 8.69
C TYR C 279 -14.24 15.02 8.57
N HIS C 280 -15.17 15.09 9.52
CA HIS C 280 -16.34 14.22 9.51
C HIS C 280 -17.36 14.64 8.46
N ALA C 281 -17.40 15.93 8.15
CA ALA C 281 -18.32 16.46 7.16
C ALA C 281 -17.89 15.96 5.79
N ARG C 282 -16.59 16.09 5.51
CA ARG C 282 -16.03 15.66 4.23
C ARG C 282 -16.31 14.18 3.97
N ARG C 283 -16.08 13.34 4.97
CA ARG C 283 -16.32 11.91 4.81
C ARG C 283 -17.80 11.61 4.63
N ALA C 284 -18.65 12.49 5.16
CA ALA C 284 -20.10 12.33 5.03
C ALA C 284 -20.49 12.57 3.57
N VAL C 285 -19.91 13.60 2.96
CA VAL C 285 -20.20 13.92 1.57
C VAL C 285 -19.56 12.85 0.66
N GLU C 286 -18.38 12.38 1.04
CA GLU C 286 -17.70 11.35 0.26
C GLU C 286 -18.47 10.03 0.26
N SER C 287 -19.22 9.76 1.33
CA SER C 287 -19.96 8.51 1.41
C SER C 287 -21.03 8.39 0.34
N LEU C 288 -21.40 9.53 -0.24
CA LEU C 288 -22.40 9.53 -1.29
C LEU C 288 -21.79 9.77 -2.66
N THR C 289 -20.70 10.54 -2.71
CA THR C 289 -20.10 10.90 -3.99
C THR C 289 -18.90 10.10 -4.48
N LEU C 290 -18.23 9.39 -3.60
CA LEU C 290 -17.06 8.62 -4.01
C LEU C 290 -17.36 7.15 -4.25
N ASP C 291 -16.71 6.59 -5.26
CA ASP C 291 -16.88 5.18 -5.57
C ASP C 291 -16.15 4.31 -4.54
N ARG C 292 -16.72 3.16 -4.24
CA ARG C 292 -16.15 2.21 -3.27
C ARG C 292 -14.65 1.93 -3.44
N GLU C 293 -14.28 1.44 -4.62
CA GLU C 293 -12.88 1.11 -4.85
C GLU C 293 -11.96 2.33 -4.80
N VAL C 294 -12.47 3.48 -5.20
CA VAL C 294 -11.69 4.72 -5.15
C VAL C 294 -11.45 5.10 -3.69
N LEU C 295 -12.51 5.04 -2.89
CA LEU C 295 -12.42 5.37 -1.48
C LEU C 295 -11.44 4.47 -0.74
N HIS C 296 -11.55 3.17 -0.95
CA HIS C 296 -10.67 2.22 -0.30
C HIS C 296 -9.21 2.48 -0.67
N GLN C 297 -8.96 2.83 -1.93
CA GLN C 297 -7.61 3.11 -2.37
C GLN C 297 -7.11 4.42 -1.75
N ARG C 298 -7.93 5.46 -1.80
CA ARG C 298 -7.58 6.75 -1.23
C ARG C 298 -7.21 6.62 0.25
N ASP C 299 -8.01 5.91 1.01
CA ASP C 299 -7.76 5.75 2.44
C ASP C 299 -6.46 5.01 2.74
N MET C 300 -6.03 4.14 1.83
CA MET C 300 -4.79 3.43 2.08
C MET C 300 -3.56 4.30 1.81
N LEU C 301 -3.75 5.40 1.09
CA LEU C 301 -2.67 6.31 0.77
C LEU C 301 -2.61 7.50 1.72
N SER C 302 -3.73 7.81 2.36
CA SER C 302 -3.81 8.93 3.30
C SER C 302 -2.71 8.93 4.35
N PRO C 303 -2.43 7.78 4.97
CA PRO C 303 -1.38 7.74 5.98
C PRO C 303 0.00 8.15 5.45
N LYS C 304 0.30 7.81 4.20
CA LYS C 304 1.60 8.19 3.65
C LYS C 304 1.67 9.69 3.47
N TYR C 305 0.56 10.25 2.99
CA TYR C 305 0.47 11.68 2.77
C TYR C 305 0.66 12.38 4.11
N ALA C 306 0.03 11.83 5.15
CA ALA C 306 0.12 12.40 6.48
C ALA C 306 1.55 12.46 7.04
N GLU C 307 2.32 11.39 6.89
CA GLU C 307 3.68 11.44 7.40
C GLU C 307 4.54 12.36 6.54
N LEU C 308 4.19 12.50 5.28
CA LEU C 308 4.94 13.40 4.41
C LEU C 308 4.76 14.80 4.95
N VAL C 309 3.52 15.16 5.30
CA VAL C 309 3.25 16.47 5.84
C VAL C 309 3.93 16.64 7.20
N TYR C 310 3.82 15.61 8.05
CA TYR C 310 4.42 15.63 9.38
C TYR C 310 5.94 15.78 9.36
N TYR C 311 6.59 15.12 8.41
CA TYR C 311 8.05 15.16 8.31
C TYR C 311 8.55 16.44 7.64
N GLY C 312 7.66 17.19 7.00
CA GLY C 312 8.06 18.42 6.36
C GLY C 312 8.22 18.39 4.86
N PHE C 313 7.86 17.28 4.22
CA PHE C 313 8.00 17.19 2.79
C PHE C 313 6.77 17.72 2.04
N TRP C 314 6.47 19.00 2.24
CA TRP C 314 5.33 19.61 1.57
C TRP C 314 5.71 19.94 0.14
N TYR C 315 6.80 20.67 -0.03
CA TYR C 315 7.26 21.01 -1.37
C TYR C 315 8.26 19.94 -1.79
N ALA C 316 7.78 18.72 -1.91
CA ALA C 316 8.61 17.58 -2.30
C ALA C 316 7.83 16.87 -3.40
N PRO C 317 8.53 16.31 -4.39
CA PRO C 317 7.85 15.61 -5.49
C PRO C 317 6.87 14.51 -5.11
N GLU C 318 7.14 13.77 -4.03
CA GLU C 318 6.24 12.68 -3.61
C GLU C 318 4.88 13.21 -3.17
N ARG C 319 4.90 14.29 -2.40
CA ARG C 319 3.68 14.87 -1.90
C ARG C 319 2.84 15.46 -3.02
N GLU C 320 3.48 16.16 -3.95
CA GLU C 320 2.77 16.76 -5.07
C GLU C 320 2.21 15.69 -6.01
N ALA C 321 2.88 14.54 -6.09
CA ALA C 321 2.41 13.45 -6.94
C ALA C 321 1.15 12.87 -6.30
N LEU C 322 1.21 12.64 -4.99
CA LEU C 322 0.06 12.12 -4.28
C LEU C 322 -1.09 13.12 -4.37
N GLN C 323 -0.75 14.40 -4.26
CA GLN C 323 -1.74 15.47 -4.30
C GLN C 323 -2.58 15.39 -5.58
N ALA C 324 -1.94 15.04 -6.69
CA ALA C 324 -2.62 14.91 -7.97
C ALA C 324 -3.67 13.79 -7.87
N TYR C 325 -3.33 12.72 -7.15
CA TYR C 325 -4.26 11.62 -6.96
C TYR C 325 -5.44 12.08 -6.10
N PHE C 326 -5.14 12.71 -4.97
CA PHE C 326 -6.17 13.18 -4.07
C PHE C 326 -7.04 14.28 -4.65
N ASP C 327 -6.46 15.20 -5.42
CA ASP C 327 -7.23 16.28 -6.03
C ASP C 327 -8.19 15.72 -7.08
N HIS C 328 -7.73 14.70 -7.80
CA HIS C 328 -8.54 14.05 -8.82
C HIS C 328 -9.77 13.45 -8.16
N VAL C 329 -9.55 12.81 -7.02
CA VAL C 329 -10.64 12.17 -6.26
C VAL C 329 -11.56 13.21 -5.61
N ALA C 330 -10.96 14.21 -4.97
CA ALA C 330 -11.71 15.25 -4.28
C ALA C 330 -12.67 16.02 -5.18
N ARG C 331 -12.34 16.15 -6.46
CA ARG C 331 -13.18 16.89 -7.41
C ARG C 331 -14.65 16.43 -7.39
N SER C 332 -14.87 15.16 -7.04
CA SER C 332 -16.22 14.60 -6.98
C SER C 332 -16.97 14.89 -5.70
N VAL C 333 -16.27 15.32 -4.65
CA VAL C 333 -16.93 15.59 -3.38
C VAL C 333 -17.73 16.89 -3.39
N THR C 334 -18.98 16.78 -3.79
CA THR C 334 -19.90 17.92 -3.88
C THR C 334 -21.21 17.56 -3.17
N GLY C 335 -21.58 18.36 -2.18
CA GLY C 335 -22.79 18.09 -1.45
C GLY C 335 -22.79 18.76 -0.09
N VAL C 336 -23.71 18.35 0.78
CA VAL C 336 -23.82 18.93 2.09
C VAL C 336 -23.89 17.88 3.18
N ALA C 337 -23.18 18.14 4.28
CA ALA C 337 -23.19 17.23 5.42
C ALA C 337 -23.91 17.94 6.58
N ARG C 338 -24.71 17.20 7.32
CA ARG C 338 -25.42 17.77 8.46
C ARG C 338 -24.86 17.12 9.71
N LEU C 339 -24.30 17.93 10.59
CA LEU C 339 -23.71 17.41 11.82
C LEU C 339 -24.35 17.94 13.11
N LYS C 340 -24.32 17.07 14.13
CA LYS C 340 -24.87 17.39 15.43
C LYS C 340 -23.73 17.57 16.43
N LEU C 341 -23.58 18.78 16.95
CA LEU C 341 -22.53 19.05 17.92
C LEU C 341 -23.10 18.92 19.32
N TYR C 342 -22.40 18.20 20.18
CA TYR C 342 -22.88 18.04 21.54
C TYR C 342 -21.81 17.57 22.52
N LYS C 343 -21.48 18.46 23.45
CA LYS C 343 -20.50 18.21 24.49
C LYS C 343 -19.24 17.43 24.08
N GLY C 344 -18.40 18.10 23.31
CA GLY C 344 -17.15 17.50 22.86
C GLY C 344 -17.23 16.61 21.63
N ASN C 345 -18.43 16.14 21.28
CA ASN C 345 -18.58 15.26 20.13
C ASN C 345 -19.15 15.87 18.86
N VAL C 346 -18.88 15.20 17.74
CA VAL C 346 -19.38 15.59 16.44
C VAL C 346 -20.03 14.35 15.89
N TYR C 347 -21.33 14.42 15.64
CA TYR C 347 -22.06 13.28 15.10
C TYR C 347 -22.58 13.61 13.72
N VAL C 348 -22.40 12.69 12.79
CA VAL C 348 -22.91 12.89 11.45
C VAL C 348 -24.35 12.39 11.53
N VAL C 349 -25.31 13.22 11.10
CA VAL C 349 -26.72 12.82 11.14
C VAL C 349 -27.40 12.88 9.78
N GLY C 350 -26.71 13.46 8.80
CA GLY C 350 -27.27 13.57 7.46
C GLY C 350 -26.27 14.01 6.41
N ARG C 351 -26.60 13.70 5.16
CA ARG C 351 -25.75 14.08 4.03
C ARG C 351 -26.56 13.95 2.75
N LYS C 352 -26.28 14.84 1.80
CA LYS C 352 -26.96 14.84 0.51
C LYS C 352 -25.99 15.34 -0.54
N ALA C 353 -26.27 15.02 -1.80
CA ALA C 353 -25.36 15.44 -2.86
C ALA C 353 -26.11 15.45 -4.17
N PRO C 354 -25.82 16.43 -5.03
CA PRO C 354 -26.47 16.54 -6.34
C PRO C 354 -26.17 15.33 -7.22
N LYS C 355 -24.99 14.73 -7.04
CA LYS C 355 -24.62 13.55 -7.82
C LYS C 355 -24.43 12.36 -6.91
N SER C 356 -25.32 12.20 -5.93
CA SER C 356 -25.24 11.08 -5.00
C SER C 356 -25.27 9.75 -5.76
N LEU C 357 -24.47 8.79 -5.31
CA LEU C 357 -24.43 7.47 -5.92
C LEU C 357 -25.37 6.53 -5.17
N TYR C 358 -26.07 7.07 -4.18
CA TYR C 358 -26.99 6.28 -3.37
C TYR C 358 -28.36 6.17 -4.03
N ARG C 359 -28.81 4.93 -4.17
CA ARG C 359 -30.13 4.65 -4.76
C ARG C 359 -30.88 3.76 -3.78
N GLN C 360 -31.88 4.32 -3.12
CA GLN C 360 -32.67 3.56 -2.16
C GLN C 360 -33.24 2.29 -2.79
N ASP C 361 -33.76 2.43 -4.01
CA ASP C 361 -34.37 1.33 -4.74
C ASP C 361 -33.50 0.08 -4.81
N LEU C 362 -32.21 0.23 -4.59
CA LEU C 362 -31.30 -0.93 -4.64
C LEU C 362 -31.21 -1.66 -3.30
N VAL C 363 -31.54 -0.97 -2.22
CA VAL C 363 -31.47 -1.56 -0.89
C VAL C 363 -32.85 -1.95 -0.37
N SER C 364 -33.87 -1.20 -0.77
CA SER C 364 -35.23 -1.45 -0.32
C SER C 364 -35.82 -2.70 -0.94
N PHE C 365 -36.93 -3.16 -0.36
CA PHE C 365 -37.64 -4.34 -0.83
C PHE C 365 -39.05 -3.85 -1.10
N GLY C 370 -30.56 -2.69 -11.81
CA GLY C 370 -31.96 -3.21 -11.57
C GLY C 370 -31.90 -4.21 -10.44
N TYR C 371 -30.70 -4.77 -10.28
CA TYR C 371 -30.40 -5.76 -9.24
C TYR C 371 -31.30 -6.98 -9.10
N ASP C 372 -30.75 -8.15 -9.42
CA ASP C 372 -31.50 -9.40 -9.28
C ASP C 372 -30.83 -10.31 -8.24
N GLN C 373 -31.57 -10.69 -7.22
CA GLN C 373 -31.05 -11.52 -6.13
C GLN C 373 -30.28 -12.75 -6.62
N LYS C 374 -30.76 -13.39 -7.69
CA LYS C 374 -30.08 -14.56 -8.22
C LYS C 374 -28.64 -14.28 -8.67
N ASP C 375 -28.39 -13.05 -9.11
CA ASP C 375 -27.04 -12.67 -9.55
C ASP C 375 -26.03 -12.87 -8.42
N ALA C 376 -26.46 -12.67 -7.18
CA ALA C 376 -25.57 -12.83 -6.03
C ALA C 376 -25.03 -14.24 -5.89
N GLU C 377 -25.85 -15.23 -6.21
CA GLU C 377 -25.39 -16.61 -6.10
C GLU C 377 -24.19 -16.85 -7.02
N GLY C 378 -24.29 -16.36 -8.24
CA GLY C 378 -23.20 -16.53 -9.19
C GLY C 378 -21.96 -15.80 -8.73
N PHE C 379 -22.17 -14.61 -8.18
CA PHE C 379 -21.10 -13.78 -7.65
C PHE C 379 -20.38 -14.57 -6.56
N ILE C 380 -21.17 -15.13 -5.65
CA ILE C 380 -20.67 -15.90 -4.54
C ILE C 380 -19.85 -17.14 -4.96
N LYS C 381 -20.37 -17.89 -5.90
CA LYS C 381 -19.70 -19.10 -6.36
C LYS C 381 -18.34 -18.82 -7.01
N ILE C 382 -18.27 -17.78 -7.83
CA ILE C 382 -17.03 -17.40 -8.50
C ILE C 382 -16.00 -16.93 -7.47
N GLN C 383 -16.45 -16.14 -6.50
CA GLN C 383 -15.57 -15.64 -5.45
C GLN C 383 -15.09 -16.79 -4.58
N ALA C 384 -15.94 -17.80 -4.42
CA ALA C 384 -15.62 -18.92 -3.55
C ALA C 384 -14.73 -20.00 -4.14
N LEU C 385 -14.56 -19.98 -5.45
CA LEU C 385 -13.76 -21.01 -6.13
C LEU C 385 -12.36 -21.29 -5.55
N ARG C 386 -11.49 -20.27 -5.55
CA ARG C 386 -10.14 -20.43 -5.05
C ARG C 386 -10.09 -20.96 -3.61
N LEU C 387 -11.11 -20.63 -2.83
CA LEU C 387 -11.17 -21.11 -1.44
C LEU C 387 -11.52 -22.60 -1.40
N ARG C 388 -12.40 -23.03 -2.29
CA ARG C 388 -12.81 -24.43 -2.34
C ARG C 388 -11.66 -25.30 -2.85
N VAL C 389 -10.96 -24.81 -3.87
CA VAL C 389 -9.83 -25.55 -4.40
C VAL C 389 -8.79 -25.68 -3.31
N ARG C 390 -8.58 -24.57 -2.58
CA ARG C 390 -7.62 -24.56 -1.50
C ARG C 390 -7.95 -25.65 -0.48
N ALA C 391 -9.21 -25.68 -0.03
CA ALA C 391 -9.63 -26.68 0.94
C ALA C 391 -9.47 -28.08 0.37
N LEU C 392 -9.96 -28.28 -0.84
CA LEU C 392 -9.86 -29.60 -1.46
C LEU C 392 -8.41 -30.05 -1.57
N VAL C 393 -7.51 -29.14 -1.94
CA VAL C 393 -6.11 -29.53 -2.04
C VAL C 393 -5.55 -29.86 -0.66
N GLU C 394 -6.00 -29.13 0.35
CA GLU C 394 -5.55 -29.46 1.71
C GLU C 394 -6.12 -30.87 1.92
N ARG C 395 -7.00 -31.25 0.99
CA ARG C 395 -7.68 -32.54 0.99
C ARG C 395 -8.42 -32.58 2.30
N MET D 1 -32.93 -36.30 3.23
CA MET D 1 -32.09 -35.08 3.13
C MET D 1 -32.17 -34.28 4.42
N LYS D 2 -31.05 -33.71 4.85
CA LYS D 2 -31.05 -32.92 6.06
C LYS D 2 -30.47 -31.55 5.77
N ILE D 3 -31.05 -30.54 6.39
CA ILE D 3 -30.58 -29.18 6.20
C ILE D 3 -30.35 -28.58 7.58
N VAL D 4 -29.20 -27.94 7.79
CA VAL D 4 -28.92 -27.29 9.06
C VAL D 4 -29.18 -25.81 8.82
N LEU D 5 -30.14 -25.27 9.57
CA LEU D 5 -30.52 -23.88 9.42
C LEU D 5 -29.95 -22.98 10.51
N ALA D 6 -29.43 -21.82 10.10
CA ALA D 6 -28.93 -20.86 11.06
C ALA D 6 -30.24 -20.22 11.51
N TYR D 7 -30.76 -20.72 12.62
CA TYR D 7 -32.03 -20.26 13.16
C TYR D 7 -31.82 -19.27 14.30
N SER D 8 -32.36 -18.05 14.15
CA SER D 8 -32.22 -17.05 15.19
C SER D 8 -33.46 -16.97 16.07
N GLY D 9 -34.59 -17.50 15.59
CA GLY D 9 -35.81 -17.48 16.39
C GLY D 9 -36.86 -16.46 15.96
N GLY D 10 -36.49 -15.56 15.06
CA GLY D 10 -37.46 -14.56 14.61
C GLY D 10 -38.50 -15.09 13.64
N LEU D 11 -39.28 -14.18 13.07
CA LEU D 11 -40.35 -14.55 12.13
C LEU D 11 -39.80 -15.03 10.79
N ASP D 12 -38.81 -14.35 10.26
CA ASP D 12 -38.24 -14.76 8.99
C ASP D 12 -37.63 -16.16 9.05
N THR D 13 -36.73 -16.41 9.99
CA THR D 13 -36.12 -17.73 10.09
C THR D 13 -37.15 -18.79 10.44
N SER D 14 -38.26 -18.38 11.06
CA SER D 14 -39.32 -19.32 11.39
C SER D 14 -40.04 -19.71 10.08
N ILE D 15 -40.37 -18.71 9.27
CA ILE D 15 -41.02 -18.94 7.98
C ILE D 15 -40.10 -19.82 7.12
N ILE D 16 -38.80 -19.53 7.18
CA ILE D 16 -37.82 -20.28 6.41
C ILE D 16 -37.77 -21.73 6.86
N LEU D 17 -37.98 -21.96 8.16
CA LEU D 17 -37.95 -23.32 8.67
C LEU D 17 -39.10 -24.11 8.04
N LYS D 18 -40.27 -23.48 7.94
CA LYS D 18 -41.44 -24.11 7.31
C LYS D 18 -41.19 -24.30 5.82
N TRP D 19 -40.74 -23.23 5.18
CA TRP D 19 -40.45 -23.22 3.76
C TRP D 19 -39.48 -24.32 3.34
N LEU D 20 -38.45 -24.56 4.14
CA LEU D 20 -37.46 -25.59 3.80
C LEU D 20 -38.10 -26.96 3.83
N LYS D 21 -39.02 -27.17 4.76
CA LYS D 21 -39.67 -28.46 4.86
C LYS D 21 -40.62 -28.70 3.67
N GLU D 22 -41.46 -27.70 3.37
CA GLU D 22 -42.39 -27.85 2.25
C GLU D 22 -41.65 -27.89 0.92
N THR D 23 -40.63 -27.04 0.78
CA THR D 23 -39.87 -26.99 -0.46
C THR D 23 -38.96 -28.16 -0.74
N TYR D 24 -38.11 -28.52 0.22
CA TYR D 24 -37.18 -29.64 0.01
C TYR D 24 -37.64 -30.94 0.65
N ARG D 25 -38.67 -30.85 1.48
CA ARG D 25 -39.17 -32.03 2.16
C ARG D 25 -38.03 -32.79 2.82
N ALA D 26 -37.19 -32.07 3.54
CA ALA D 26 -36.07 -32.68 4.24
C ALA D 26 -36.14 -32.32 5.72
N GLU D 27 -35.34 -33.00 6.53
CA GLU D 27 -35.31 -32.72 7.98
C GLU D 27 -34.59 -31.38 8.15
N VAL D 28 -34.97 -30.62 9.16
CA VAL D 28 -34.31 -29.35 9.38
C VAL D 28 -33.76 -29.23 10.79
N ILE D 29 -32.43 -29.29 10.90
CA ILE D 29 -31.78 -29.15 12.19
C ILE D 29 -31.57 -27.66 12.40
N ALA D 30 -32.26 -27.10 13.38
CA ALA D 30 -32.13 -25.68 13.67
C ALA D 30 -30.93 -25.46 14.58
N PHE D 31 -30.23 -24.36 14.39
CA PHE D 31 -29.05 -24.05 15.21
C PHE D 31 -29.10 -22.59 15.59
N THR D 32 -29.13 -22.34 16.89
CA THR D 32 -29.17 -21.00 17.41
C THR D 32 -27.91 -20.80 18.24
N ALA D 33 -27.20 -19.72 17.96
CA ALA D 33 -25.98 -19.42 18.68
C ALA D 33 -26.14 -18.21 19.55
N ASP D 34 -25.67 -18.32 20.79
CA ASP D 34 -25.71 -17.21 21.72
C ASP D 34 -24.39 -16.47 21.54
N ILE D 35 -24.44 -15.32 20.90
CA ILE D 35 -23.25 -14.52 20.69
C ILE D 35 -23.45 -13.15 21.32
N GLY D 36 -24.33 -13.10 22.32
CA GLY D 36 -24.58 -11.85 23.01
C GLY D 36 -25.72 -10.97 22.54
N GLN D 37 -26.75 -11.53 21.93
CA GLN D 37 -27.86 -10.71 21.48
C GLN D 37 -28.81 -10.36 22.63
N GLY D 38 -28.54 -10.88 23.82
CA GLY D 38 -29.41 -10.60 24.96
C GLY D 38 -30.76 -11.22 24.64
N GLU D 39 -30.71 -12.51 24.33
CA GLU D 39 -31.87 -13.29 23.96
C GLU D 39 -31.71 -14.64 24.64
N GLU D 40 -32.82 -15.26 25.02
CA GLU D 40 -32.70 -16.58 25.63
C GLU D 40 -32.79 -17.57 24.47
N VAL D 41 -31.63 -18.13 24.11
CA VAL D 41 -31.57 -19.07 22.98
C VAL D 41 -32.31 -20.38 23.20
N GLU D 42 -32.64 -20.70 24.45
CA GLU D 42 -33.37 -21.94 24.68
C GLU D 42 -34.79 -21.72 24.16
N GLU D 43 -35.25 -20.48 24.23
CA GLU D 43 -36.58 -20.18 23.73
C GLU D 43 -36.57 -20.52 22.24
N ALA D 44 -35.63 -19.92 21.52
CA ALA D 44 -35.50 -20.14 20.08
C ALA D 44 -35.39 -21.63 19.80
N ARG D 45 -34.61 -22.33 20.61
CA ARG D 45 -34.40 -23.77 20.41
C ARG D 45 -35.76 -24.47 20.48
N GLU D 46 -36.51 -24.19 21.54
CA GLU D 46 -37.82 -24.81 21.71
C GLU D 46 -38.81 -24.31 20.67
N LYS D 47 -38.73 -23.03 20.32
CA LYS D 47 -39.62 -22.49 19.30
C LYS D 47 -39.31 -23.14 17.94
N ALA D 48 -38.08 -23.62 17.78
CA ALA D 48 -37.68 -24.27 16.55
C ALA D 48 -38.29 -25.67 16.51
N LEU D 49 -38.27 -26.34 17.66
CA LEU D 49 -38.82 -27.68 17.77
C LEU D 49 -40.30 -27.64 17.47
N ARG D 50 -40.95 -26.58 17.95
CA ARG D 50 -42.38 -26.40 17.73
C ARG D 50 -42.68 -26.13 16.27
N THR D 51 -41.85 -25.28 15.66
CA THR D 51 -42.03 -24.89 14.27
C THR D 51 -41.81 -26.03 13.28
N GLY D 52 -41.34 -27.17 13.75
CA GLY D 52 -41.14 -28.29 12.86
C GLY D 52 -39.75 -28.89 12.81
N ALA D 53 -38.76 -28.20 13.39
CA ALA D 53 -37.39 -28.72 13.36
C ALA D 53 -37.30 -30.14 13.91
N SER D 54 -36.53 -30.99 13.23
CA SER D 54 -36.37 -32.37 13.66
C SER D 54 -35.39 -32.43 14.82
N LYS D 55 -34.67 -31.32 15.00
CA LYS D 55 -33.69 -31.19 16.07
C LYS D 55 -33.26 -29.73 16.21
N ALA D 56 -33.04 -29.29 17.44
CA ALA D 56 -32.63 -27.92 17.69
C ALA D 56 -31.44 -27.85 18.65
N ILE D 57 -30.39 -27.17 18.23
CA ILE D 57 -29.19 -27.00 19.03
C ILE D 57 -29.09 -25.55 19.41
N ALA D 58 -28.60 -25.27 20.61
CA ALA D 58 -28.43 -23.89 21.07
C ALA D 58 -27.10 -23.88 21.83
N LEU D 59 -26.12 -23.15 21.28
CA LEU D 59 -24.81 -23.08 21.91
C LEU D 59 -24.46 -21.69 22.40
N ASP D 60 -23.65 -21.66 23.45
CA ASP D 60 -23.17 -20.43 24.06
C ASP D 60 -21.80 -20.18 23.42
N LEU D 61 -21.73 -19.27 22.45
CA LEU D 61 -20.47 -19.01 21.76
C LEU D 61 -19.89 -17.64 22.06
N LYS D 62 -20.29 -17.05 23.19
CA LYS D 62 -19.78 -15.73 23.55
C LYS D 62 -18.27 -15.68 23.67
N GLU D 63 -17.68 -16.54 24.51
CA GLU D 63 -16.24 -16.55 24.68
C GLU D 63 -15.52 -16.80 23.35
N GLU D 64 -15.94 -17.83 22.61
CA GLU D 64 -15.33 -18.14 21.32
C GLU D 64 -15.41 -16.93 20.41
N PHE D 65 -16.59 -16.31 20.34
CA PHE D 65 -16.79 -15.13 19.51
C PHE D 65 -15.72 -14.06 19.77
N VAL D 66 -15.68 -13.57 21.00
CA VAL D 66 -14.72 -12.53 21.36
C VAL D 66 -13.28 -13.00 21.25
N ARG D 67 -13.01 -14.20 21.74
CA ARG D 67 -11.66 -14.73 21.73
C ARG D 67 -11.07 -15.01 20.36
N ASP D 68 -11.72 -15.89 19.60
CA ASP D 68 -11.24 -16.27 18.28
C ASP D 68 -11.65 -15.41 17.08
N PHE D 69 -12.45 -14.37 17.32
CA PHE D 69 -12.86 -13.54 16.20
C PHE D 69 -12.70 -12.02 16.44
N VAL D 70 -13.38 -11.50 17.46
CA VAL D 70 -13.29 -10.09 17.77
C VAL D 70 -11.86 -9.64 18.10
N PHE D 71 -11.19 -10.38 18.98
CA PHE D 71 -9.83 -10.07 19.39
C PHE D 71 -8.80 -10.06 18.26
N PRO D 72 -8.75 -11.14 17.47
CA PRO D 72 -7.78 -11.16 16.37
C PRO D 72 -8.01 -9.97 15.44
N MET D 73 -9.29 -9.67 15.19
CA MET D 73 -9.67 -8.57 14.32
C MET D 73 -9.24 -7.23 14.92
N MET D 74 -9.40 -7.10 16.24
CA MET D 74 -9.04 -5.85 16.90
C MET D 74 -7.54 -5.62 16.86
N ARG D 75 -6.75 -6.69 16.99
CA ARG D 75 -5.30 -6.57 16.96
C ARG D 75 -4.83 -5.85 15.71
N ALA D 76 -5.57 -6.01 14.61
CA ALA D 76 -5.20 -5.38 13.35
C ALA D 76 -5.65 -3.94 13.20
N GLY D 77 -6.38 -3.42 14.18
CA GLY D 77 -6.86 -2.04 14.12
C GLY D 77 -7.86 -1.89 12.98
N ALA D 78 -8.64 -2.95 12.76
CA ALA D 78 -9.61 -2.98 11.67
C ALA D 78 -10.77 -2.00 11.75
N VAL D 79 -10.88 -1.13 10.74
CA VAL D 79 -11.96 -0.16 10.67
C VAL D 79 -12.36 0.04 9.21
N TYR D 80 -13.62 -0.26 8.91
CA TYR D 80 -14.11 -0.14 7.55
C TYR D 80 -14.61 1.26 7.22
N GLU D 81 -14.10 1.79 6.11
CA GLU D 81 -14.44 3.11 5.62
C GLU D 81 -14.54 4.19 6.68
N GLY D 82 -13.49 4.30 7.49
CA GLY D 82 -13.43 5.33 8.51
C GLY D 82 -14.11 5.14 9.86
N TYR D 83 -15.27 4.47 9.91
CA TYR D 83 -15.96 4.34 11.19
C TYR D 83 -16.54 2.98 11.59
N TYR D 84 -16.78 2.09 10.65
CA TYR D 84 -17.39 0.82 11.01
C TYR D 84 -16.46 -0.18 11.67
N LEU D 85 -16.79 -0.53 12.91
CA LEU D 85 -15.99 -1.47 13.68
C LEU D 85 -16.30 -2.93 13.39
N LEU D 86 -17.02 -3.18 12.30
CA LEU D 86 -17.32 -4.53 11.83
C LEU D 86 -18.10 -5.45 12.77
N GLY D 87 -19.00 -4.89 13.58
CA GLY D 87 -19.76 -5.70 14.52
C GLY D 87 -20.46 -6.92 13.95
N THR D 88 -21.13 -6.75 12.81
CA THR D 88 -21.86 -7.86 12.19
C THR D 88 -20.95 -8.78 11.38
N SER D 89 -19.94 -8.20 10.73
CA SER D 89 -19.02 -8.96 9.91
C SER D 89 -18.27 -10.10 10.61
N ILE D 90 -17.61 -9.83 11.74
CA ILE D 90 -16.88 -10.90 12.44
C ILE D 90 -17.74 -11.95 13.09
N ALA D 91 -19.04 -11.70 13.20
CA ALA D 91 -19.94 -12.67 13.81
C ALA D 91 -20.32 -13.81 12.86
N ARG D 92 -20.70 -13.46 11.63
CA ARG D 92 -21.10 -14.43 10.63
C ARG D 92 -20.18 -15.63 10.44
N PRO D 93 -18.85 -15.40 10.31
CA PRO D 93 -17.92 -16.52 10.12
C PRO D 93 -18.07 -17.57 11.23
N LEU D 94 -18.22 -17.08 12.46
CA LEU D 94 -18.38 -17.94 13.63
C LEU D 94 -19.58 -18.87 13.43
N ILE D 95 -20.73 -18.28 13.13
CA ILE D 95 -21.97 -19.02 12.91
C ILE D 95 -21.81 -20.04 11.80
N ALA D 96 -21.34 -19.58 10.64
CA ALA D 96 -21.15 -20.45 9.50
C ALA D 96 -20.26 -21.62 9.88
N LYS D 97 -19.22 -21.33 10.66
CA LYS D 97 -18.30 -22.37 11.09
C LYS D 97 -19.07 -23.46 11.82
N HIS D 98 -19.98 -23.08 12.70
CA HIS D 98 -20.74 -24.09 13.43
C HIS D 98 -21.80 -24.80 12.58
N LEU D 99 -22.36 -24.10 11.59
CA LEU D 99 -23.36 -24.71 10.71
C LEU D 99 -22.76 -25.91 9.99
N VAL D 100 -21.56 -25.71 9.46
CA VAL D 100 -20.87 -26.75 8.73
C VAL D 100 -20.42 -27.88 9.63
N ARG D 101 -19.97 -27.54 10.83
CA ARG D 101 -19.54 -28.53 11.80
C ARG D 101 -20.72 -29.43 12.14
N ILE D 102 -21.86 -28.81 12.42
CA ILE D 102 -23.09 -29.52 12.78
C ILE D 102 -23.56 -30.41 11.65
N ALA D 103 -23.58 -29.87 10.43
CA ALA D 103 -24.00 -30.64 9.26
C ALA D 103 -23.10 -31.86 9.11
N GLU D 104 -21.83 -31.70 9.44
CA GLU D 104 -20.88 -32.78 9.31
C GLU D 104 -21.22 -33.86 10.32
N GLU D 105 -21.65 -33.44 11.50
CA GLU D 105 -21.98 -34.40 12.54
C GLU D 105 -23.32 -35.07 12.31
N GLU D 106 -24.26 -34.33 11.75
CA GLU D 106 -25.60 -34.86 11.48
C GLU D 106 -25.75 -35.56 10.15
N GLY D 107 -24.72 -35.50 9.30
CA GLY D 107 -24.82 -36.12 8.00
C GLY D 107 -25.74 -35.30 7.10
N ALA D 108 -25.72 -33.99 7.27
CA ALA D 108 -26.56 -33.08 6.48
C ALA D 108 -25.78 -32.68 5.24
N GLU D 109 -26.43 -32.61 4.09
CA GLU D 109 -25.71 -32.22 2.89
C GLU D 109 -25.75 -30.72 2.64
N ALA D 110 -26.69 -30.03 3.31
CA ALA D 110 -26.80 -28.59 3.12
C ALA D 110 -27.05 -27.80 4.39
N ILE D 111 -26.80 -26.49 4.28
CA ILE D 111 -27.02 -25.56 5.38
C ILE D 111 -27.87 -24.45 4.78
N ALA D 112 -28.52 -23.67 5.63
CA ALA D 112 -29.37 -22.60 5.15
C ALA D 112 -29.29 -21.41 6.09
N HIS D 113 -29.58 -20.23 5.58
CA HIS D 113 -29.55 -19.01 6.38
C HIS D 113 -30.58 -18.05 5.81
N GLY D 114 -31.00 -17.08 6.61
CA GLY D 114 -32.01 -16.15 6.17
C GLY D 114 -31.50 -14.78 5.76
N ALA D 115 -30.28 -14.70 5.25
CA ALA D 115 -29.75 -13.42 4.81
C ALA D 115 -30.37 -13.16 3.43
N THR D 116 -30.63 -11.90 3.10
CA THR D 116 -31.24 -11.56 1.81
C THR D 116 -30.26 -11.65 0.63
N GLY D 117 -30.78 -11.48 -0.57
CA GLY D 117 -29.92 -11.53 -1.76
C GLY D 117 -29.25 -10.19 -2.02
N LYS D 118 -29.69 -9.16 -1.32
CA LYS D 118 -29.15 -7.79 -1.47
C LYS D 118 -28.01 -7.43 -0.51
N GLY D 119 -27.69 -8.31 0.43
CA GLY D 119 -26.66 -7.96 1.39
C GLY D 119 -25.31 -8.64 1.38
N ASN D 120 -24.51 -8.28 2.39
CA ASN D 120 -23.17 -8.83 2.57
C ASN D 120 -23.23 -10.15 3.31
N ASP D 121 -24.15 -10.27 4.26
CA ASP D 121 -24.26 -11.49 5.05
C ASP D 121 -24.30 -12.79 4.27
N GLN D 122 -25.08 -12.84 3.20
CA GLN D 122 -25.17 -14.05 2.38
C GLN D 122 -23.76 -14.46 1.96
N VAL D 123 -22.95 -13.48 1.60
CA VAL D 123 -21.58 -13.72 1.16
C VAL D 123 -20.72 -14.21 2.32
N ARG D 124 -20.88 -13.59 3.48
CA ARG D 124 -20.12 -13.99 4.66
C ARG D 124 -20.42 -15.44 5.02
N PHE D 125 -21.70 -15.81 5.13
CA PHE D 125 -22.06 -17.19 5.47
C PHE D 125 -21.47 -18.16 4.46
N GLU D 126 -21.78 -17.94 3.19
CA GLU D 126 -21.36 -18.83 2.13
C GLU D 126 -19.86 -18.89 1.86
N LEU D 127 -19.18 -17.73 1.82
CA LEU D 127 -17.74 -17.77 1.60
C LEU D 127 -17.09 -18.60 2.71
N THR D 128 -17.56 -18.47 3.95
CA THR D 128 -16.93 -19.27 4.99
C THR D 128 -17.43 -20.71 4.91
N ALA D 129 -18.68 -20.92 4.54
CA ALA D 129 -19.19 -22.28 4.42
C ALA D 129 -18.39 -23.07 3.37
N TYR D 130 -18.23 -22.52 2.18
CA TYR D 130 -17.48 -23.20 1.12
C TYR D 130 -16.00 -23.36 1.44
N ALA D 131 -15.43 -22.39 2.14
CA ALA D 131 -14.01 -22.45 2.49
C ALA D 131 -13.70 -23.54 3.50
N LEU D 132 -14.66 -23.82 4.37
CA LEU D 132 -14.48 -24.84 5.39
C LEU D 132 -14.89 -26.24 4.91
N LYS D 133 -15.86 -26.31 4.01
CA LYS D 133 -16.35 -27.58 3.47
C LYS D 133 -16.78 -27.31 2.02
N PRO D 134 -15.86 -27.45 1.06
CA PRO D 134 -16.15 -27.21 -0.36
C PRO D 134 -17.33 -27.95 -1.01
N ASP D 135 -17.66 -29.13 -0.50
CA ASP D 135 -18.76 -29.88 -1.08
C ASP D 135 -20.13 -29.56 -0.51
N ILE D 136 -20.16 -28.72 0.53
CA ILE D 136 -21.40 -28.35 1.17
C ILE D 136 -22.37 -27.70 0.19
N LYS D 137 -23.66 -27.86 0.44
CA LYS D 137 -24.67 -27.24 -0.39
C LYS D 137 -25.29 -26.12 0.43
N VAL D 138 -25.53 -24.99 -0.21
CA VAL D 138 -26.10 -23.87 0.51
C VAL D 138 -27.45 -23.50 -0.05
N ILE D 139 -28.42 -23.32 0.84
CA ILE D 139 -29.75 -22.93 0.43
C ILE D 139 -30.01 -21.59 1.06
N ALA D 140 -30.38 -20.61 0.24
CA ALA D 140 -30.68 -19.27 0.70
C ALA D 140 -32.08 -18.96 0.21
N PRO D 141 -33.09 -19.27 1.03
CA PRO D 141 -34.48 -19.04 0.69
C PRO D 141 -34.83 -17.67 0.12
N TRP D 142 -34.23 -16.59 0.63
CA TRP D 142 -34.55 -15.27 0.11
C TRP D 142 -34.26 -15.15 -1.39
N ARG D 143 -33.31 -15.93 -1.88
CA ARG D 143 -32.97 -15.88 -3.29
C ARG D 143 -33.77 -16.86 -4.13
N GLU D 144 -34.45 -17.82 -3.50
CA GLU D 144 -35.20 -18.83 -4.25
C GLU D 144 -36.73 -18.76 -4.26
N TRP D 145 -37.34 -18.27 -3.17
CA TRP D 145 -38.80 -18.25 -3.08
C TRP D 145 -39.59 -17.22 -3.88
N SER D 146 -40.91 -17.26 -3.77
CA SER D 146 -41.81 -16.37 -4.51
C SER D 146 -42.49 -15.23 -3.78
N PHE D 147 -42.35 -15.15 -2.46
CA PHE D 147 -43.01 -14.09 -1.72
C PHE D 147 -42.71 -12.74 -2.36
N GLN D 148 -43.77 -11.99 -2.69
CA GLN D 148 -43.57 -10.67 -3.30
C GLN D 148 -43.86 -9.57 -2.29
N GLY D 149 -43.47 -9.79 -1.03
CA GLY D 149 -43.69 -8.76 -0.03
C GLY D 149 -44.00 -9.24 1.37
N ARG D 150 -43.89 -8.31 2.32
CA ARG D 150 -44.16 -8.56 3.72
C ARG D 150 -45.49 -9.28 3.92
N LYS D 151 -46.55 -8.65 3.43
CA LYS D 151 -47.91 -9.17 3.53
C LYS D 151 -47.97 -10.67 3.25
N GLU D 152 -47.56 -11.08 2.04
CA GLU D 152 -47.58 -12.49 1.65
C GLU D 152 -46.94 -13.38 2.72
N MET D 153 -45.81 -12.93 3.26
CA MET D 153 -45.12 -13.68 4.29
C MET D 153 -45.93 -13.81 5.57
N ILE D 154 -46.53 -12.71 6.03
CA ILE D 154 -47.34 -12.74 7.25
C ILE D 154 -48.42 -13.82 7.12
N ALA D 155 -49.18 -13.77 6.03
CA ALA D 155 -50.24 -14.75 5.80
C ALA D 155 -49.68 -16.16 5.80
N TYR D 156 -48.65 -16.37 4.96
CA TYR D 156 -48.00 -17.67 4.87
C TYR D 156 -47.68 -18.22 6.26
N ALA D 157 -47.16 -17.35 7.13
CA ALA D 157 -46.80 -17.74 8.49
C ALA D 157 -48.02 -18.25 9.23
N GLU D 158 -49.09 -17.47 9.19
CA GLU D 158 -50.32 -17.84 9.88
C GLU D 158 -50.91 -19.13 9.31
N ALA D 159 -50.83 -19.29 7.99
CA ALA D 159 -51.32 -20.52 7.38
C ALA D 159 -50.66 -21.67 8.14
N HIS D 160 -49.39 -21.50 8.49
CA HIS D 160 -48.67 -22.54 9.25
C HIS D 160 -48.66 -22.21 10.73
N GLY D 161 -49.55 -21.30 11.12
CA GLY D 161 -49.66 -20.93 12.52
C GLY D 161 -48.33 -20.57 13.16
N ILE D 162 -47.85 -19.35 12.88
CA ILE D 162 -46.59 -18.87 13.42
C ILE D 162 -46.79 -17.47 14.00
N PRO D 163 -46.41 -17.27 15.28
CA PRO D 163 -46.56 -15.96 15.96
C PRO D 163 -46.11 -14.79 15.10
N VAL D 164 -46.92 -13.74 15.04
CA VAL D 164 -46.60 -12.57 14.24
C VAL D 164 -46.63 -11.27 15.04
N PRO D 165 -45.89 -10.25 14.60
CA PRO D 165 -45.80 -8.93 15.25
C PRO D 165 -47.16 -8.36 15.70
N PRO D 171 -40.09 -0.34 10.90
CA PRO D 171 -39.51 1.01 11.07
C PRO D 171 -38.04 0.95 10.64
N TYR D 172 -37.36 -0.13 11.06
CA TYR D 172 -35.96 -0.41 10.77
C TYR D 172 -35.65 -1.76 11.41
N SER D 173 -34.70 -2.51 10.85
CA SER D 173 -34.36 -3.81 11.43
C SER D 173 -33.01 -3.72 12.13
N MET D 174 -32.77 -4.66 13.03
CA MET D 174 -31.51 -4.65 13.77
C MET D 174 -30.84 -5.98 13.95
N ASP D 175 -29.57 -5.92 14.31
CA ASP D 175 -28.74 -7.10 14.51
C ASP D 175 -27.87 -6.80 15.73
N ALA D 176 -27.98 -7.64 16.76
CA ALA D 176 -27.21 -7.42 17.98
C ALA D 176 -26.33 -8.59 18.39
N ASN D 177 -25.23 -8.27 19.06
CA ASN D 177 -24.31 -9.28 19.58
C ASN D 177 -23.39 -8.60 20.59
N LEU D 178 -22.50 -9.37 21.22
CA LEU D 178 -21.61 -8.82 22.21
C LEU D 178 -20.82 -7.58 21.78
N LEU D 179 -20.58 -7.44 20.48
CA LEU D 179 -19.81 -6.29 19.99
C LEU D 179 -20.61 -5.03 19.67
N HIS D 180 -21.83 -5.19 19.18
CA HIS D 180 -22.64 -4.02 18.85
C HIS D 180 -24.08 -4.35 18.50
N ILE D 181 -24.78 -3.32 18.05
CA ILE D 181 -26.14 -3.47 17.56
C ILE D 181 -26.17 -2.58 16.32
N SER D 182 -26.63 -3.13 15.20
CA SER D 182 -26.72 -2.36 13.96
C SER D 182 -28.19 -2.11 13.65
N TYR D 183 -28.44 -0.97 13.03
CA TYR D 183 -29.78 -0.56 12.65
C TYR D 183 -29.74 -0.20 11.17
N GLU D 184 -30.73 -0.65 10.41
CA GLU D 184 -30.73 -0.39 8.98
C GLU D 184 -32.13 -0.54 8.36
N GLY D 185 -32.36 0.16 7.25
CA GLY D 185 -33.64 0.08 6.56
C GLY D 185 -34.70 1.03 7.10
N GLY D 186 -35.92 0.89 6.62
CA GLY D 186 -36.98 1.76 7.09
C GLY D 186 -36.61 3.23 7.02
N VAL D 187 -36.94 3.99 8.07
CA VAL D 187 -36.64 5.42 8.11
C VAL D 187 -35.18 5.75 7.91
N LEU D 188 -34.31 4.76 8.14
CA LEU D 188 -32.88 4.95 8.00
C LEU D 188 -32.42 5.03 6.53
N GLU D 189 -33.27 4.61 5.60
CA GLU D 189 -32.91 4.62 4.19
C GLU D 189 -32.72 6.01 3.62
N ASP D 190 -33.18 7.03 4.33
CA ASP D 190 -33.01 8.41 3.88
C ASP D 190 -31.76 8.95 4.57
N PRO D 191 -30.63 9.01 3.84
CA PRO D 191 -29.34 9.50 4.36
C PRO D 191 -29.37 10.92 4.91
N TRP D 192 -30.42 11.67 4.61
CA TRP D 192 -30.53 13.03 5.11
C TRP D 192 -31.32 13.08 6.41
N ALA D 193 -31.96 11.96 6.76
CA ALA D 193 -32.76 11.87 7.97
C ALA D 193 -32.01 11.25 9.15
N GLU D 194 -31.98 11.98 10.26
CA GLU D 194 -31.30 11.51 11.47
C GLU D 194 -32.06 10.33 12.09
N PRO D 195 -31.35 9.35 12.65
CA PRO D 195 -32.04 8.21 13.25
C PRO D 195 -33.05 8.71 14.29
N PRO D 196 -34.28 8.18 14.27
CA PRO D 196 -35.30 8.60 15.24
C PRO D 196 -34.82 8.55 16.68
N LYS D 197 -35.31 9.47 17.51
CA LYS D 197 -34.90 9.48 18.90
C LYS D 197 -35.43 8.24 19.59
N GLY D 198 -34.65 7.69 20.51
CA GLY D 198 -35.08 6.52 21.23
C GLY D 198 -34.84 5.22 20.52
N MET D 199 -34.08 5.28 19.43
CA MET D 199 -33.80 4.08 18.66
C MET D 199 -32.74 3.19 19.32
N PHE D 200 -31.65 3.81 19.78
CA PHE D 200 -30.56 3.06 20.41
C PHE D 200 -30.95 2.22 21.62
N ARG D 201 -30.34 1.04 21.71
CA ARG D 201 -30.63 0.10 22.80
C ARG D 201 -29.43 -0.22 23.69
N MET D 202 -28.26 -0.37 23.10
CA MET D 202 -27.06 -0.71 23.88
C MET D 202 -26.45 0.46 24.64
N THR D 203 -26.61 1.66 24.10
CA THR D 203 -26.07 2.84 24.74
C THR D 203 -27.19 3.77 25.17
N GLN D 204 -26.93 4.55 26.21
CA GLN D 204 -27.91 5.50 26.71
C GLN D 204 -27.68 6.79 25.95
N ASP D 205 -28.71 7.62 25.78
CA ASP D 205 -28.52 8.87 25.08
C ASP D 205 -27.57 9.76 25.85
N PRO D 206 -26.56 10.30 25.17
CA PRO D 206 -25.61 11.17 25.87
C PRO D 206 -26.33 12.23 26.70
N GLU D 207 -27.43 12.77 26.18
CA GLU D 207 -28.19 13.80 26.89
C GLU D 207 -28.72 13.28 28.22
N GLU D 208 -28.69 11.96 28.42
CA GLU D 208 -29.18 11.39 29.66
C GLU D 208 -28.02 10.71 30.40
N ALA D 209 -26.80 10.84 29.86
CA ALA D 209 -25.62 10.24 30.48
C ALA D 209 -25.22 11.01 31.72
N PRO D 210 -24.52 10.34 32.66
CA PRO D 210 -24.05 10.93 33.92
C PRO D 210 -23.40 12.29 33.70
N ASP D 211 -23.55 13.18 34.67
CA ASP D 211 -22.97 14.52 34.57
C ASP D 211 -21.51 14.53 34.96
N ALA D 212 -21.07 13.46 35.61
CA ALA D 212 -19.69 13.36 36.03
C ALA D 212 -18.98 12.37 35.12
N PRO D 213 -17.77 12.72 34.64
CA PRO D 213 -17.02 11.83 33.77
C PRO D 213 -16.61 10.59 34.54
N GLU D 214 -16.44 9.47 33.86
CA GLU D 214 -16.00 8.26 34.54
C GLU D 214 -14.69 7.81 33.89
N TYR D 215 -13.72 7.45 34.73
CA TYR D 215 -12.42 7.01 34.24
C TYR D 215 -12.39 5.49 34.21
N VAL D 216 -11.77 4.95 33.18
CA VAL D 216 -11.64 3.51 33.05
C VAL D 216 -10.25 3.19 32.57
N GLU D 217 -9.69 2.10 33.08
CA GLU D 217 -8.36 1.68 32.70
C GLU D 217 -8.42 0.27 32.14
N VAL D 218 -7.74 0.06 31.01
CA VAL D 218 -7.71 -1.24 30.38
C VAL D 218 -6.27 -1.70 30.22
N GLU D 219 -6.02 -2.96 30.60
CA GLU D 219 -4.70 -3.54 30.51
C GLU D 219 -4.63 -4.47 29.30
N PHE D 220 -3.58 -4.31 28.50
CA PHE D 220 -3.38 -5.17 27.34
C PHE D 220 -2.14 -5.99 27.63
N PHE D 221 -2.18 -7.29 27.36
CA PHE D 221 -0.99 -8.09 27.60
C PHE D 221 -0.90 -8.78 26.25
N GLU D 222 0.13 -8.51 25.46
CA GLU D 222 0.20 -9.21 24.19
C GLU D 222 -0.68 -8.95 22.99
N GLY D 223 -1.29 -7.75 22.98
CA GLY D 223 -2.18 -7.38 21.90
C GLY D 223 -3.65 -7.53 22.25
N ASP D 224 -3.94 -8.21 23.36
CA ASP D 224 -5.33 -8.42 23.78
C ASP D 224 -5.63 -7.83 25.15
N PRO D 225 -6.84 -7.30 25.34
CA PRO D 225 -7.22 -6.73 26.64
C PRO D 225 -7.44 -7.85 27.67
N VAL D 226 -6.83 -7.72 28.84
CA VAL D 226 -6.94 -8.75 29.86
C VAL D 226 -7.59 -8.32 31.18
N ALA D 227 -7.69 -7.02 31.41
CA ALA D 227 -8.31 -6.57 32.65
C ALA D 227 -8.88 -5.17 32.51
N VAL D 228 -9.88 -4.89 33.33
CA VAL D 228 -10.55 -3.59 33.36
C VAL D 228 -10.52 -3.09 34.81
N ASN D 229 -9.97 -1.89 35.00
CA ASN D 229 -9.85 -1.29 36.32
C ASN D 229 -9.21 -2.26 37.31
N GLY D 230 -8.20 -3.00 36.84
CA GLY D 230 -7.51 -3.93 37.72
C GLY D 230 -8.11 -5.32 37.89
N GLU D 231 -9.32 -5.52 37.40
CA GLU D 231 -9.96 -6.82 37.51
C GLU D 231 -9.74 -7.65 36.24
N ARG D 232 -9.11 -8.80 36.40
CA ARG D 232 -8.87 -9.68 35.27
C ARG D 232 -10.23 -10.20 34.80
N LEU D 233 -10.45 -10.20 33.49
CA LEU D 233 -11.72 -10.66 32.93
C LEU D 233 -11.49 -11.45 31.66
N SER D 234 -12.26 -12.52 31.48
CA SER D 234 -12.15 -13.34 30.29
C SER D 234 -12.56 -12.48 29.09
N PRO D 235 -12.16 -12.88 27.88
CA PRO D 235 -12.52 -12.11 26.69
C PRO D 235 -13.99 -11.68 26.59
N ALA D 236 -14.91 -12.62 26.73
CA ALA D 236 -16.32 -12.26 26.64
C ALA D 236 -16.75 -11.41 27.85
N ALA D 237 -16.25 -11.77 29.02
CA ALA D 237 -16.56 -11.04 30.25
C ALA D 237 -16.04 -9.60 30.17
N LEU D 238 -14.85 -9.44 29.59
CA LEU D 238 -14.27 -8.10 29.49
C LEU D 238 -15.05 -7.22 28.50
N LEU D 239 -15.50 -7.77 27.38
CA LEU D 239 -16.26 -6.97 26.42
C LEU D 239 -17.59 -6.53 27.05
N GLN D 240 -18.21 -7.43 27.81
CA GLN D 240 -19.47 -7.13 28.48
C GLN D 240 -19.28 -5.94 29.43
N ARG D 241 -18.30 -6.03 30.32
CA ARG D 241 -18.03 -4.96 31.27
C ARG D 241 -17.87 -3.62 30.57
N LEU D 242 -17.06 -3.58 29.51
CA LEU D 242 -16.84 -2.33 28.79
C LEU D 242 -18.08 -1.84 28.06
N ASN D 243 -19.01 -2.73 27.75
CA ASN D 243 -20.26 -2.31 27.11
C ASN D 243 -21.08 -1.57 28.17
N GLU D 244 -21.12 -2.13 29.38
CA GLU D 244 -21.86 -1.52 30.48
C GLU D 244 -21.33 -0.14 30.84
N ILE D 245 -20.02 -0.07 31.07
CA ILE D 245 -19.38 1.18 31.40
C ILE D 245 -19.57 2.20 30.29
N GLY D 246 -19.33 1.78 29.05
CA GLY D 246 -19.44 2.69 27.93
C GLY D 246 -20.87 3.01 27.55
N GLY D 247 -21.75 2.01 27.62
CA GLY D 247 -23.14 2.23 27.29
C GLY D 247 -23.74 3.28 28.20
N ARG D 248 -23.40 3.21 29.48
CA ARG D 248 -23.91 4.16 30.45
C ARG D 248 -23.63 5.58 29.98
N HIS D 249 -22.47 5.80 29.36
CA HIS D 249 -22.13 7.14 28.88
C HIS D 249 -22.50 7.42 27.44
N GLY D 250 -23.17 6.46 26.79
CA GLY D 250 -23.59 6.63 25.40
C GLY D 250 -22.45 6.64 24.40
N VAL D 251 -21.39 5.92 24.74
CA VAL D 251 -20.20 5.84 23.90
C VAL D 251 -20.30 4.91 22.69
N GLY D 252 -19.68 5.35 21.59
CA GLY D 252 -19.62 4.54 20.38
C GLY D 252 -20.73 4.51 19.36
N ARG D 253 -21.34 5.66 19.07
CA ARG D 253 -22.41 5.70 18.10
C ARG D 253 -21.89 6.15 16.73
N VAL D 254 -22.20 5.36 15.70
CA VAL D 254 -21.76 5.65 14.34
C VAL D 254 -22.92 5.69 13.35
N ASP D 255 -22.89 6.67 12.45
CA ASP D 255 -23.93 6.84 11.43
C ASP D 255 -23.25 7.03 10.09
N ILE D 256 -23.29 6.00 9.24
CA ILE D 256 -22.62 6.05 7.95
C ILE D 256 -23.37 5.47 6.75
N VAL D 257 -22.95 5.89 5.56
CA VAL D 257 -23.47 5.34 4.32
C VAL D 257 -22.27 4.51 3.86
N GLU D 258 -22.40 3.19 3.90
CA GLU D 258 -21.31 2.31 3.52
C GLU D 258 -21.47 1.72 2.14
N ASN D 259 -20.38 1.17 1.61
CA ASN D 259 -20.40 0.53 0.30
C ASN D 259 -20.47 -0.97 0.54
N ARG D 260 -21.56 -1.61 0.10
CA ARG D 260 -21.69 -3.06 0.27
C ARG D 260 -20.83 -3.75 -0.77
N PHE D 261 -20.40 -4.97 -0.46
CA PHE D 261 -19.55 -5.76 -1.37
C PHE D 261 -20.31 -6.15 -2.64
N VAL D 262 -21.63 -6.10 -2.57
CA VAL D 262 -22.46 -6.48 -3.69
C VAL D 262 -22.64 -5.37 -4.72
N GLY D 263 -22.23 -4.15 -4.40
CA GLY D 263 -22.34 -3.09 -5.39
C GLY D 263 -22.98 -1.76 -5.04
N MET D 264 -23.95 -1.74 -4.12
CA MET D 264 -24.60 -0.48 -3.77
C MET D 264 -24.33 0.07 -2.39
N LYS D 265 -24.68 1.33 -2.20
CA LYS D 265 -24.49 2.02 -0.93
C LYS D 265 -25.67 1.72 0.00
N SER D 266 -25.41 1.77 1.30
CA SER D 266 -26.41 1.47 2.31
C SER D 266 -26.19 2.37 3.52
N ARG D 267 -27.28 2.89 4.09
CA ARG D 267 -27.20 3.77 5.25
C ARG D 267 -27.24 2.95 6.53
N GLY D 268 -26.15 2.98 7.30
CA GLY D 268 -26.11 2.21 8.53
C GLY D 268 -25.83 3.03 9.77
N VAL D 269 -26.30 2.51 10.91
CA VAL D 269 -26.12 3.14 12.20
C VAL D 269 -25.68 2.06 13.14
N TYR D 270 -24.60 2.30 13.89
CA TYR D 270 -24.08 1.30 14.81
C TYR D 270 -23.69 1.87 16.17
N GLU D 271 -23.85 1.05 17.20
CA GLU D 271 -23.45 1.45 18.55
C GLU D 271 -22.52 0.35 19.04
N THR D 272 -21.27 0.73 19.30
CA THR D 272 -20.24 -0.20 19.73
C THR D 272 -19.45 0.37 20.92
N PRO D 273 -20.08 0.49 22.09
CA PRO D 273 -19.46 1.03 23.31
C PRO D 273 -18.14 0.40 23.76
N GLY D 274 -18.16 -0.88 24.09
CA GLY D 274 -16.93 -1.53 24.53
C GLY D 274 -15.87 -1.54 23.43
N GLY D 275 -16.31 -1.76 22.19
CA GLY D 275 -15.37 -1.80 21.09
C GLY D 275 -14.71 -0.45 20.86
N THR D 276 -15.48 0.63 21.01
CA THR D 276 -14.94 1.96 20.81
C THR D 276 -13.93 2.31 21.91
N ILE D 277 -14.19 1.83 23.12
CA ILE D 277 -13.26 2.06 24.22
C ILE D 277 -12.00 1.24 23.92
N LEU D 278 -12.21 -0.02 23.56
CA LEU D 278 -11.10 -0.90 23.24
C LEU D 278 -10.27 -0.33 22.10
N TYR D 279 -10.93 0.21 21.08
CA TYR D 279 -10.23 0.77 19.94
C TYR D 279 -9.21 1.81 20.37
N HIS D 280 -9.66 2.81 21.11
CA HIS D 280 -8.79 3.87 21.58
C HIS D 280 -7.78 3.41 22.63
N ALA D 281 -8.19 2.49 23.49
CA ALA D 281 -7.30 2.00 24.55
C ALA D 281 -6.06 1.35 23.93
N ARG D 282 -6.28 0.54 22.90
CA ARG D 282 -5.20 -0.16 22.20
C ARG D 282 -4.23 0.82 21.55
N ARG D 283 -4.74 1.79 20.81
CA ARG D 283 -3.87 2.76 20.17
C ARG D 283 -3.05 3.54 21.20
N ALA D 284 -3.66 3.83 22.34
CA ALA D 284 -2.99 4.56 23.41
C ALA D 284 -1.79 3.75 23.89
N VAL D 285 -1.98 2.45 24.07
CA VAL D 285 -0.88 1.60 24.50
C VAL D 285 0.16 1.43 23.37
N GLU D 286 -0.30 1.37 22.12
CA GLU D 286 0.59 1.22 20.97
C GLU D 286 1.47 2.47 20.83
N SER D 287 0.96 3.61 21.30
CA SER D 287 1.71 4.85 21.18
C SER D 287 3.01 4.80 22.00
N LEU D 288 3.08 3.93 22.99
CA LEU D 288 4.29 3.82 23.79
C LEU D 288 5.10 2.58 23.42
N THR D 289 4.40 1.53 23.00
CA THR D 289 5.03 0.25 22.68
C THR D 289 5.41 -0.09 21.24
N LEU D 290 4.80 0.56 20.27
CA LEU D 290 5.12 0.27 18.88
C LEU D 290 6.13 1.23 18.25
N ASP D 291 7.08 0.67 17.50
CA ASP D 291 8.06 1.47 16.80
C ASP D 291 7.35 2.28 15.72
N ARG D 292 7.86 3.48 15.46
CA ARG D 292 7.28 4.38 14.47
C ARG D 292 7.02 3.77 13.10
N GLU D 293 8.07 3.24 12.48
CA GLU D 293 7.92 2.65 11.16
C GLU D 293 6.98 1.45 11.17
N VAL D 294 7.03 0.65 12.21
CA VAL D 294 6.15 -0.51 12.29
C VAL D 294 4.71 0.00 12.28
N LEU D 295 4.43 0.97 13.15
CA LEU D 295 3.10 1.56 13.23
C LEU D 295 2.59 2.11 11.90
N HIS D 296 3.42 2.87 11.21
CA HIS D 296 3.01 3.46 9.94
C HIS D 296 2.66 2.41 8.87
N GLN D 297 3.40 1.30 8.86
CA GLN D 297 3.14 0.23 7.91
C GLN D 297 1.85 -0.50 8.28
N ARG D 298 1.68 -0.77 9.58
CA ARG D 298 0.51 -1.46 10.09
C ARG D 298 -0.78 -0.70 9.74
N ASP D 299 -0.76 0.62 9.94
CA ASP D 299 -1.92 1.44 9.64
C ASP D 299 -2.29 1.47 8.17
N MET D 300 -1.31 1.31 7.29
CA MET D 300 -1.61 1.31 5.85
C MET D 300 -2.19 -0.04 5.40
N LEU D 301 -2.02 -1.08 6.20
CA LEU D 301 -2.56 -2.40 5.88
C LEU D 301 -3.91 -2.63 6.56
N SER D 302 -4.18 -1.90 7.64
CA SER D 302 -5.43 -2.03 8.37
C SER D 302 -6.69 -1.96 7.49
N PRO D 303 -6.77 -0.95 6.60
CA PRO D 303 -7.94 -0.81 5.72
C PRO D 303 -8.22 -2.03 4.83
N LYS D 304 -7.16 -2.69 4.36
CA LYS D 304 -7.32 -3.86 3.50
C LYS D 304 -7.90 -5.00 4.31
N TYR D 305 -7.37 -5.20 5.51
CA TYR D 305 -7.84 -6.24 6.40
C TYR D 305 -9.32 -6.01 6.70
N ALA D 306 -9.67 -4.75 6.94
CA ALA D 306 -11.03 -4.35 7.26
C ALA D 306 -12.00 -4.73 6.16
N GLU D 307 -11.64 -4.42 4.91
CA GLU D 307 -12.53 -4.75 3.83
C GLU D 307 -12.61 -6.26 3.61
N LEU D 308 -11.54 -6.98 3.97
CA LEU D 308 -11.53 -8.43 3.83
C LEU D 308 -12.61 -9.00 4.76
N VAL D 309 -12.59 -8.54 6.01
CA VAL D 309 -13.55 -8.96 7.01
C VAL D 309 -14.97 -8.53 6.61
N TYR D 310 -15.10 -7.29 6.15
CA TYR D 310 -16.38 -6.76 5.73
C TYR D 310 -17.02 -7.58 4.60
N TYR D 311 -16.20 -7.93 3.61
CA TYR D 311 -16.67 -8.68 2.45
C TYR D 311 -17.00 -10.13 2.75
N GLY D 312 -16.40 -10.69 3.80
CA GLY D 312 -16.64 -12.07 4.17
C GLY D 312 -15.45 -12.99 4.04
N PHE D 313 -14.27 -12.44 3.73
CA PHE D 313 -13.09 -13.28 3.59
C PHE D 313 -12.31 -13.52 4.88
N TRP D 314 -12.97 -14.10 5.89
CA TRP D 314 -12.32 -14.39 7.16
C TRP D 314 -11.47 -15.64 7.04
N TYR D 315 -12.07 -16.73 6.57
CA TYR D 315 -11.33 -17.97 6.38
C TYR D 315 -10.80 -18.00 4.96
N ALA D 316 -9.97 -17.00 4.66
CA ALA D 316 -9.37 -16.83 3.35
C ALA D 316 -7.87 -16.68 3.58
N PRO D 317 -7.05 -17.23 2.70
CA PRO D 317 -5.60 -17.14 2.86
C PRO D 317 -5.02 -15.72 3.00
N GLU D 318 -5.66 -14.73 2.38
CA GLU D 318 -5.20 -13.34 2.44
C GLU D 318 -5.31 -12.76 3.83
N ARG D 319 -6.46 -12.99 4.44
CA ARG D 319 -6.73 -12.47 5.77
C ARG D 319 -5.78 -13.14 6.76
N GLU D 320 -5.63 -14.45 6.64
CA GLU D 320 -4.76 -15.18 7.55
C GLU D 320 -3.30 -14.78 7.35
N ALA D 321 -2.95 -14.37 6.13
CA ALA D 321 -1.58 -13.95 5.84
C ALA D 321 -1.36 -12.62 6.56
N LEU D 322 -2.28 -11.69 6.37
CA LEU D 322 -2.20 -10.39 7.02
C LEU D 322 -2.22 -10.54 8.54
N GLN D 323 -3.01 -11.50 9.01
CA GLN D 323 -3.14 -11.75 10.45
C GLN D 323 -1.80 -12.06 11.08
N ALA D 324 -0.94 -12.77 10.34
CA ALA D 324 0.37 -13.13 10.85
C ALA D 324 1.18 -11.86 11.09
N TYR D 325 1.01 -10.88 10.20
CA TYR D 325 1.70 -9.62 10.33
C TYR D 325 1.17 -8.84 11.55
N PHE D 326 -0.15 -8.69 11.61
CA PHE D 326 -0.78 -7.97 12.71
C PHE D 326 -0.49 -8.60 14.06
N ASP D 327 -0.52 -9.93 14.13
CA ASP D 327 -0.27 -10.60 15.39
C ASP D 327 1.18 -10.35 15.83
N HIS D 328 2.10 -10.40 14.87
CA HIS D 328 3.50 -10.15 15.16
C HIS D 328 3.68 -8.77 15.80
N VAL D 329 3.08 -7.75 15.19
CA VAL D 329 3.15 -6.38 15.69
C VAL D 329 2.43 -6.26 17.03
N ALA D 330 1.23 -6.84 17.10
CA ALA D 330 0.38 -6.80 18.29
C ALA D 330 1.02 -7.42 19.53
N ARG D 331 1.93 -8.37 19.30
CA ARG D 331 2.61 -9.05 20.40
C ARG D 331 3.27 -8.08 21.40
N SER D 332 3.68 -6.90 20.91
CA SER D 332 4.33 -5.90 21.75
C SER D 332 3.36 -5.00 22.51
N VAL D 333 2.09 -5.04 22.16
CA VAL D 333 1.12 -4.17 22.81
C VAL D 333 0.82 -4.64 24.24
N THR D 334 1.69 -4.26 25.16
CA THR D 334 1.57 -4.62 26.57
C THR D 334 1.61 -3.36 27.41
N GLY D 335 0.56 -3.10 28.16
CA GLY D 335 0.53 -1.91 28.97
C GLY D 335 -0.87 -1.55 29.41
N VAL D 336 -1.06 -0.31 29.83
CA VAL D 336 -2.35 0.14 30.29
C VAL D 336 -2.77 1.50 29.74
N ALA D 337 -4.05 1.59 29.39
CA ALA D 337 -4.63 2.82 28.88
C ALA D 337 -5.62 3.36 29.91
N ARG D 338 -5.67 4.67 30.06
CA ARG D 338 -6.59 5.31 30.97
C ARG D 338 -7.43 6.23 30.11
N LEU D 339 -8.74 6.06 30.15
CA LEU D 339 -9.63 6.87 29.33
C LEU D 339 -10.73 7.52 30.15
N LYS D 340 -11.17 8.69 29.70
CA LYS D 340 -12.25 9.40 30.38
C LYS D 340 -13.50 9.40 29.50
N LEU D 341 -14.57 8.82 30.02
CA LEU D 341 -15.85 8.73 29.31
C LEU D 341 -16.81 9.84 29.76
N TYR D 342 -17.27 10.64 28.82
CA TYR D 342 -18.17 11.73 29.14
C TYR D 342 -19.16 12.08 28.02
N LYS D 343 -20.44 11.76 28.26
CA LYS D 343 -21.53 12.05 27.33
C LYS D 343 -21.25 11.74 25.86
N GLY D 344 -21.23 10.45 25.53
CA GLY D 344 -21.01 10.02 24.17
C GLY D 344 -19.57 10.02 23.71
N ASN D 345 -18.70 10.64 24.47
CA ASN D 345 -17.29 10.71 24.07
C ASN D 345 -16.34 9.86 24.92
N VAL D 346 -15.22 9.50 24.31
CA VAL D 346 -14.18 8.71 24.96
C VAL D 346 -12.87 9.47 24.76
N TYR D 347 -12.27 9.93 25.85
CA TYR D 347 -11.02 10.67 25.77
C TYR D 347 -9.88 9.91 26.41
N VAL D 348 -8.80 9.74 25.67
CA VAL D 348 -7.61 9.08 26.18
C VAL D 348 -6.97 10.14 27.07
N VAL D 349 -6.72 9.82 28.34
CA VAL D 349 -6.10 10.80 29.24
C VAL D 349 -4.76 10.34 29.77
N GLY D 350 -4.40 9.09 29.49
CA GLY D 350 -3.12 8.58 29.94
C GLY D 350 -2.83 7.16 29.49
N ARG D 351 -1.55 6.79 29.51
CA ARG D 351 -1.12 5.46 29.12
C ARG D 351 0.29 5.18 29.66
N LYS D 352 0.54 3.92 29.98
CA LYS D 352 1.84 3.51 30.47
C LYS D 352 2.11 2.07 30.02
N ALA D 353 3.38 1.68 30.03
CA ALA D 353 3.75 0.34 29.59
C ALA D 353 5.11 -0.10 30.11
N PRO D 354 5.23 -1.38 30.47
CA PRO D 354 6.47 -1.98 30.98
C PRO D 354 7.66 -1.69 30.09
N LYS D 355 7.47 -1.85 28.79
CA LYS D 355 8.55 -1.61 27.85
C LYS D 355 8.27 -0.42 26.94
N SER D 356 7.84 0.69 27.52
CA SER D 356 7.58 1.90 26.77
C SER D 356 8.86 2.41 26.14
N LEU D 357 8.75 2.94 24.93
CA LEU D 357 9.90 3.46 24.19
C LEU D 357 10.00 4.96 24.43
N TYR D 358 9.14 5.45 25.31
CA TYR D 358 9.10 6.87 25.64
C TYR D 358 10.05 7.25 26.77
N ARG D 359 10.97 8.16 26.49
CA ARG D 359 11.89 8.67 27.51
C ARG D 359 11.68 10.20 27.50
N GLN D 360 11.20 10.73 28.62
CA GLN D 360 10.97 12.17 28.77
C GLN D 360 12.31 12.94 28.75
N ASP D 361 13.35 12.32 28.18
CA ASP D 361 14.68 12.95 28.13
C ASP D 361 15.15 13.38 26.72
N LEU D 362 14.70 12.69 25.68
CA LEU D 362 15.07 13.07 24.32
C LEU D 362 14.23 14.30 24.02
N VAL D 363 13.35 14.60 24.99
CA VAL D 363 12.44 15.74 24.92
C VAL D 363 12.83 16.81 25.94
N SER D 364 13.13 16.41 27.19
CA SER D 364 13.52 17.38 28.24
C SER D 364 14.75 18.18 27.85
N GLY D 370 20.54 10.38 22.75
CA GLY D 370 21.57 9.78 21.85
C GLY D 370 21.88 10.59 20.61
N TYR D 371 21.84 11.91 20.70
CA TYR D 371 22.14 12.77 19.55
C TYR D 371 22.10 14.23 19.99
N ASP D 372 22.77 15.09 19.22
CA ASP D 372 22.84 16.50 19.55
C ASP D 372 22.41 17.43 18.41
N GLN D 373 22.60 18.73 18.63
CA GLN D 373 22.22 19.77 17.68
C GLN D 373 22.89 19.56 16.33
N LYS D 374 24.20 19.34 16.35
CA LYS D 374 24.98 19.12 15.14
C LYS D 374 24.39 17.95 14.34
N ASP D 375 24.04 16.86 15.03
CA ASP D 375 23.48 15.69 14.35
C ASP D 375 22.28 16.03 13.47
N ALA D 376 21.34 16.79 14.01
CA ALA D 376 20.14 17.19 13.28
C ALA D 376 20.47 17.96 12.02
N GLU D 377 21.50 18.80 12.10
CA GLU D 377 21.91 19.59 10.96
C GLU D 377 22.25 18.64 9.81
N GLY D 378 23.06 17.62 10.12
CA GLY D 378 23.48 16.65 9.13
C GLY D 378 22.32 15.87 8.54
N PHE D 379 21.38 15.49 9.39
CA PHE D 379 20.20 14.75 8.96
C PHE D 379 19.44 15.60 7.96
N ILE D 380 19.32 16.88 8.27
CA ILE D 380 18.62 17.81 7.39
C ILE D 380 19.29 17.96 6.03
N LYS D 381 20.60 18.11 6.01
CA LYS D 381 21.33 18.25 4.75
C LYS D 381 21.15 17.04 3.85
N ILE D 382 21.30 15.85 4.41
CA ILE D 382 21.16 14.60 3.65
C ILE D 382 19.74 14.45 3.10
N GLN D 383 18.75 14.78 3.92
CA GLN D 383 17.34 14.68 3.54
C GLN D 383 16.98 15.71 2.48
N ALA D 384 17.65 16.83 2.49
CA ALA D 384 17.36 17.90 1.55
C ALA D 384 18.05 17.81 0.19
N LEU D 385 19.11 17.02 0.12
CA LEU D 385 19.87 16.89 -1.11
C LEU D 385 19.05 16.70 -2.39
N ARG D 386 18.19 15.67 -2.45
CA ARG D 386 17.41 15.43 -3.66
C ARG D 386 16.45 16.57 -4.00
N LEU D 387 16.05 17.35 -3.00
CA LEU D 387 15.14 18.44 -3.27
C LEU D 387 15.91 19.62 -3.88
N ARG D 388 17.12 19.85 -3.39
CA ARG D 388 17.96 20.93 -3.91
C ARG D 388 18.40 20.63 -5.34
N VAL D 389 18.73 19.37 -5.59
CA VAL D 389 19.15 18.98 -6.93
C VAL D 389 17.97 19.17 -7.88
N ARG D 390 16.77 18.86 -7.38
CA ARG D 390 15.56 18.99 -8.18
C ARG D 390 15.42 20.46 -8.58
N ALA D 391 15.43 21.34 -7.57
CA ALA D 391 15.30 22.78 -7.82
C ALA D 391 16.38 23.25 -8.77
N LEU D 392 17.61 22.81 -8.55
CA LEU D 392 18.71 23.21 -9.40
C LEU D 392 18.48 22.79 -10.85
N VAL D 393 18.06 21.55 -11.05
CA VAL D 393 17.82 21.07 -12.39
C VAL D 393 16.62 21.77 -13.02
N GLU D 394 15.64 22.15 -12.20
CA GLU D 394 14.49 22.87 -12.74
C GLU D 394 15.14 24.17 -13.22
N ARG D 395 16.41 24.31 -12.84
CA ARG D 395 17.26 25.42 -13.23
C ARG D 395 16.54 26.74 -13.16
PG ATP E . -13.98 -16.60 -33.62
O1G ATP E . -15.13 -17.26 -32.93
O2G ATP E . -13.30 -17.38 -34.70
O3G ATP E . -14.38 -15.27 -34.11
PB ATP E . -12.40 -17.12 -31.26
O1B ATP E . -10.97 -17.41 -31.14
O2B ATP E . -13.39 -17.84 -30.43
O3B ATP E . -12.85 -16.32 -32.56
PA ATP E . -11.21 -14.95 -29.55
O1A ATP E . -10.40 -15.41 -28.41
O2A ATP E . -10.81 -13.81 -30.42
O3A ATP E . -12.39 -15.83 -30.15
O5' ATP E . -12.20 -14.16 -28.85
C5' ATP E . -13.26 -13.54 -28.75
C4' ATP E . -14.09 -12.51 -28.19
O4' ATP E . -13.52 -11.25 -28.59
C3' ATP E . -15.29 -12.83 -28.94
O3' ATP E . -15.51 -13.61 -29.70
C2' ATP E . -15.19 -11.94 -30.20
O2' ATP E . -16.50 -11.48 -30.50
C1' ATP E . -14.21 -10.78 -29.81
N9 ATP E . -13.14 -10.36 -30.75
C8 ATP E . -11.81 -10.83 -30.91
N7 ATP E . -11.13 -10.22 -31.84
C5 ATP E . -12.04 -9.30 -32.33
C6 ATP E . -11.96 -8.29 -33.36
N6 ATP E . -10.85 -8.10 -34.05
N1 ATP E . -13.07 -7.50 -33.62
C2 ATP E . -14.21 -7.67 -32.92
N3 ATP E . -14.42 -8.59 -31.93
C4 ATP E . -13.26 -9.38 -31.69
PG ATP F . 40.10 -1.83 1.79
O1G ATP F . 39.36 -1.20 2.93
O2G ATP F . 40.78 -0.86 0.87
O3G ATP F . 41.05 -2.87 2.25
PB ATP F . 38.06 -1.79 -0.20
O1B ATP F . 37.56 -2.63 -1.29
O2B ATP F . 38.04 -0.30 -0.29
O3B ATP F . 39.05 -2.48 0.81
PA ATP F . 35.02 -2.22 0.23
O1A ATP F . 34.11 -1.42 -0.58
O2A ATP F . 34.75 -3.65 0.54
O3A ATP F . 36.53 -1.76 0.59
O5' ATP F . 34.66 -1.78 1.56
C5' ATP F . 34.83 -1.80 2.78
C4' ATP F . 34.56 -1.72 4.20
O4' ATP F . 33.70 -2.85 4.44
C3' ATP F . 35.96 -2.04 4.45
O3' ATP F . 36.86 -0.98 4.59
C2' ATP F . 35.82 -3.01 5.61
O2' ATP F . 35.85 -2.28 6.81
C1' ATP F . 34.43 -3.74 5.36
N9 ATP F . 34.53 -5.07 4.70
C8 ATP F . 34.28 -5.45 3.37
N7 ATP F . 34.47 -6.72 3.13
C5 ATP F . 34.86 -7.20 4.37
C6 ATP F . 35.22 -8.53 4.83
N6 ATP F . 35.21 -9.57 4.03
N1 ATP F . 35.58 -8.70 6.16
C2 ATP F . 35.59 -7.64 7.00
N3 ATP F . 35.27 -6.36 6.69
C4 ATP F . 34.92 -6.22 5.32
PG ATP G . 9.22 32.41 20.26
O1G ATP G . 10.47 31.99 19.55
O2G ATP G . 9.40 33.09 21.59
O3G ATP G . 8.38 33.23 19.36
PB ATP G . 8.82 29.65 20.82
O1B ATP G . 7.89 28.74 21.49
O2B ATP G . 10.28 29.32 20.72
O3B ATP G . 8.37 31.14 20.61
PA ATP G . 7.38 28.28 18.51
O1A ATP G . 7.09 26.85 18.66
O2A ATP G . 6.40 29.22 17.86
O3A ATP G . 8.57 29.00 19.27
O5' ATP G . 8.27 28.28 17.35
C5' ATP G . 9.00 28.89 16.54
C4' ATP G . 9.80 29.12 15.37
O4' ATP G . 8.83 29.11 14.30
C3' ATP G . 10.08 30.47 15.83
O3' ATP G . 11.25 30.66 16.55
C2' ATP G . 9.91 31.27 14.54
O2' ATP G . 11.17 31.37 13.91
C1' ATP G . 8.87 30.46 13.69
N9 ATP G . 7.50 31.03 13.73
C8 ATP G . 6.35 30.60 14.42
N7 ATP G . 5.30 31.34 14.22
C5 ATP G . 5.78 32.32 13.36
C6 ATP G . 5.15 33.45 12.73
N6 ATP G . 3.89 33.74 12.93
N1 ATP G . 5.92 34.25 11.90
C2 ATP G . 7.22 33.98 11.68
N3 ATP G . 7.91 32.94 12.21
C4 ATP G . 7.10 32.14 13.05
PG ATP H . -35.10 -13.40 11.51
O1G ATP H . -34.38 -14.22 10.49
O2G ATP H . -36.54 -13.12 11.26
O3G ATP H . -34.93 -13.97 12.87
PB ATP H . -34.07 -10.93 10.36
O1B ATP H . -33.76 -9.54 10.76
O2B ATP H . -34.40 -11.27 8.97
O3B ATP H . -34.44 -11.95 11.54
PA ATP H . -31.00 -10.84 10.63
O1A ATP H . -30.34 -9.67 10.05
O2A ATP H . -30.56 -11.43 11.94
O3A ATP H . -32.43 -11.37 10.11
O5' ATP H . -30.37 -11.94 9.90
C5' ATP H . -30.23 -13.16 9.64
C4' ATP H . -29.63 -14.38 9.11
O4' ATP H . -28.43 -14.54 9.90
C3' ATP H . -30.73 -15.15 9.63
O3' ATP H . -31.82 -15.40 8.77
C2' ATP H . -30.00 -16.37 10.24
O2' ATP H . -29.95 -17.41 9.30
C1' ATP H . -28.57 -15.82 10.65
N9 ATP H . -28.45 -15.53 12.11
C8 ATP H . -28.48 -14.30 12.79
N7 ATP H . -28.35 -14.40 14.09
C5 ATP H . -28.22 -15.77 14.27
C6 ATP H . -28.04 -16.61 15.45
N6 ATP H . -27.97 -16.09 16.66
N1 ATP H . -27.95 -17.98 15.30
C2 ATP H . -28.02 -18.53 14.06
N3 ATP H . -28.20 -17.87 12.89
C4 ATP H . -28.28 -16.47 13.08
#